data_6XU3
#
_entry.id   6XU3
#
_cell.length_a   75.374
_cell.length_b   82.118
_cell.length_c   222.435
_cell.angle_alpha   90.000
_cell.angle_beta   90.000
_cell.angle_gamma   90.000
#
_symmetry.space_group_name_H-M   'P 21 21 21'
#
loop_
_entity.id
_entity.type
_entity.pdbx_description
1 polymer 'Class IV aminotransferase'
2 non-polymer "PYRIDOXAL-5'-PHOSPHATE"
3 non-polymer 'CHLORIDE ION'
4 non-polymer GLYCEROL
5 non-polymer 'NITRATE ION'
6 non-polymer DI(HYDROXYETHYL)ETHER
7 non-polymer N-GLYCINE-[3-HYDROXY-2-METHYL-5-PHOSPHONOOXYMETHYL-PYRIDIN-4-YL-METHANE]
8 non-polymer '3-AMINOBENZOIC ACID'
9 water water
#
_entity_poly.entity_id   1
_entity_poly.type   'polypeptide(L)'
_entity_poly.pdbx_seq_one_letter_code
;GAMGMSYTDHIFDDYRLRVKALEASDNPFAKGIAYIAGEYVPLHEARIPILDQGFLHSDLTYDVPAVWNGRFFRLEDHLD
RFEKSCAQLRLKSPLSREEIRDRLVEMTVKSGIRDAYVMMIVTRGLRFVRQYAPEECDNFCYLMVMPYLWVMDEATQKNG
GSAVITRTVRRVPPGAIDPTVKNLQWGDFTRGLMEARDRGAMYPILTDGDANLTEGSGFNVILIKDGKLYTPRKGVLEGV
TRKSVLAVAEKLGYPYTIDDVPVELAYQCDEILFVTTAGGVMPITTLDGQPVGDGQVGPISKALWKGYWDAHADPELSFA
VEDYRAGG
;
_entity_poly.pdbx_strand_id   A,B,C,D
#
loop_
_chem_comp.id
_chem_comp.type
_chem_comp.name
_chem_comp.formula
CL non-polymer 'CHLORIDE ION' 'Cl -1'
GAB non-polymer '3-AMINOBENZOIC ACID' 'C7 H7 N O2'
GOL non-polymer GLYCEROL 'C3 H8 O3'
NO3 non-polymer 'NITRATE ION' 'N O3 -1'
PEG non-polymer DI(HYDROXYETHYL)ETHER 'C4 H10 O3'
PLG non-polymer N-GLYCINE-[3-HYDROXY-2-METHYL-5-PHOSPHONOOXYMETHYL-PYRIDIN-4-YL-METHANE] 'C10 H15 N2 O7 P'
PLP non-polymer PYRIDOXAL-5'-PHOSPHATE 'C8 H10 N O6 P'
#
# COMPACT_ATOMS: atom_id res chain seq x y z
N TYR A 7 15.46 -27.99 28.41
CA TYR A 7 16.17 -28.23 27.17
C TYR A 7 17.26 -27.17 26.94
N THR A 8 17.18 -25.98 27.56
CA THR A 8 18.19 -24.88 27.45
C THR A 8 19.56 -25.27 28.05
N ASP A 9 19.60 -26.11 29.09
CA ASP A 9 20.88 -26.51 29.76
C ASP A 9 21.88 -27.07 28.73
N HIS A 10 21.35 -27.71 27.67
CA HIS A 10 22.13 -28.31 26.55
C HIS A 10 23.26 -27.37 26.09
N ILE A 11 23.07 -26.05 26.11
CA ILE A 11 24.10 -25.08 25.62
C ILE A 11 24.41 -24.05 26.71
N PHE A 12 23.44 -23.70 27.56
CA PHE A 12 23.55 -22.46 28.38
C PHE A 12 24.46 -22.71 29.59
N ASP A 13 24.50 -23.94 30.12
CA ASP A 13 25.43 -24.29 31.23
C ASP A 13 26.85 -23.91 30.78
N ASP A 14 27.29 -24.44 29.64
CA ASP A 14 28.66 -24.21 29.13
C ASP A 14 28.84 -22.73 28.82
N TYR A 15 27.81 -22.07 28.28
CA TYR A 15 27.89 -20.65 27.88
C TYR A 15 28.12 -19.77 29.11
N ARG A 16 27.38 -20.02 30.19
CA ARG A 16 27.49 -19.24 31.46
C ARG A 16 28.93 -19.34 32.02
N LEU A 17 29.56 -20.51 31.93
CA LEU A 17 30.99 -20.72 32.35
C LEU A 17 31.90 -19.80 31.51
N ARG A 18 31.70 -19.75 30.18
CA ARG A 18 32.55 -18.93 29.29
C ARG A 18 32.36 -17.43 29.61
N VAL A 19 31.14 -16.99 29.92
CA VAL A 19 30.85 -15.57 30.25
C VAL A 19 31.56 -15.19 31.57
N LYS A 20 31.51 -16.08 32.56
CA LYS A 20 32.19 -15.87 33.87
C LYS A 20 33.67 -15.58 33.59
N ALA A 21 34.32 -16.42 32.77
CA ALA A 21 35.74 -16.27 32.39
C ALA A 21 35.95 -14.92 31.69
N LEU A 22 35.09 -14.53 30.75
CA LEU A 22 35.24 -13.25 30.02
C LEU A 22 35.09 -12.05 30.98
N GLU A 23 34.19 -12.13 31.96
CA GLU A 23 33.96 -11.00 32.91
C GLU A 23 35.12 -10.87 33.88
N ALA A 24 35.87 -11.96 34.08
CA ALA A 24 37.06 -12.02 34.97
C ALA A 24 38.31 -11.52 34.21
N SER A 25 38.27 -11.45 32.88
CA SER A 25 39.41 -11.07 32.00
C SER A 25 39.82 -9.61 32.24
N ASP A 26 41.14 -9.34 32.21
CA ASP A 26 41.70 -7.96 32.34
C ASP A 26 42.04 -7.43 30.93
N ASN A 27 41.85 -8.26 29.90
CA ASN A 27 41.96 -7.85 28.47
C ASN A 27 41.14 -6.58 28.24
N PRO A 28 41.76 -5.46 27.77
CA PRO A 28 41.01 -4.22 27.56
C PRO A 28 39.98 -4.29 26.41
N PHE A 29 39.98 -5.40 25.63
CA PHE A 29 39.07 -5.66 24.49
C PHE A 29 38.00 -6.70 24.87
N ALA A 30 37.98 -7.17 26.11
CA ALA A 30 37.03 -8.22 26.56
C ALA A 30 35.59 -7.68 26.52
N LYS A 31 35.40 -6.36 26.63
CA LYS A 31 34.05 -5.74 26.56
C LYS A 31 33.71 -5.43 25.11
N GLY A 32 34.64 -5.68 24.19
CA GLY A 32 34.38 -5.54 22.73
C GLY A 32 35.48 -4.74 22.05
N ILE A 33 35.63 -4.92 20.74
CA ILE A 33 36.71 -4.27 19.94
C ILE A 33 36.10 -3.80 18.62
N ALA A 34 36.51 -2.62 18.19
CA ALA A 34 36.06 -1.99 16.94
C ALA A 34 37.27 -1.76 16.05
N TYR A 35 37.13 -2.01 14.74
CA TYR A 35 38.09 -1.55 13.71
C TYR A 35 37.57 -0.24 13.12
N ILE A 36 38.31 0.85 13.34
CA ILE A 36 37.93 2.20 12.84
C ILE A 36 39.15 2.88 12.19
N ALA A 37 39.12 3.10 10.87
CA ALA A 37 40.20 3.81 10.14
C ALA A 37 41.56 3.16 10.47
N GLY A 38 41.67 1.83 10.30
CA GLY A 38 42.94 1.08 10.42
C GLY A 38 43.38 0.88 11.88
N GLU A 39 42.60 1.33 12.86
CA GLU A 39 42.94 1.23 14.31
C GLU A 39 41.95 0.31 15.01
N TYR A 40 42.42 -0.55 15.90
CA TYR A 40 41.58 -1.33 16.85
C TYR A 40 41.40 -0.51 18.12
N VAL A 41 40.15 -0.33 18.56
CA VAL A 41 39.81 0.52 19.73
C VAL A 41 38.82 -0.26 20.59
N PRO A 42 38.92 -0.17 21.94
CA PRO A 42 37.91 -0.74 22.82
C PRO A 42 36.53 -0.20 22.46
N LEU A 43 35.56 -1.11 22.40
CA LEU A 43 34.21 -0.83 21.84
C LEU A 43 33.63 0.42 22.47
N HIS A 44 33.73 0.58 23.79
CA HIS A 44 33.02 1.66 24.52
C HIS A 44 33.77 3.00 24.35
N GLU A 45 34.96 3.00 23.75
CA GLU A 45 35.70 4.26 23.41
C GLU A 45 35.56 4.56 21.91
N ALA A 46 35.05 3.63 21.11
CA ALA A 46 34.99 3.73 19.63
C ALA A 46 34.07 4.88 19.20
N ARG A 47 34.54 5.76 18.31
CA ARG A 47 33.77 6.93 17.85
C ARG A 47 33.87 6.99 16.33
N ILE A 48 32.88 7.56 15.66
CA ILE A 48 32.83 7.79 14.19
C ILE A 48 32.57 9.28 13.97
N PRO A 49 32.97 9.83 12.81
CA PRO A 49 32.73 11.25 12.53
C PRO A 49 31.22 11.49 12.40
N ILE A 50 30.75 12.57 13.00
CA ILE A 50 29.30 12.94 12.96
C ILE A 50 28.92 13.24 11.51
N LEU A 51 29.87 13.55 10.63
CA LEU A 51 29.58 13.86 9.20
C LEU A 51 29.46 12.57 8.35
N ASP A 52 29.73 11.42 8.94
CA ASP A 52 29.49 10.11 8.26
C ASP A 52 28.02 10.07 7.82
N GLN A 53 27.79 9.82 6.54
CA GLN A 53 26.43 9.78 5.96
C GLN A 53 25.71 8.53 6.48
N GLY A 54 26.46 7.54 6.98
CA GLY A 54 25.90 6.43 7.77
C GLY A 54 25.07 6.96 8.92
N PHE A 55 25.39 8.15 9.42
CA PHE A 55 24.63 8.81 10.51
C PHE A 55 23.67 9.84 9.92
N LEU A 56 24.16 10.75 9.08
CA LEU A 56 23.37 11.93 8.62
C LEU A 56 22.21 11.54 7.67
N HIS A 57 22.24 10.35 7.08
CA HIS A 57 21.13 9.84 6.21
C HIS A 57 20.97 8.31 6.32
N SER A 58 21.42 7.71 7.42
CA SER A 58 21.41 6.23 7.62
C SER A 58 21.74 5.54 6.29
N ASP A 59 22.76 6.04 5.61
CA ASP A 59 23.15 5.58 4.26
C ASP A 59 24.18 4.46 4.41
N LEU A 60 23.70 3.26 4.70
CA LEU A 60 24.61 2.15 5.01
C LEU A 60 23.90 0.82 4.83
N THR A 61 24.70 -0.24 4.81
CA THR A 61 24.18 -1.61 5.02
C THR A 61 25.11 -2.29 6.00
N TYR A 62 24.67 -3.42 6.54
CA TYR A 62 25.45 -4.13 7.58
C TYR A 62 25.08 -5.60 7.52
N ASP A 63 25.86 -6.41 8.23
CA ASP A 63 25.50 -7.82 8.48
C ASP A 63 26.09 -8.26 9.82
N VAL A 64 25.51 -9.30 10.40
CA VAL A 64 25.83 -9.73 11.78
C VAL A 64 25.94 -11.25 11.81
N PRO A 65 27.16 -11.80 11.70
CA PRO A 65 27.39 -13.19 12.03
C PRO A 65 27.66 -13.30 13.54
N ALA A 66 27.72 -14.53 14.04
CA ALA A 66 28.02 -14.81 15.46
C ALA A 66 29.18 -15.78 15.59
N VAL A 67 29.88 -15.67 16.72
CA VAL A 67 30.86 -16.68 17.19
C VAL A 67 30.23 -17.38 18.38
N TRP A 68 30.26 -18.71 18.37
CA TRP A 68 29.75 -19.53 19.49
C TRP A 68 30.80 -20.55 19.89
N ASN A 69 31.18 -20.53 21.18
CA ASN A 69 32.20 -21.44 21.75
C ASN A 69 33.46 -21.37 20.88
N GLY A 70 33.84 -20.18 20.40
CA GLY A 70 35.04 -19.94 19.56
C GLY A 70 34.89 -20.40 18.11
N ARG A 71 33.68 -20.71 17.66
CA ARG A 71 33.43 -21.13 16.25
C ARG A 71 32.53 -20.09 15.59
N PHE A 72 33.00 -19.46 14.51
CA PHE A 72 32.13 -18.68 13.60
C PHE A 72 31.09 -19.63 13.02
N PHE A 73 29.85 -19.17 12.90
CA PHE A 73 28.74 -19.95 12.31
C PHE A 73 28.29 -19.27 11.01
N ARG A 74 28.45 -19.99 9.90
CA ARG A 74 27.92 -19.61 8.55
C ARG A 74 28.46 -18.23 8.18
N LEU A 75 29.71 -17.92 8.49
CA LEU A 75 30.27 -16.58 8.19
C LEU A 75 30.24 -16.34 6.68
N GLU A 76 30.45 -17.36 5.85
CA GLU A 76 30.48 -17.20 4.37
C GLU A 76 29.10 -16.77 3.88
N ASP A 77 28.02 -17.28 4.48
CA ASP A 77 26.63 -16.88 4.13
C ASP A 77 26.43 -15.40 4.45
N HIS A 78 26.91 -14.94 5.60
CA HIS A 78 26.76 -13.52 6.02
C HIS A 78 27.57 -12.63 5.09
N LEU A 79 28.78 -13.04 4.75
CA LEU A 79 29.65 -12.28 3.82
C LEU A 79 28.96 -12.23 2.45
N ASP A 80 28.40 -13.34 1.98
CA ASP A 80 27.65 -13.39 0.69
C ASP A 80 26.54 -12.33 0.72
N ARG A 81 25.71 -12.35 1.76
CA ARG A 81 24.54 -11.44 1.84
C ARG A 81 25.04 -9.99 1.95
N PHE A 82 26.13 -9.78 2.69
CA PHE A 82 26.66 -8.41 2.90
C PHE A 82 27.12 -7.83 1.55
N GLU A 83 27.83 -8.64 0.75
CA GLU A 83 28.36 -8.16 -0.56
C GLU A 83 27.17 -7.85 -1.46
N LYS A 84 26.13 -8.67 -1.40
CA LYS A 84 24.91 -8.47 -2.20
C LYS A 84 24.26 -7.16 -1.77
N SER A 85 24.14 -6.92 -0.46
CA SER A 85 23.52 -5.71 0.12
C SER A 85 24.31 -4.47 -0.33
N CYS A 86 25.62 -4.54 -0.23
CA CYS A 86 26.51 -3.44 -0.67
C CYS A 86 26.22 -3.10 -2.15
N ALA A 87 26.12 -4.12 -3.02
CA ALA A 87 25.91 -3.91 -4.47
C ALA A 87 24.57 -3.21 -4.68
N GLN A 88 23.52 -3.67 -3.98
CA GLN A 88 22.17 -3.10 -4.18
C GLN A 88 22.16 -1.62 -3.86
N LEU A 89 22.95 -1.17 -2.89
CA LEU A 89 22.98 0.26 -2.50
C LEU A 89 24.14 0.99 -3.21
N ARG A 90 24.82 0.33 -4.16
CA ARG A 90 25.96 0.95 -4.88
C ARG A 90 27.04 1.40 -3.88
N LEU A 91 27.28 0.54 -2.88
CA LEU A 91 28.38 0.71 -1.91
C LEU A 91 29.48 -0.28 -2.32
N LYS A 92 30.72 0.15 -2.19
CA LYS A 92 31.89 -0.73 -2.38
C LYS A 92 32.74 -0.63 -1.11
N SER A 93 32.86 -1.73 -0.37
CA SER A 93 33.66 -1.80 0.86
C SER A 93 35.11 -1.45 0.52
N PRO A 94 35.76 -0.52 1.27
CA PRO A 94 37.19 -0.30 1.13
C PRO A 94 37.99 -1.54 1.53
N LEU A 95 37.40 -2.47 2.27
CA LEU A 95 38.05 -3.74 2.67
C LEU A 95 37.44 -4.88 1.85
N SER A 96 38.30 -5.67 1.23
CA SER A 96 37.99 -6.94 0.54
C SER A 96 37.13 -7.85 1.42
N ARG A 97 36.35 -8.72 0.83
CA ARG A 97 35.62 -9.79 1.56
C ARG A 97 36.63 -10.55 2.44
N GLU A 98 37.75 -10.94 1.86
CA GLU A 98 38.81 -11.74 2.51
C GLU A 98 39.47 -10.88 3.60
N GLU A 99 39.62 -9.58 3.41
CA GLU A 99 40.18 -8.65 4.43
C GLU A 99 39.23 -8.62 5.65
N ILE A 100 37.92 -8.48 5.39
CA ILE A 100 36.89 -8.42 6.46
C ILE A 100 36.97 -9.71 7.28
N ARG A 101 37.01 -10.86 6.60
CA ARG A 101 37.07 -12.16 7.29
C ARG A 101 38.33 -12.20 8.18
N ASP A 102 39.50 -11.90 7.62
CA ASP A 102 40.80 -11.93 8.35
C ASP A 102 40.69 -11.05 9.59
N ARG A 103 40.23 -9.82 9.43
CA ARG A 103 40.18 -8.85 10.54
C ARG A 103 39.13 -9.29 11.58
N LEU A 104 37.97 -9.81 11.16
CA LEU A 104 36.94 -10.22 12.14
C LEU A 104 37.50 -11.34 13.01
N VAL A 105 38.24 -12.29 12.41
CA VAL A 105 38.83 -13.42 13.18
C VAL A 105 39.91 -12.86 14.11
N GLU A 106 40.80 -12.03 13.57
CA GLU A 106 41.87 -11.41 14.39
C GLU A 106 41.24 -10.71 15.61
N MET A 107 40.21 -9.90 15.41
CA MET A 107 39.59 -9.11 16.51
C MET A 107 38.98 -10.05 17.55
N THR A 108 38.41 -11.16 17.12
CA THR A 108 37.82 -12.19 18.03
C THR A 108 38.93 -12.77 18.91
N VAL A 109 40.02 -13.25 18.30
CA VAL A 109 41.19 -13.83 19.02
C VAL A 109 41.75 -12.77 19.98
N LYS A 110 41.94 -11.55 19.48
CA LYS A 110 42.55 -10.44 20.25
C LYS A 110 41.68 -10.07 21.45
N SER A 111 40.36 -10.25 21.35
CA SER A 111 39.37 -9.88 22.41
C SER A 111 39.28 -10.99 23.44
N GLY A 112 39.53 -12.24 23.04
CA GLY A 112 39.31 -13.46 23.83
C GLY A 112 37.84 -13.81 23.96
N ILE A 113 36.94 -13.04 23.32
CA ILE A 113 35.47 -13.31 23.36
C ILE A 113 35.24 -14.62 22.61
N ARG A 114 34.58 -15.60 23.27
CA ARG A 114 34.32 -16.94 22.68
C ARG A 114 32.88 -17.02 22.16
N ASP A 115 32.00 -16.13 22.65
CA ASP A 115 30.58 -16.05 22.24
C ASP A 115 30.33 -14.60 21.87
N ALA A 116 30.25 -14.30 20.59
CA ALA A 116 30.34 -12.91 20.09
C ALA A 116 29.15 -12.58 19.18
N TYR A 117 28.74 -11.34 19.28
CA TYR A 117 27.86 -10.63 18.32
C TYR A 117 28.79 -9.78 17.46
N VAL A 118 28.83 -10.09 16.17
CA VAL A 118 29.80 -9.46 15.23
C VAL A 118 29.03 -8.56 14.27
N MET A 119 29.61 -7.40 13.94
CA MET A 119 29.00 -6.42 13.01
C MET A 119 30.03 -6.03 11.94
N MET A 120 29.60 -6.06 10.69
CA MET A 120 30.32 -5.43 9.55
C MET A 120 29.39 -4.36 8.98
N ILE A 121 29.87 -3.13 8.88
CA ILE A 121 29.07 -1.96 8.43
C ILE A 121 29.83 -1.29 7.29
N VAL A 122 29.13 -0.93 6.23
CA VAL A 122 29.67 -0.04 5.17
C VAL A 122 28.73 1.15 5.03
N THR A 123 29.29 2.36 5.14
CA THR A 123 28.50 3.60 4.98
C THR A 123 28.97 4.33 3.72
N ARG A 124 28.18 5.28 3.28
CA ARG A 124 28.46 6.07 2.06
C ARG A 124 29.78 6.83 2.25
N GLY A 125 30.12 7.21 3.49
CA GLY A 125 31.31 8.03 3.78
C GLY A 125 30.91 9.47 4.07
N LEU A 126 31.77 10.43 3.73
CA LEU A 126 31.53 11.87 4.00
C LEU A 126 30.70 12.52 2.88
N ARG A 127 30.63 11.89 1.70
CA ARG A 127 29.91 12.44 0.53
C ARG A 127 28.53 11.80 0.43
N PHE A 128 27.53 12.59 0.03
CA PHE A 128 26.15 12.10 -0.23
C PHE A 128 25.85 12.07 -1.73
N VAL A 129 24.82 11.33 -2.12
CA VAL A 129 24.57 10.91 -3.53
C VAL A 129 23.70 11.95 -4.26
N ARG A 130 23.33 13.06 -3.62
CA ARG A 130 22.72 14.21 -4.34
C ARG A 130 23.81 14.96 -5.10
N GLN A 131 24.88 15.35 -4.39
CA GLN A 131 26.00 16.18 -4.92
C GLN A 131 26.94 15.33 -5.79
N TYR A 132 27.09 14.04 -5.48
CA TYR A 132 28.09 13.12 -6.10
C TYR A 132 27.40 11.85 -6.58
N ALA A 133 27.89 11.28 -7.68
CA ALA A 133 27.52 9.93 -8.12
C ALA A 133 28.00 8.96 -7.04
N PRO A 134 27.31 7.83 -6.80
CA PRO A 134 27.78 6.81 -5.86
C PRO A 134 29.23 6.36 -6.11
N GLU A 135 29.67 6.37 -7.38
CA GLU A 135 31.01 5.92 -7.84
C GLU A 135 32.08 6.91 -7.37
N GLU A 136 31.71 8.17 -7.10
CA GLU A 136 32.64 9.27 -6.67
C GLU A 136 32.76 9.29 -5.13
N CYS A 137 31.94 8.49 -4.42
CA CYS A 137 31.93 8.41 -2.94
C CYS A 137 32.95 7.36 -2.49
N ASP A 138 33.80 7.71 -1.53
CA ASP A 138 34.77 6.80 -0.86
C ASP A 138 34.06 6.26 0.38
N ASN A 139 33.60 5.02 0.30
CA ASN A 139 32.73 4.41 1.34
C ASN A 139 33.62 4.00 2.52
N PHE A 140 33.05 4.00 3.73
CA PHE A 140 33.75 3.62 4.98
C PHE A 140 33.36 2.19 5.36
N CYS A 141 34.26 1.51 6.07
CA CYS A 141 33.96 0.19 6.68
C CYS A 141 34.26 0.24 8.17
N TYR A 142 33.30 -0.19 8.99
CA TYR A 142 33.48 -0.37 10.46
C TYR A 142 33.25 -1.84 10.76
N LEU A 143 34.11 -2.41 11.61
CA LEU A 143 33.91 -3.78 12.14
C LEU A 143 33.84 -3.69 13.66
N MET A 144 32.99 -4.52 14.27
CA MET A 144 32.87 -4.61 15.74
C MET A 144 32.72 -6.07 16.13
N VAL A 145 33.38 -6.44 17.22
CA VAL A 145 33.16 -7.74 17.90
C VAL A 145 32.82 -7.43 19.35
N MET A 146 31.68 -7.92 19.81
CA MET A 146 31.24 -7.69 21.21
C MET A 146 30.69 -8.99 21.78
N PRO A 147 30.52 -9.08 23.11
CA PRO A 147 29.90 -10.25 23.71
C PRO A 147 28.50 -10.49 23.14
N TYR A 148 28.20 -11.77 22.88
CA TYR A 148 26.94 -12.26 22.30
C TYR A 148 25.76 -11.60 23.01
N LEU A 149 24.78 -11.15 22.22
CA LEU A 149 23.56 -10.45 22.67
C LEU A 149 22.37 -11.37 22.43
N TRP A 150 21.36 -11.26 23.31
CA TRP A 150 20.17 -12.14 23.32
C TRP A 150 18.94 -11.27 23.13
N VAL A 151 18.25 -11.42 22.00
CA VAL A 151 16.93 -10.75 21.83
C VAL A 151 15.95 -11.43 22.79
N MET A 152 16.12 -12.73 22.99
CA MET A 152 15.41 -13.52 24.03
C MET A 152 16.46 -14.29 24.83
N ASP A 153 16.54 -14.06 26.14
CA ASP A 153 17.58 -14.69 27.02
C ASP A 153 17.15 -16.11 27.41
N GLU A 154 18.06 -16.84 28.05
CA GLU A 154 17.81 -18.21 28.55
C GLU A 154 16.49 -18.27 29.34
N ALA A 155 16.35 -17.40 30.34
CA ALA A 155 15.20 -17.41 31.27
C ALA A 155 13.89 -17.38 30.46
N THR A 156 13.81 -16.52 29.44
CA THR A 156 12.59 -16.31 28.65
C THR A 156 12.39 -17.50 27.69
N GLN A 157 13.46 -18.04 27.12
CA GLN A 157 13.38 -19.14 26.14
C GLN A 157 12.75 -20.36 26.80
N LYS A 158 12.96 -20.55 28.11
CA LYS A 158 12.49 -21.75 28.82
C LYS A 158 10.96 -21.81 28.77
N ASN A 159 10.28 -20.67 28.86
CA ASN A 159 8.80 -20.63 28.86
C ASN A 159 8.26 -19.98 27.57
N GLY A 160 9.13 -19.39 26.76
CA GLY A 160 8.69 -18.59 25.60
C GLY A 160 8.36 -17.15 25.96
N GLY A 161 8.41 -16.28 24.95
CA GLY A 161 8.14 -14.84 25.12
C GLY A 161 6.74 -14.49 24.67
N SER A 162 6.44 -13.20 24.70
CA SER A 162 5.12 -12.62 24.34
C SER A 162 5.31 -11.69 23.14
N ALA A 163 4.32 -11.67 22.25
CA ALA A 163 4.34 -10.81 21.04
C ALA A 163 2.95 -10.27 20.75
N VAL A 164 2.90 -9.24 19.92
CA VAL A 164 1.62 -8.78 19.33
C VAL A 164 1.82 -8.60 17.83
N ILE A 165 0.75 -8.82 17.07
CA ILE A 165 0.63 -8.36 15.67
C ILE A 165 0.33 -6.87 15.76
N THR A 166 1.23 -6.03 15.25
CA THR A 166 1.13 -4.57 15.45
C THR A 166 -0.12 -4.09 14.74
N ARG A 167 -0.83 -3.15 15.34
CA ARG A 167 -2.03 -2.55 14.75
C ARG A 167 -1.86 -1.03 14.63
N THR A 168 -0.80 -0.44 15.19
CA THR A 168 -0.55 1.02 15.09
C THR A 168 0.55 1.29 14.06
N VAL A 169 1.15 0.24 13.49
CA VAL A 169 2.29 0.39 12.56
C VAL A 169 2.36 -0.83 11.64
N ARG A 170 2.77 -0.65 10.38
CA ARG A 170 2.89 -1.70 9.34
C ARG A 170 4.33 -1.66 8.83
N ARG A 171 4.79 -2.74 8.22
CA ARG A 171 6.19 -2.89 7.70
C ARG A 171 6.42 -1.91 6.54
N VAL A 172 7.60 -1.29 6.49
CA VAL A 172 8.04 -0.48 5.31
C VAL A 172 7.99 -1.41 4.10
N PRO A 173 7.28 -1.00 3.02
CA PRO A 173 7.12 -1.87 1.86
C PRO A 173 8.41 -1.94 1.06
N PRO A 174 8.71 -3.06 0.38
CA PRO A 174 9.97 -3.20 -0.33
C PRO A 174 10.19 -2.16 -1.43
N GLY A 175 9.10 -1.61 -2.01
CA GLY A 175 9.18 -0.56 -3.03
C GLY A 175 9.56 0.79 -2.45
N ALA A 176 9.64 0.91 -1.12
CA ALA A 176 10.18 2.11 -0.45
C ALA A 176 11.61 1.84 0.00
N ILE A 177 11.81 0.76 0.75
CA ILE A 177 13.14 0.30 1.25
C ILE A 177 13.20 -1.21 1.12
N ASP A 178 14.21 -1.74 0.44
CA ASP A 178 14.30 -3.20 0.16
C ASP A 178 14.66 -3.92 1.45
N PRO A 179 13.76 -4.75 2.03
CA PRO A 179 14.06 -5.44 3.29
C PRO A 179 15.06 -6.58 3.14
N THR A 180 15.38 -7.00 1.92
CA THR A 180 16.40 -8.07 1.68
C THR A 180 17.79 -7.44 1.84
N VAL A 181 17.87 -6.12 1.86
CA VAL A 181 19.13 -5.38 2.05
C VAL A 181 19.18 -4.94 3.51
N LYS A 182 19.95 -5.64 4.32
CA LYS A 182 19.96 -5.45 5.80
C LYS A 182 20.28 -3.98 6.09
N ASN A 183 19.42 -3.31 6.83
CA ASN A 183 19.56 -1.85 7.07
C ASN A 183 19.13 -1.49 8.49
N LEU A 184 19.47 -0.28 8.91
CA LEU A 184 19.27 0.19 10.30
C LEU A 184 18.20 1.27 10.31
N GLN A 185 17.37 1.35 9.27
CA GLN A 185 16.25 2.32 9.21
C GLN A 185 15.03 1.64 9.85
N TRP A 186 15.04 1.62 11.18
CA TRP A 186 14.13 0.80 12.03
C TRP A 186 12.92 1.61 12.48
N GLY A 187 12.57 2.70 11.78
CA GLY A 187 11.43 3.55 12.15
C GLY A 187 10.16 2.75 12.43
N ASP A 188 9.89 1.71 11.64
CA ASP A 188 8.67 0.89 11.82
C ASP A 188 8.88 -0.07 13.00
N PHE A 189 9.98 -0.82 13.02
CA PHE A 189 10.30 -1.75 14.13
C PHE A 189 10.31 -1.02 15.48
N THR A 190 10.88 0.18 15.53
CA THR A 190 10.97 0.96 16.79
C THR A 190 9.55 1.29 17.26
N ARG A 191 8.68 1.73 16.37
CA ARG A 191 7.26 1.97 16.71
C ARG A 191 6.64 0.68 17.22
N GLY A 192 6.96 -0.43 16.57
CA GLY A 192 6.47 -1.77 16.94
C GLY A 192 6.84 -2.15 18.35
N LEU A 193 8.10 -1.95 18.74
CA LEU A 193 8.60 -2.28 20.09
C LEU A 193 7.86 -1.43 21.14
N MET A 194 7.59 -0.18 20.83
CA MET A 194 6.87 0.72 21.75
C MET A 194 5.41 0.25 21.86
N GLU A 195 4.79 -0.13 20.75
CA GLU A 195 3.39 -0.63 20.76
C GLU A 195 3.35 -1.93 21.58
N ALA A 196 4.32 -2.82 21.40
CA ALA A 196 4.36 -4.09 22.16
C ALA A 196 4.37 -3.76 23.65
N ARG A 197 5.26 -2.88 24.09
CA ARG A 197 5.36 -2.50 25.53
C ARG A 197 4.03 -1.88 25.96
N ASP A 198 3.44 -0.99 25.15
CA ASP A 198 2.12 -0.39 25.50
C ASP A 198 1.09 -1.50 25.76
N ARG A 199 1.18 -2.63 25.05
CA ARG A 199 0.16 -3.71 25.12
C ARG A 199 0.65 -4.85 26.00
N GLY A 200 1.70 -4.63 26.79
CA GLY A 200 2.23 -5.63 27.75
C GLY A 200 2.85 -6.84 27.09
N ALA A 201 3.50 -6.65 25.94
CA ALA A 201 4.22 -7.74 25.25
C ALA A 201 5.68 -7.32 25.02
N MET A 202 6.55 -8.32 24.83
CA MET A 202 8.00 -8.10 24.60
C MET A 202 8.26 -7.65 23.15
N TYR A 203 7.60 -8.26 22.16
CA TYR A 203 8.02 -8.18 20.75
C TYR A 203 6.88 -7.81 19.83
N PRO A 204 7.16 -7.05 18.75
CA PRO A 204 6.19 -6.85 17.68
C PRO A 204 6.38 -7.83 16.52
N ILE A 205 5.27 -8.20 15.92
CA ILE A 205 5.22 -8.82 14.57
C ILE A 205 4.46 -7.84 13.68
N LEU A 206 5.12 -7.32 12.65
CA LEU A 206 4.51 -6.29 11.76
C LEU A 206 3.83 -7.00 10.60
N THR A 207 2.64 -6.55 10.20
CA THR A 207 2.00 -7.02 8.94
C THR A 207 2.57 -6.22 7.76
N ASP A 208 2.31 -6.68 6.54
CA ASP A 208 2.68 -5.94 5.31
C ASP A 208 1.63 -4.88 5.00
N GLY A 209 0.61 -4.70 5.84
CA GLY A 209 -0.46 -3.75 5.52
C GLY A 209 -1.41 -4.33 4.48
N ASP A 210 -1.29 -5.62 4.16
CA ASP A 210 -2.15 -6.30 3.17
C ASP A 210 -2.59 -7.65 3.72
N ALA A 211 -2.70 -7.75 5.07
CA ALA A 211 -3.20 -8.93 5.80
C ALA A 211 -2.22 -10.12 5.71
N ASN A 212 -0.92 -9.89 5.53
CA ASN A 212 0.11 -10.96 5.66
C ASN A 212 1.11 -10.60 6.75
N LEU A 213 1.77 -11.60 7.33
CA LEU A 213 2.83 -11.38 8.33
C LEU A 213 4.11 -11.05 7.58
N THR A 214 4.98 -10.26 8.19
CA THR A 214 6.33 -10.04 7.64
C THR A 214 7.49 -10.54 8.50
N GLU A 215 8.01 -9.65 9.34
CA GLU A 215 9.03 -10.01 10.35
C GLU A 215 8.88 -9.08 11.56
N GLY A 216 9.74 -9.25 12.55
CA GLY A 216 9.75 -8.43 13.76
C GLY A 216 10.99 -7.55 13.84
N SER A 217 11.22 -6.92 14.99
CA SER A 217 12.38 -6.04 15.24
C SER A 217 13.67 -6.87 15.36
N GLY A 218 14.25 -7.24 14.23
CA GLY A 218 15.54 -7.97 14.19
C GLY A 218 15.37 -9.47 14.19
N PHE A 219 14.29 -9.98 13.62
CA PHE A 219 14.09 -11.45 13.58
C PHE A 219 13.02 -11.84 12.55
N ASN A 220 13.17 -13.04 11.99
CA ASN A 220 12.15 -13.65 11.11
C ASN A 220 11.14 -14.40 11.98
N VAL A 221 9.99 -14.73 11.41
CA VAL A 221 8.87 -15.42 12.11
C VAL A 221 8.59 -16.71 11.38
N ILE A 222 8.40 -17.79 12.12
CA ILE A 222 8.05 -19.14 11.60
C ILE A 222 6.83 -19.61 12.38
N LEU A 223 5.72 -19.82 11.70
CA LEU A 223 4.50 -20.44 12.29
C LEU A 223 4.59 -21.94 12.12
N ILE A 224 4.13 -22.69 13.11
CA ILE A 224 4.14 -24.17 13.07
C ILE A 224 2.70 -24.62 13.32
N LYS A 225 2.16 -25.42 12.41
CA LYS A 225 0.79 -25.95 12.54
C LYS A 225 0.74 -27.33 11.90
N ASP A 226 0.15 -28.30 12.63
CA ASP A 226 -0.07 -29.68 12.15
C ASP A 226 1.24 -30.20 11.54
N GLY A 227 2.37 -29.87 12.15
CA GLY A 227 3.67 -30.49 11.83
C GLY A 227 4.39 -29.76 10.70
N LYS A 228 3.82 -28.66 10.18
CA LYS A 228 4.42 -27.93 9.02
C LYS A 228 4.87 -26.55 9.49
N LEU A 229 5.99 -26.09 8.94
CA LEU A 229 6.52 -24.72 9.16
C LEU A 229 6.03 -23.80 8.04
N TYR A 230 5.63 -22.58 8.41
CA TYR A 230 5.22 -21.50 7.49
C TYR A 230 5.98 -20.24 7.82
N THR A 231 6.64 -19.61 6.86
CA THR A 231 7.41 -18.37 7.09
C THR A 231 7.29 -17.45 5.88
N PRO A 232 7.10 -16.13 6.07
CA PRO A 232 6.95 -15.19 4.98
C PRO A 232 8.13 -15.18 4.00
N ARG A 233 7.80 -15.02 2.73
CA ARG A 233 8.79 -14.90 1.64
C ARG A 233 9.13 -13.42 1.43
N LYS A 234 8.11 -12.62 1.20
CA LYS A 234 8.27 -11.19 0.79
C LYS A 234 8.23 -10.29 2.01
N GLY A 235 8.86 -9.12 1.90
CA GLY A 235 8.76 -8.05 2.90
C GLY A 235 9.69 -8.28 4.06
N VAL A 236 10.62 -9.23 3.95
CA VAL A 236 11.48 -9.64 5.09
C VAL A 236 12.93 -9.81 4.66
N LEU A 237 13.85 -9.75 5.61
CA LEU A 237 15.24 -10.19 5.39
C LEU A 237 15.27 -11.72 5.22
N GLU A 238 16.08 -12.19 4.28
CA GLU A 238 16.28 -13.63 4.06
C GLU A 238 17.28 -14.12 5.10
N GLY A 239 16.78 -14.44 6.30
CA GLY A 239 17.62 -14.64 7.50
C GLY A 239 18.47 -15.88 7.39
N VAL A 240 19.71 -15.79 7.90
CA VAL A 240 20.64 -16.94 7.95
C VAL A 240 20.16 -17.93 9.02
N THR A 241 19.56 -17.40 10.09
CA THR A 241 18.95 -18.25 11.15
C THR A 241 17.79 -19.02 10.53
N ARG A 242 16.96 -18.34 9.75
CA ARG A 242 15.81 -18.99 9.06
C ARG A 242 16.36 -20.09 8.15
N LYS A 243 17.38 -19.78 7.35
CA LYS A 243 17.99 -20.79 6.46
C LYS A 243 18.41 -22.01 7.29
N SER A 244 19.12 -21.80 8.40
CA SER A 244 19.66 -22.89 9.27
C SER A 244 18.48 -23.72 9.82
N VAL A 245 17.44 -23.05 10.32
CA VAL A 245 16.31 -23.75 11.02
C VAL A 245 15.58 -24.61 10.00
N LEU A 246 15.44 -24.09 8.77
CA LEU A 246 14.71 -24.81 7.70
C LEU A 246 15.55 -26.00 7.23
N ALA A 247 16.88 -25.86 7.16
CA ALA A 247 17.77 -27.02 6.86
C ALA A 247 17.63 -28.09 7.96
N VAL A 248 17.59 -27.68 9.22
CA VAL A 248 17.38 -28.64 10.36
C VAL A 248 16.01 -29.30 10.16
N ALA A 249 14.98 -28.52 9.85
CA ALA A 249 13.61 -29.05 9.65
C ALA A 249 13.62 -30.13 8.56
N GLU A 250 14.33 -29.87 7.46
CA GLU A 250 14.45 -30.82 6.32
C GLU A 250 15.02 -32.14 6.83
N LYS A 251 16.12 -32.09 7.59
CA LYS A 251 16.81 -33.30 8.13
C LYS A 251 15.85 -34.08 9.03
N LEU A 252 14.99 -33.38 9.78
CA LEU A 252 14.10 -34.03 10.77
C LEU A 252 12.79 -34.50 10.12
N GLY A 253 12.53 -34.14 8.87
CA GLY A 253 11.32 -34.55 8.16
C GLY A 253 10.12 -33.64 8.46
N TYR A 254 10.38 -32.40 8.86
CA TYR A 254 9.31 -31.37 9.02
C TYR A 254 9.15 -30.63 7.68
N PRO A 255 7.97 -30.72 7.03
CA PRO A 255 7.71 -29.95 5.82
C PRO A 255 7.68 -28.45 6.12
N TYR A 256 8.19 -27.64 5.20
CA TYR A 256 8.14 -26.17 5.34
C TYR A 256 7.82 -25.54 4.00
N THR A 257 7.36 -24.30 4.06
CA THR A 257 7.08 -23.45 2.89
C THR A 257 7.47 -22.00 3.21
N ILE A 258 8.19 -21.38 2.28
CA ILE A 258 8.52 -19.93 2.31
C ILE A 258 7.58 -19.23 1.32
N ASP A 259 6.54 -18.59 1.83
CA ASP A 259 5.42 -18.12 0.99
C ASP A 259 4.64 -17.09 1.81
N ASP A 260 3.60 -16.52 1.22
CA ASP A 260 2.67 -15.61 1.93
C ASP A 260 2.20 -16.31 3.20
N VAL A 261 2.20 -15.59 4.32
CA VAL A 261 1.61 -16.10 5.59
C VAL A 261 0.48 -15.18 5.99
N PRO A 262 -0.78 -15.50 5.66
CA PRO A 262 -1.89 -14.66 6.10
C PRO A 262 -1.94 -14.50 7.61
N VAL A 263 -2.31 -13.32 8.07
CA VAL A 263 -2.42 -12.96 9.50
C VAL A 263 -3.24 -14.03 10.23
N GLU A 264 -4.32 -14.51 9.62
CA GLU A 264 -5.24 -15.45 10.30
C GLU A 264 -4.47 -16.64 10.86
N LEU A 265 -3.46 -17.10 10.15
CA LEU A 265 -2.71 -18.34 10.49
C LEU A 265 -2.00 -18.15 11.85
N ALA A 266 -1.60 -16.94 12.21
CA ALA A 266 -0.94 -16.64 13.50
C ALA A 266 -1.86 -17.02 14.67
N TYR A 267 -3.18 -16.85 14.50
CA TYR A 267 -4.19 -17.10 15.56
C TYR A 267 -4.63 -18.56 15.57
N GLN A 268 -4.22 -19.37 14.61
CA GLN A 268 -4.70 -20.78 14.50
C GLN A 268 -3.52 -21.74 14.59
N CYS A 269 -2.29 -21.27 14.79
CA CYS A 269 -1.11 -22.16 14.71
C CYS A 269 -0.90 -22.85 16.06
N ASP A 270 0.03 -23.80 16.11
CA ASP A 270 0.35 -24.60 17.31
C ASP A 270 1.55 -23.99 18.03
N GLU A 271 2.55 -23.53 17.27
CA GLU A 271 3.80 -22.96 17.85
C GLU A 271 4.21 -21.74 17.01
N ILE A 272 4.92 -20.81 17.65
CA ILE A 272 5.57 -19.67 16.96
C ILE A 272 7.05 -19.63 17.37
N LEU A 273 7.93 -19.55 16.38
CA LEU A 273 9.37 -19.27 16.58
C LEU A 273 9.69 -17.90 16.01
N PHE A 274 10.47 -17.14 16.76
CA PHE A 274 11.26 -16.01 16.20
C PHE A 274 12.69 -16.51 16.05
N VAL A 275 13.34 -16.17 14.94
CA VAL A 275 14.71 -16.67 14.66
C VAL A 275 15.57 -15.48 14.28
N THR A 276 16.78 -15.44 14.82
CA THR A 276 17.76 -14.37 14.54
C THR A 276 19.14 -14.81 14.98
N THR A 277 20.17 -14.20 14.43
CA THR A 277 21.58 -14.45 14.85
C THR A 277 21.73 -14.13 16.34
N ALA A 278 21.11 -13.05 16.82
CA ALA A 278 21.28 -12.57 18.21
C ALA A 278 20.27 -13.26 19.12
N GLY A 279 20.46 -14.57 19.35
CA GLY A 279 19.60 -15.35 20.27
C GLY A 279 19.26 -16.73 19.75
N GLY A 280 19.29 -16.89 18.42
CA GLY A 280 19.03 -18.18 17.77
C GLY A 280 17.55 -18.44 17.64
N VAL A 281 17.09 -19.56 18.20
CA VAL A 281 15.68 -20.03 18.11
C VAL A 281 14.96 -19.57 19.39
N MET A 282 13.90 -18.78 19.23
CA MET A 282 13.27 -18.01 20.32
C MET A 282 11.77 -18.30 20.31
N PRO A 283 11.28 -19.26 21.11
CA PRO A 283 9.86 -19.58 21.13
C PRO A 283 8.99 -18.46 21.67
N ILE A 284 7.78 -18.35 21.12
CA ILE A 284 6.76 -17.34 21.51
C ILE A 284 5.49 -18.09 21.89
N THR A 285 5.05 -17.89 23.14
CA THR A 285 3.96 -18.71 23.74
C THR A 285 2.77 -17.82 24.08
N THR A 286 2.91 -16.49 24.05
CA THR A 286 1.75 -15.56 24.16
C THR A 286 1.68 -14.68 22.91
N LEU A 287 0.48 -14.57 22.29
CA LEU A 287 0.21 -13.64 21.17
C LEU A 287 -1.05 -12.81 21.48
N ASP A 288 -0.93 -11.49 21.44
CA ASP A 288 -2.06 -10.57 21.67
C ASP A 288 -2.77 -10.95 22.98
N GLY A 289 -1.99 -11.27 24.01
CA GLY A 289 -2.48 -11.54 25.37
C GLY A 289 -3.06 -12.95 25.53
N GLN A 290 -2.97 -13.83 24.54
CA GLN A 290 -3.60 -15.17 24.60
C GLN A 290 -2.55 -16.24 24.37
N PRO A 291 -2.78 -17.46 24.87
CA PRO A 291 -1.82 -18.54 24.64
C PRO A 291 -1.70 -18.83 23.14
N VAL A 292 -0.49 -19.11 22.69
CA VAL A 292 -0.22 -19.75 21.38
C VAL A 292 -0.41 -21.25 21.59
N GLY A 293 -1.41 -21.86 20.94
CA GLY A 293 -1.75 -23.27 21.19
C GLY A 293 -2.05 -23.49 22.67
N ASP A 294 -1.34 -24.41 23.31
CA ASP A 294 -1.52 -24.76 24.75
C ASP A 294 -0.68 -23.85 25.66
N GLY A 295 -0.03 -22.81 25.13
CA GLY A 295 0.75 -21.85 25.92
C GLY A 295 2.11 -22.41 26.33
N GLN A 296 2.49 -23.60 25.86
CA GLN A 296 3.77 -24.26 26.20
C GLN A 296 4.73 -24.14 25.03
N VAL A 297 6.03 -24.16 25.30
CA VAL A 297 7.04 -24.36 24.24
C VAL A 297 6.77 -25.74 23.64
N GLY A 298 6.58 -25.80 22.32
CA GLY A 298 6.08 -27.01 21.67
C GLY A 298 7.22 -27.96 21.32
N PRO A 299 6.91 -29.21 20.94
CA PRO A 299 7.96 -30.20 20.66
C PRO A 299 8.77 -29.88 19.40
N ILE A 300 8.15 -29.25 18.41
CA ILE A 300 8.86 -28.96 17.12
C ILE A 300 9.84 -27.83 17.39
N SER A 301 9.42 -26.81 18.15
CA SER A 301 10.29 -25.70 18.60
C SER A 301 11.53 -26.29 19.31
N LYS A 302 11.31 -27.20 20.25
CA LYS A 302 12.42 -27.82 21.04
C LYS A 302 13.38 -28.56 20.10
N ALA A 303 12.84 -29.36 19.17
CA ALA A 303 13.67 -30.17 18.25
C ALA A 303 14.48 -29.26 17.33
N LEU A 304 13.87 -28.18 16.82
CA LEU A 304 14.57 -27.24 15.90
C LEU A 304 15.63 -26.47 16.69
N TRP A 305 15.30 -26.04 17.90
CA TRP A 305 16.26 -25.40 18.84
C TRP A 305 17.50 -26.29 18.98
N LYS A 306 17.31 -27.57 19.30
CA LYS A 306 18.42 -28.52 19.51
C LYS A 306 19.24 -28.66 18.21
N GLY A 307 18.58 -28.89 17.07
CA GLY A 307 19.26 -29.06 15.76
C GLY A 307 20.08 -27.82 15.41
N TYR A 308 19.51 -26.64 15.64
CA TYR A 308 20.16 -25.35 15.32
C TYR A 308 21.49 -25.26 16.07
N TRP A 309 21.43 -25.48 17.38
CA TRP A 309 22.64 -25.34 18.23
C TRP A 309 23.63 -26.46 17.95
N ASP A 310 23.16 -27.69 17.77
CA ASP A 310 24.04 -28.83 17.39
C ASP A 310 24.82 -28.47 16.12
N ALA A 311 24.23 -27.70 15.21
CA ALA A 311 24.82 -27.32 13.91
C ALA A 311 26.04 -26.40 14.10
N HIS A 312 26.21 -25.78 15.27
CA HIS A 312 27.34 -24.84 15.51
C HIS A 312 28.69 -25.57 15.67
N ALA A 313 28.65 -26.91 15.74
CA ALA A 313 29.86 -27.78 15.75
C ALA A 313 30.13 -28.39 14.37
N ASP A 314 29.17 -28.32 13.44
CA ASP A 314 29.24 -28.92 12.08
C ASP A 314 30.39 -28.27 11.34
N PRO A 315 31.47 -29.01 10.99
CA PRO A 315 32.62 -28.42 10.30
C PRO A 315 32.29 -27.81 8.93
N GLU A 316 31.19 -28.25 8.31
CA GLU A 316 30.76 -27.74 6.99
C GLU A 316 30.17 -26.34 7.16
N LEU A 317 29.69 -25.98 8.38
CA LEU A 317 28.95 -24.72 8.61
C LEU A 317 29.71 -23.76 9.52
N SER A 318 30.83 -24.20 10.08
CA SER A 318 31.54 -23.46 11.16
C SER A 318 33.04 -23.75 11.08
N PHE A 319 33.85 -22.88 11.66
CA PHE A 319 35.30 -23.08 11.81
C PHE A 319 35.73 -22.48 13.16
N ALA A 320 36.71 -23.10 13.81
CA ALA A 320 37.23 -22.63 15.09
C ALA A 320 38.19 -21.48 14.84
N VAL A 321 38.19 -20.46 15.67
CA VAL A 321 38.89 -19.17 15.47
C VAL A 321 40.42 -19.36 15.47
N GLU A 322 40.92 -20.36 16.19
N GLU A 322 40.92 -20.37 16.18
CA GLU A 322 42.38 -20.70 16.28
CA GLU A 322 42.38 -20.66 16.26
C GLU A 322 42.78 -21.48 14.99
C GLU A 322 42.80 -21.52 15.02
N ASP A 323 41.93 -22.38 14.41
CA ASP A 323 42.38 -23.17 13.23
C ASP A 323 42.40 -22.31 11.97
N TYR A 324 41.92 -21.06 12.05
CA TYR A 324 41.88 -20.13 10.91
C TYR A 324 43.28 -19.61 10.59
N ARG A 325 43.64 -19.53 9.30
CA ARG A 325 44.87 -18.79 8.88
C ARG A 325 44.54 -17.82 7.76
N ALA A 326 44.98 -16.58 7.94
CA ALA A 326 45.04 -15.55 6.88
C ALA A 326 45.94 -16.12 5.77
N SER B 6 4.07 -11.58 -43.13
CA SER B 6 2.93 -11.38 -42.21
C SER B 6 2.58 -12.70 -41.51
N TYR B 7 3.31 -13.03 -40.45
CA TYR B 7 3.15 -14.27 -39.62
C TYR B 7 1.71 -14.61 -39.23
N THR B 8 0.81 -13.66 -39.01
CA THR B 8 -0.59 -13.89 -38.56
C THR B 8 -1.39 -14.73 -39.56
N ASP B 9 -1.16 -14.65 -40.86
CA ASP B 9 -1.92 -15.41 -41.89
C ASP B 9 -2.04 -16.89 -41.50
N HIS B 10 -1.04 -17.39 -40.78
CA HIS B 10 -0.88 -18.79 -40.33
C HIS B 10 -2.20 -19.40 -39.83
N ILE B 11 -3.03 -18.62 -39.15
CA ILE B 11 -4.32 -19.09 -38.53
C ILE B 11 -5.45 -18.17 -38.96
N PHE B 12 -5.19 -16.89 -39.27
CA PHE B 12 -6.24 -15.89 -39.54
C PHE B 12 -6.92 -16.14 -40.89
N ASP B 13 -6.19 -16.59 -41.91
CA ASP B 13 -6.79 -16.93 -43.23
C ASP B 13 -7.92 -17.93 -42.98
N ASP B 14 -7.62 -19.06 -42.34
CA ASP B 14 -8.61 -20.14 -42.06
C ASP B 14 -9.71 -19.62 -41.14
N TYR B 15 -9.36 -18.78 -40.16
CA TYR B 15 -10.32 -18.24 -39.16
C TYR B 15 -11.36 -17.38 -39.88
N ARG B 16 -10.91 -16.49 -40.77
CA ARG B 16 -11.81 -15.54 -41.46
C ARG B 16 -12.77 -16.33 -42.36
N LEU B 17 -12.34 -17.44 -42.96
CA LEU B 17 -13.25 -18.32 -43.75
C LEU B 17 -14.33 -18.91 -42.85
N ARG B 18 -13.97 -19.38 -41.65
CA ARG B 18 -14.96 -19.95 -40.69
C ARG B 18 -15.95 -18.85 -40.25
N VAL B 19 -15.48 -17.62 -40.04
CA VAL B 19 -16.35 -16.48 -39.65
C VAL B 19 -17.34 -16.13 -40.78
N LYS B 20 -16.86 -16.10 -42.02
CA LYS B 20 -17.71 -15.87 -43.22
C LYS B 20 -18.88 -16.87 -43.18
N ALA B 21 -18.58 -18.17 -43.00
CA ALA B 21 -19.57 -19.26 -42.92
C ALA B 21 -20.57 -18.97 -41.79
N LEU B 22 -20.06 -18.65 -40.59
CA LEU B 22 -20.92 -18.40 -39.40
C LEU B 22 -21.86 -17.22 -39.66
N GLU B 23 -21.36 -16.14 -40.29
CA GLU B 23 -22.16 -14.90 -40.44
C GLU B 23 -23.28 -15.11 -41.47
N ALA B 24 -23.14 -16.13 -42.33
CA ALA B 24 -24.17 -16.47 -43.34
C ALA B 24 -25.19 -17.47 -42.78
N SER B 25 -24.93 -18.06 -41.60
CA SER B 25 -25.81 -19.08 -40.96
C SER B 25 -27.17 -18.46 -40.55
N ASP B 26 -28.24 -19.26 -40.64
CA ASP B 26 -29.64 -18.87 -40.30
C ASP B 26 -29.94 -19.32 -38.85
N ASN B 27 -29.05 -20.12 -38.25
CA ASN B 27 -29.15 -20.60 -36.85
C ASN B 27 -29.42 -19.41 -35.93
N PRO B 28 -30.53 -19.41 -35.15
CA PRO B 28 -30.82 -18.27 -34.27
C PRO B 28 -29.84 -18.14 -33.08
N PHE B 29 -28.93 -19.10 -32.91
CA PHE B 29 -27.87 -19.15 -31.86
C PHE B 29 -26.49 -18.83 -32.45
N ALA B 30 -26.42 -18.49 -33.73
CA ALA B 30 -25.13 -18.18 -34.40
C ALA B 30 -24.51 -16.91 -33.79
N LYS B 31 -25.34 -16.01 -33.27
CA LYS B 31 -24.86 -14.74 -32.64
C LYS B 31 -24.59 -14.99 -31.16
N GLY B 32 -24.83 -16.21 -30.67
CA GLY B 32 -24.48 -16.63 -29.29
C GLY B 32 -25.65 -17.29 -28.60
N ILE B 33 -25.36 -18.08 -27.57
CA ILE B 33 -26.39 -18.83 -26.79
C ILE B 33 -26.06 -18.72 -25.30
N ALA B 34 -27.08 -18.58 -24.47
CA ALA B 34 -26.97 -18.48 -23.02
C ALA B 34 -27.79 -19.57 -22.36
N TYR B 35 -27.28 -20.19 -21.30
CA TYR B 35 -28.06 -21.10 -20.42
C TYR B 35 -28.51 -20.32 -19.18
N ILE B 36 -29.82 -20.09 -19.06
CA ILE B 36 -30.44 -19.30 -17.95
C ILE B 36 -31.71 -20.01 -17.47
N ALA B 37 -31.79 -20.33 -16.17
CA ALA B 37 -32.99 -20.95 -15.55
C ALA B 37 -33.40 -22.17 -16.38
N GLY B 38 -32.46 -23.09 -16.65
CA GLY B 38 -32.69 -24.38 -17.31
C GLY B 38 -33.04 -24.29 -18.79
N GLU B 39 -33.04 -23.10 -19.36
CA GLU B 39 -33.37 -22.93 -20.77
C GLU B 39 -32.19 -22.37 -21.57
N TYR B 40 -32.06 -22.74 -22.83
CA TYR B 40 -31.16 -22.12 -23.82
C TYR B 40 -31.87 -20.94 -24.48
N VAL B 41 -31.22 -19.79 -24.55
CA VAL B 41 -31.82 -18.52 -25.04
C VAL B 41 -30.80 -17.86 -25.97
N PRO B 42 -31.25 -17.22 -27.08
CA PRO B 42 -30.34 -16.42 -27.89
C PRO B 42 -29.66 -15.34 -27.04
N LEU B 43 -28.35 -15.20 -27.20
CA LEU B 43 -27.51 -14.41 -26.29
C LEU B 43 -28.08 -13.00 -26.14
N HIS B 44 -28.52 -12.36 -27.21
CA HIS B 44 -28.93 -10.94 -27.19
C HIS B 44 -30.33 -10.79 -26.58
N GLU B 45 -31.04 -11.88 -26.30
CA GLU B 45 -32.34 -11.85 -25.56
C GLU B 45 -32.14 -12.27 -24.10
N ALA B 46 -30.98 -12.82 -23.74
CA ALA B 46 -30.71 -13.41 -22.40
C ALA B 46 -30.80 -12.34 -21.31
N ARG B 47 -31.58 -12.60 -20.26
CA ARG B 47 -31.79 -11.64 -19.15
C ARG B 47 -31.57 -12.36 -17.82
N ILE B 48 -31.15 -11.59 -16.82
CA ILE B 48 -30.94 -12.05 -15.42
C ILE B 48 -31.75 -11.14 -14.52
N PRO B 49 -32.19 -11.64 -13.35
CA PRO B 49 -32.94 -10.82 -12.41
C PRO B 49 -32.05 -9.69 -11.89
N ILE B 50 -32.63 -8.50 -11.78
CA ILE B 50 -31.91 -7.31 -11.25
C ILE B 50 -31.53 -7.56 -9.80
N LEU B 51 -32.21 -8.47 -9.10
CA LEU B 51 -31.94 -8.77 -7.67
C LEU B 51 -30.79 -9.76 -7.52
N ASP B 52 -30.28 -10.32 -8.60
CA ASP B 52 -29.07 -11.18 -8.56
C ASP B 52 -27.95 -10.39 -7.87
N GLN B 53 -27.35 -10.97 -6.83
CA GLN B 53 -26.26 -10.32 -6.08
C GLN B 53 -25.00 -10.27 -6.96
N GLY B 54 -24.95 -11.11 -8.00
CA GLY B 54 -23.96 -10.97 -9.07
C GLY B 54 -23.97 -9.57 -9.64
N PHE B 55 -25.11 -8.89 -9.60
CA PHE B 55 -25.26 -7.51 -10.08
C PHE B 55 -25.16 -6.54 -8.89
N LEU B 56 -25.96 -6.75 -7.85
CA LEU B 56 -26.12 -5.78 -6.74
C LEU B 56 -24.83 -5.60 -5.91
N HIS B 57 -23.93 -6.57 -5.93
CA HIS B 57 -22.63 -6.50 -5.18
C HIS B 57 -21.50 -7.19 -5.94
N SER B 58 -21.62 -7.32 -7.26
CA SER B 58 -20.65 -8.06 -8.11
C SER B 58 -20.14 -9.29 -7.36
N ASP B 59 -21.07 -10.01 -6.74
CA ASP B 59 -20.75 -11.16 -5.86
C ASP B 59 -20.73 -12.42 -6.72
N LEU B 60 -19.63 -12.65 -7.41
CA LEU B 60 -19.55 -13.75 -8.38
C LEU B 60 -18.10 -14.07 -8.67
N THR B 61 -17.89 -15.21 -9.30
CA THR B 61 -16.64 -15.50 -10.00
C THR B 61 -17.00 -16.03 -11.39
N TYR B 62 -16.04 -16.07 -12.27
CA TYR B 62 -16.27 -16.53 -13.66
C TYR B 62 -14.99 -17.15 -14.19
N ASP B 63 -15.12 -17.82 -15.33
CA ASP B 63 -13.94 -18.24 -16.10
C ASP B 63 -14.29 -18.30 -17.58
N VAL B 64 -13.27 -18.25 -18.43
CA VAL B 64 -13.46 -18.09 -19.89
C VAL B 64 -12.51 -19.03 -20.63
N PRO B 65 -12.98 -20.22 -21.01
CA PRO B 65 -12.26 -21.03 -21.98
C PRO B 65 -12.64 -20.56 -23.39
N ALA B 66 -11.90 -21.04 -24.38
CA ALA B 66 -12.15 -20.70 -25.80
C ALA B 66 -12.23 -21.98 -26.64
N VAL B 67 -13.02 -21.91 -27.69
CA VAL B 67 -13.09 -22.96 -28.75
C VAL B 67 -12.43 -22.37 -29.98
N TRP B 68 -11.52 -23.14 -30.58
CA TRP B 68 -10.79 -22.69 -31.79
C TRP B 68 -10.85 -23.82 -32.81
N ASN B 69 -11.40 -23.51 -34.00
CA ASN B 69 -11.55 -24.47 -35.10
C ASN B 69 -12.27 -25.71 -34.58
N GLY B 70 -13.28 -25.51 -33.69
CA GLY B 70 -14.10 -26.61 -33.13
C GLY B 70 -13.43 -27.39 -32.02
N ARG B 71 -12.27 -26.95 -31.53
CA ARG B 71 -11.56 -27.63 -30.42
C ARG B 71 -11.54 -26.72 -29.20
N PHE B 72 -12.12 -27.17 -28.09
CA PHE B 72 -11.90 -26.54 -26.76
C PHE B 72 -10.41 -26.65 -26.48
N PHE B 73 -9.82 -25.59 -25.93
CA PHE B 73 -8.38 -25.52 -25.57
C PHE B 73 -8.29 -25.38 -24.05
N ARG B 74 -7.69 -26.40 -23.42
CA ARG B 74 -7.36 -26.44 -21.98
C ARG B 74 -8.65 -26.19 -21.17
N LEU B 75 -9.77 -26.77 -21.58
CA LEU B 75 -11.04 -26.59 -20.84
C LEU B 75 -10.86 -27.08 -19.39
N GLU B 76 -10.10 -28.16 -19.17
CA GLU B 76 -9.98 -28.78 -17.83
C GLU B 76 -9.23 -27.79 -16.91
N ASP B 77 -8.25 -27.06 -17.45
CA ASP B 77 -7.48 -26.06 -16.66
C ASP B 77 -8.43 -24.95 -16.23
N HIS B 78 -9.30 -24.46 -17.12
CA HIS B 78 -10.27 -23.39 -16.79
C HIS B 78 -11.27 -23.88 -15.75
N LEU B 79 -11.76 -25.10 -15.89
CA LEU B 79 -12.70 -25.69 -14.91
C LEU B 79 -12.00 -25.85 -13.56
N ASP B 80 -10.75 -26.29 -13.54
CA ASP B 80 -9.94 -26.41 -12.28
C ASP B 80 -9.91 -25.02 -11.61
N ARG B 81 -9.56 -23.98 -12.36
CA ARG B 81 -9.41 -22.62 -11.79
C ARG B 81 -10.79 -22.12 -11.33
N PHE B 82 -11.83 -22.43 -12.08
CA PHE B 82 -13.20 -21.98 -11.75
C PHE B 82 -13.65 -22.60 -10.43
N GLU B 83 -13.40 -23.89 -10.24
CA GLU B 83 -13.80 -24.61 -9.00
C GLU B 83 -13.01 -24.01 -7.83
N LYS B 84 -11.73 -23.71 -8.03
CA LYS B 84 -10.88 -23.09 -6.98
C LYS B 84 -11.47 -21.70 -6.64
N SER B 85 -11.81 -20.92 -7.66
CA SER B 85 -12.37 -19.55 -7.50
C SER B 85 -13.68 -19.63 -6.71
N CYS B 86 -14.56 -20.54 -7.09
CA CYS B 86 -15.86 -20.75 -6.40
C CYS B 86 -15.60 -21.04 -4.91
N ALA B 87 -14.64 -21.92 -4.60
CA ALA B 87 -14.35 -22.32 -3.20
C ALA B 87 -13.88 -21.10 -2.42
N GLN B 88 -13.00 -20.28 -2.99
CA GLN B 88 -12.43 -19.10 -2.28
C GLN B 88 -13.57 -18.16 -1.87
N LEU B 89 -14.58 -18.02 -2.70
CA LEU B 89 -15.71 -17.09 -2.41
C LEU B 89 -16.86 -17.82 -1.71
N ARG B 90 -16.66 -19.09 -1.35
CA ARG B 90 -17.69 -19.91 -0.65
C ARG B 90 -18.95 -19.93 -1.52
N LEU B 91 -18.74 -20.08 -2.83
CA LEU B 91 -19.82 -20.30 -3.80
C LEU B 91 -19.82 -21.78 -4.17
N LYS B 92 -21.02 -22.32 -4.35
CA LYS B 92 -21.18 -23.71 -4.83
C LYS B 92 -22.06 -23.66 -6.07
N SER B 93 -21.49 -24.03 -7.22
CA SER B 93 -22.23 -24.10 -8.50
C SER B 93 -23.41 -25.04 -8.34
N PRO B 94 -24.65 -24.62 -8.68
CA PRO B 94 -25.78 -25.54 -8.70
C PRO B 94 -25.59 -26.63 -9.76
N LEU B 95 -24.69 -26.42 -10.74
CA LEU B 95 -24.39 -27.40 -11.79
C LEU B 95 -23.01 -27.97 -11.54
N SER B 96 -22.89 -29.29 -11.56
CA SER B 96 -21.60 -30.01 -11.34
C SER B 96 -20.61 -29.58 -12.41
N ARG B 97 -19.33 -29.76 -12.14
CA ARG B 97 -18.24 -29.61 -13.13
C ARG B 97 -18.62 -30.37 -14.41
N GLU B 98 -19.05 -31.62 -14.27
CA GLU B 98 -19.31 -32.53 -15.42
C GLU B 98 -20.51 -32.00 -16.21
N GLU B 99 -21.52 -31.45 -15.53
CA GLU B 99 -22.71 -30.90 -16.19
C GLU B 99 -22.33 -29.64 -16.97
N ILE B 100 -21.51 -28.77 -16.37
CA ILE B 100 -21.07 -27.51 -17.04
C ILE B 100 -20.33 -27.88 -18.32
N ARG B 101 -19.40 -28.84 -18.25
CA ARG B 101 -18.64 -29.30 -19.44
C ARG B 101 -19.61 -29.80 -20.50
N ASP B 102 -20.54 -30.71 -20.15
CA ASP B 102 -21.53 -31.28 -21.09
C ASP B 102 -22.28 -30.13 -21.78
N ARG B 103 -22.80 -29.20 -21.00
CA ARG B 103 -23.65 -28.11 -21.53
C ARG B 103 -22.80 -27.13 -22.35
N LEU B 104 -21.56 -26.85 -21.96
CA LEU B 104 -20.72 -25.93 -22.76
C LEU B 104 -20.46 -26.55 -24.14
N VAL B 105 -20.23 -27.85 -24.21
CA VAL B 105 -20.02 -28.55 -25.51
C VAL B 105 -21.35 -28.55 -26.29
N GLU B 106 -22.45 -28.93 -25.63
CA GLU B 106 -23.80 -28.89 -26.26
C GLU B 106 -24.05 -27.51 -26.84
N MET B 107 -23.81 -26.44 -26.10
CA MET B 107 -24.19 -25.07 -26.58
C MET B 107 -23.30 -24.68 -27.76
N THR B 108 -22.05 -25.13 -27.78
CA THR B 108 -21.13 -24.90 -28.91
C THR B 108 -21.70 -25.57 -30.17
N VAL B 109 -22.00 -26.87 -30.07
CA VAL B 109 -22.55 -27.67 -31.20
C VAL B 109 -23.88 -27.04 -31.64
N LYS B 110 -24.75 -26.71 -30.69
CA LYS B 110 -26.11 -26.16 -30.98
C LYS B 110 -25.97 -24.80 -31.69
N SER B 111 -24.92 -24.03 -31.42
CA SER B 111 -24.72 -22.67 -31.97
C SER B 111 -24.10 -22.74 -33.36
N GLY B 112 -23.33 -23.80 -33.63
CA GLY B 112 -22.51 -23.96 -34.85
C GLY B 112 -21.26 -23.10 -34.81
N ILE B 113 -21.03 -22.36 -33.72
CA ILE B 113 -19.82 -21.48 -33.58
C ILE B 113 -18.58 -22.39 -33.50
N ARG B 114 -17.61 -22.17 -34.38
CA ARG B 114 -16.37 -22.99 -34.48
CA ARG B 114 -16.37 -22.98 -34.49
C ARG B 114 -15.21 -22.27 -33.75
N ASP B 115 -15.33 -20.95 -33.57
CA ASP B 115 -14.34 -20.11 -32.85
C ASP B 115 -15.11 -19.29 -31.82
N ALA B 116 -14.98 -19.64 -30.53
CA ALA B 116 -15.92 -19.17 -29.49
C ALA B 116 -15.18 -18.57 -28.30
N TYR B 117 -15.79 -17.55 -27.74
CA TYR B 117 -15.52 -16.99 -26.41
C TYR B 117 -16.59 -17.55 -25.48
N VAL B 118 -16.16 -18.33 -24.48
CA VAL B 118 -17.10 -19.08 -23.60
C VAL B 118 -17.03 -18.50 -22.18
N MET B 119 -18.16 -18.43 -21.50
CA MET B 119 -18.24 -17.91 -20.13
C MET B 119 -19.01 -18.89 -19.25
N MET B 120 -18.44 -19.20 -18.10
CA MET B 120 -19.13 -19.84 -16.97
C MET B 120 -19.12 -18.83 -15.81
N ILE B 121 -20.29 -18.51 -15.29
CA ILE B 121 -20.43 -17.52 -14.18
C ILE B 121 -21.19 -18.19 -13.06
N VAL B 122 -20.73 -18.02 -11.82
CA VAL B 122 -21.52 -18.38 -10.62
C VAL B 122 -21.68 -17.15 -9.74
N THR B 123 -22.91 -16.81 -9.39
CA THR B 123 -23.20 -15.65 -8.52
C THR B 123 -23.79 -16.14 -7.19
N ARG B 124 -23.81 -15.26 -6.21
CA ARG B 124 -24.33 -15.55 -4.85
C ARG B 124 -25.80 -15.93 -4.95
N GLY B 125 -26.54 -15.38 -5.91
CA GLY B 125 -28.00 -15.58 -6.02
C GLY B 125 -28.77 -14.40 -5.48
N LEU B 126 -29.93 -14.64 -4.90
CA LEU B 126 -30.86 -13.55 -4.48
C LEU B 126 -30.54 -13.07 -3.05
N ARG B 127 -29.83 -13.88 -2.26
CA ARG B 127 -29.55 -13.55 -0.83
C ARG B 127 -28.11 -13.02 -0.74
N PHE B 128 -27.88 -11.99 0.08
CA PHE B 128 -26.53 -11.46 0.36
C PHE B 128 -25.99 -12.03 1.68
N VAL B 129 -24.66 -12.00 1.85
CA VAL B 129 -23.92 -12.72 2.92
C VAL B 129 -23.86 -11.89 4.22
N ARG B 130 -24.46 -10.70 4.24
CA ARG B 130 -24.59 -9.93 5.51
C ARG B 130 -25.74 -10.52 6.32
N GLN B 131 -26.90 -10.73 5.71
CA GLN B 131 -28.12 -11.25 6.38
C GLN B 131 -28.09 -12.78 6.50
N TYR B 132 -27.41 -13.46 5.60
CA TYR B 132 -27.39 -14.94 5.55
C TYR B 132 -25.94 -15.46 5.60
N ALA B 133 -25.74 -16.60 6.26
CA ALA B 133 -24.48 -17.37 6.14
C ALA B 133 -24.35 -17.82 4.69
N PRO B 134 -23.13 -17.88 4.11
CA PRO B 134 -22.97 -18.21 2.70
C PRO B 134 -23.59 -19.57 2.31
N GLU B 135 -23.62 -20.52 3.26
CA GLU B 135 -24.16 -21.91 3.05
C GLU B 135 -25.69 -21.87 2.93
N GLU B 136 -26.35 -20.81 3.41
CA GLU B 136 -27.83 -20.61 3.32
C GLU B 136 -28.23 -19.97 1.97
N CYS B 137 -27.26 -19.50 1.17
CA CYS B 137 -27.51 -18.88 -0.15
C CYS B 137 -27.56 -19.95 -1.25
N ASP B 138 -28.60 -19.91 -2.10
CA ASP B 138 -28.75 -20.77 -3.31
C ASP B 138 -28.10 -20.01 -4.48
N ASN B 139 -26.90 -20.45 -4.88
CA ASN B 139 -26.07 -19.73 -5.87
C ASN B 139 -26.61 -20.04 -7.27
N PHE B 140 -26.42 -19.10 -8.20
CA PHE B 140 -26.84 -19.22 -9.62
C PHE B 140 -25.64 -19.60 -10.49
N CYS B 141 -25.92 -20.31 -11.59
CA CYS B 141 -24.93 -20.58 -12.65
C CYS B 141 -25.48 -20.10 -13.99
N TYR B 142 -24.70 -19.31 -14.71
CA TYR B 142 -25.03 -18.82 -16.06
C TYR B 142 -23.92 -19.34 -16.98
N LEU B 143 -24.30 -19.85 -18.15
CA LEU B 143 -23.32 -20.25 -19.20
C LEU B 143 -23.61 -19.43 -20.45
N MET B 144 -22.55 -19.04 -21.18
CA MET B 144 -22.71 -18.35 -22.49
C MET B 144 -21.67 -18.86 -23.47
N VAL B 145 -22.05 -19.04 -24.72
CA VAL B 145 -21.11 -19.30 -25.84
C VAL B 145 -21.38 -18.25 -26.92
N MET B 146 -20.35 -17.51 -27.32
CA MET B 146 -20.48 -16.42 -28.30
C MET B 146 -19.29 -16.47 -29.26
N PRO B 147 -19.36 -15.76 -30.40
CA PRO B 147 -18.24 -15.70 -31.31
C PRO B 147 -16.98 -15.15 -30.62
N TYR B 148 -15.85 -15.77 -30.93
CA TYR B 148 -14.51 -15.44 -30.38
C TYR B 148 -14.30 -13.94 -30.43
N LEU B 149 -13.78 -13.39 -29.32
CA LEU B 149 -13.53 -11.94 -29.14
C LEU B 149 -12.01 -11.70 -29.13
N TRP B 150 -11.61 -10.54 -29.65
CA TRP B 150 -10.19 -10.15 -29.81
C TRP B 150 -9.92 -8.92 -28.95
N VAL B 151 -9.12 -9.05 -27.90
CA VAL B 151 -8.59 -7.87 -27.17
C VAL B 151 -7.66 -7.11 -28.13
N MET B 152 -6.90 -7.85 -28.93
CA MET B 152 -6.06 -7.32 -30.03
C MET B 152 -6.43 -8.10 -31.30
N ASP B 153 -6.90 -7.38 -32.33
CA ASP B 153 -7.37 -8.01 -33.60
C ASP B 153 -6.19 -8.35 -34.50
N GLU B 154 -6.47 -9.08 -35.57
CA GLU B 154 -5.45 -9.51 -36.57
C GLU B 154 -4.62 -8.30 -37.02
N ALA B 155 -5.30 -7.24 -37.48
CA ALA B 155 -4.64 -6.03 -38.05
C ALA B 155 -3.57 -5.52 -37.08
N THR B 156 -3.92 -5.43 -35.79
CA THR B 156 -3.03 -4.83 -34.75
C THR B 156 -1.91 -5.82 -34.40
N GLN B 157 -2.17 -7.12 -34.41
CA GLN B 157 -1.15 -8.12 -34.04
C GLN B 157 0.00 -8.06 -35.05
N LYS B 158 -0.28 -7.72 -36.30
CA LYS B 158 0.74 -7.72 -37.37
C LYS B 158 1.84 -6.70 -37.02
N ASN B 159 1.49 -5.57 -36.42
CA ASN B 159 2.47 -4.49 -36.10
C ASN B 159 2.67 -4.35 -34.60
N GLY B 160 1.85 -5.03 -33.78
CA GLY B 160 1.81 -4.79 -32.33
C GLY B 160 0.97 -3.60 -31.93
N GLY B 161 0.49 -3.60 -30.68
CA GLY B 161 -0.37 -2.55 -30.11
C GLY B 161 0.42 -1.54 -29.31
N SER B 162 -0.27 -0.59 -28.72
CA SER B 162 0.28 0.49 -27.87
C SER B 162 -0.25 0.37 -26.43
N ALA B 163 0.60 0.68 -25.46
CA ALA B 163 0.24 0.57 -24.03
C ALA B 163 0.82 1.72 -23.24
N VAL B 164 0.30 1.94 -22.04
CA VAL B 164 0.97 2.81 -21.03
C VAL B 164 1.02 2.07 -19.70
N ILE B 165 2.06 2.31 -18.93
CA ILE B 165 2.12 2.00 -17.49
C ILE B 165 1.34 3.12 -16.81
N THR B 166 0.25 2.73 -16.13
CA THR B 166 -0.73 3.70 -15.60
C THR B 166 -0.05 4.51 -14.51
N ARG B 167 -0.35 5.79 -14.46
CA ARG B 167 0.18 6.70 -13.44
C ARG B 167 -0.97 7.38 -12.68
N THR B 168 -2.23 7.19 -13.10
CA THR B 168 -3.40 7.80 -12.39
C THR B 168 -4.13 6.73 -11.59
N VAL B 169 -3.71 5.47 -11.68
CA VAL B 169 -4.39 4.31 -11.07
C VAL B 169 -3.35 3.20 -10.86
N ARG B 170 -3.55 2.37 -9.85
CA ARG B 170 -2.71 1.18 -9.53
C ARG B 170 -3.65 -0.01 -9.31
N ARG B 171 -3.11 -1.21 -9.28
CA ARG B 171 -3.90 -2.44 -9.17
C ARG B 171 -4.51 -2.57 -7.78
N VAL B 172 -5.72 -3.06 -7.67
CA VAL B 172 -6.34 -3.44 -6.36
C VAL B 172 -5.42 -4.49 -5.74
N PRO B 173 -4.96 -4.29 -4.49
CA PRO B 173 -4.01 -5.22 -3.86
C PRO B 173 -4.72 -6.51 -3.46
N PRO B 174 -4.01 -7.66 -3.46
CA PRO B 174 -4.64 -8.94 -3.16
C PRO B 174 -5.30 -9.03 -1.78
N GLY B 175 -4.81 -8.24 -0.81
CA GLY B 175 -5.40 -8.18 0.55
C GLY B 175 -6.72 -7.44 0.57
N ALA B 176 -7.14 -6.84 -0.53
CA ALA B 176 -8.48 -6.24 -0.66
C ALA B 176 -9.36 -7.16 -1.50
N ILE B 177 -8.89 -7.48 -2.70
CA ILE B 177 -9.56 -8.41 -3.65
C ILE B 177 -8.51 -9.37 -4.20
N ASP B 178 -8.74 -10.67 -4.08
CA ASP B 178 -7.77 -11.70 -4.51
C ASP B 178 -7.77 -11.77 -6.04
N PRO B 179 -6.69 -11.37 -6.73
CA PRO B 179 -6.66 -11.41 -8.18
C PRO B 179 -6.54 -12.81 -8.78
N THR B 180 -6.22 -13.82 -7.97
CA THR B 180 -6.13 -15.24 -8.42
C THR B 180 -7.56 -15.78 -8.53
N VAL B 181 -8.54 -15.07 -7.96
CA VAL B 181 -9.98 -15.43 -8.05
C VAL B 181 -10.60 -14.53 -9.12
N LYS B 182 -10.82 -15.09 -10.32
CA LYS B 182 -11.26 -14.29 -11.48
C LYS B 182 -12.57 -13.58 -11.12
N ASN B 183 -12.61 -12.26 -11.27
CA ASN B 183 -13.78 -11.45 -10.86
C ASN B 183 -13.99 -10.31 -11.86
N LEU B 184 -15.15 -9.67 -11.78
CA LEU B 184 -15.59 -8.65 -12.76
C LEU B 184 -15.61 -7.27 -12.09
N GLN B 185 -14.89 -7.12 -10.98
CA GLN B 185 -14.80 -5.84 -10.25
C GLN B 185 -13.62 -5.06 -10.84
N TRP B 186 -13.86 -4.47 -12.02
CA TRP B 186 -12.82 -3.92 -12.92
C TRP B 186 -12.60 -2.42 -12.65
N GLY B 187 -12.96 -1.89 -11.50
CA GLY B 187 -12.82 -0.45 -11.19
C GLY B 187 -11.43 0.09 -11.53
N ASP B 188 -10.37 -0.67 -11.25
CA ASP B 188 -8.99 -0.22 -11.54
C ASP B 188 -8.74 -0.34 -13.05
N PHE B 189 -9.02 -1.50 -13.64
CA PHE B 189 -8.84 -1.74 -15.09
C PHE B 189 -9.61 -0.70 -15.93
N THR B 190 -10.84 -0.40 -15.54
CA THR B 190 -11.71 0.55 -16.28
C THR B 190 -11.03 1.93 -16.25
N ARG B 191 -10.56 2.35 -15.10
CA ARG B 191 -9.84 3.62 -14.95
C ARG B 191 -8.63 3.54 -15.90
N GLY B 192 -7.91 2.42 -15.91
CA GLY B 192 -6.71 2.20 -16.74
C GLY B 192 -7.00 2.38 -18.22
N LEU B 193 -8.11 1.85 -18.70
CA LEU B 193 -8.51 1.94 -20.13
C LEU B 193 -8.79 3.40 -20.48
N MET B 194 -9.42 4.14 -19.59
CA MET B 194 -9.71 5.57 -19.80
C MET B 194 -8.40 6.34 -19.80
N GLU B 195 -7.48 6.03 -18.91
CA GLU B 195 -6.15 6.69 -18.85
C GLU B 195 -5.42 6.41 -20.18
N ALA B 196 -5.42 5.17 -20.63
CA ALA B 196 -4.73 4.77 -21.87
C ALA B 196 -5.26 5.63 -23.01
N ARG B 197 -6.57 5.72 -23.15
CA ARG B 197 -7.20 6.52 -24.23
C ARG B 197 -6.81 7.99 -24.05
N ASP B 198 -6.86 8.52 -22.85
CA ASP B 198 -6.43 9.93 -22.60
C ASP B 198 -5.00 10.13 -23.11
N ARG B 199 -4.14 9.11 -23.01
CA ARG B 199 -2.68 9.24 -23.33
C ARG B 199 -2.40 8.69 -24.73
N GLY B 200 -3.44 8.48 -25.54
CA GLY B 200 -3.33 8.07 -26.96
C GLY B 200 -2.81 6.66 -27.10
N ALA B 201 -3.16 5.75 -26.20
CA ALA B 201 -2.72 4.34 -26.28
C ALA B 201 -3.91 3.41 -26.12
N MET B 202 -3.77 2.16 -26.55
CA MET B 202 -4.88 1.17 -26.58
C MET B 202 -5.08 0.56 -25.19
N TYR B 203 -4.00 0.20 -24.48
CA TYR B 203 -4.06 -0.70 -23.31
C TYR B 203 -3.34 -0.12 -22.10
N PRO B 204 -3.85 -0.40 -20.87
CA PRO B 204 -3.11 -0.09 -19.66
C PRO B 204 -2.32 -1.28 -19.11
N ILE B 205 -1.19 -0.96 -18.48
CA ILE B 205 -0.45 -1.90 -17.61
C ILE B 205 -0.42 -1.27 -16.23
N LEU B 206 -1.03 -1.93 -15.25
CA LEU B 206 -1.15 -1.35 -13.88
C LEU B 206 0.04 -1.83 -13.04
N THR B 207 0.59 -0.92 -12.23
CA THR B 207 1.60 -1.29 -11.21
C THR B 207 0.88 -1.76 -9.96
N ASP B 208 1.62 -2.39 -9.06
CA ASP B 208 1.11 -2.78 -7.72
C ASP B 208 1.16 -1.59 -6.74
N GLY B 209 1.53 -0.41 -7.19
CA GLY B 209 1.70 0.74 -6.28
C GLY B 209 2.96 0.62 -5.44
N ASP B 210 3.82 -0.35 -5.74
CA ASP B 210 5.11 -0.57 -5.03
C ASP B 210 6.23 -0.78 -6.06
N ALA B 211 6.08 -0.15 -7.23
CA ALA B 211 7.05 -0.12 -8.34
C ALA B 211 7.29 -1.50 -8.99
N ASN B 212 6.29 -2.38 -8.99
CA ASN B 212 6.33 -3.62 -9.80
C ASN B 212 5.16 -3.62 -10.79
N LEU B 213 5.31 -4.39 -11.88
CA LEU B 213 4.21 -4.57 -12.85
C LEU B 213 3.26 -5.62 -12.29
N THR B 214 1.98 -5.53 -12.68
CA THR B 214 0.96 -6.53 -12.27
C THR B 214 0.42 -7.20 -13.54
N GLU B 215 -0.72 -6.71 -14.03
CA GLU B 215 -1.38 -7.16 -15.27
C GLU B 215 -2.21 -6.02 -15.86
N GLY B 216 -2.84 -6.26 -17.01
CA GLY B 216 -3.65 -5.25 -17.70
C GLY B 216 -5.14 -5.47 -17.50
N SER B 217 -5.95 -4.89 -18.38
CA SER B 217 -7.43 -5.02 -18.32
C SER B 217 -7.88 -6.29 -19.05
N GLY B 218 -7.64 -7.46 -18.45
CA GLY B 218 -8.03 -8.75 -19.04
C GLY B 218 -6.90 -9.50 -19.69
N PHE B 219 -5.65 -9.29 -19.24
CA PHE B 219 -4.50 -10.00 -19.82
C PHE B 219 -3.31 -9.95 -18.87
N ASN B 220 -2.46 -10.96 -18.95
CA ASN B 220 -1.17 -11.01 -18.24
C ASN B 220 -0.14 -10.33 -19.12
N VAL B 221 0.98 -9.95 -18.51
CA VAL B 221 2.08 -9.25 -19.22
C VAL B 221 3.33 -10.10 -19.11
N ILE B 222 4.04 -10.24 -20.23
CA ILE B 222 5.34 -10.95 -20.30
C ILE B 222 6.36 -10.00 -20.93
N LEU B 223 7.42 -9.65 -20.20
CA LEU B 223 8.55 -8.89 -20.79
C LEU B 223 9.61 -9.89 -21.29
N ILE B 224 10.24 -9.56 -22.40
CA ILE B 224 11.33 -10.37 -23.00
C ILE B 224 12.56 -9.48 -23.10
N LYS B 225 13.66 -9.94 -22.51
CA LYS B 225 14.95 -9.23 -22.58
C LYS B 225 16.08 -10.26 -22.67
N ASP B 226 17.00 -10.05 -23.60
CA ASP B 226 18.25 -10.86 -23.76
C ASP B 226 17.88 -12.34 -23.77
N GLY B 227 16.81 -12.69 -24.47
CA GLY B 227 16.42 -14.09 -24.72
C GLY B 227 15.60 -14.70 -23.59
N LYS B 228 15.26 -13.93 -22.54
CA LYS B 228 14.59 -14.50 -21.32
C LYS B 228 13.21 -13.86 -21.17
N LEU B 229 12.22 -14.62 -20.69
CA LEU B 229 10.84 -14.11 -20.39
C LEU B 229 10.72 -13.75 -18.92
N TYR B 230 10.09 -12.63 -18.60
CA TYR B 230 9.81 -12.17 -17.21
C TYR B 230 8.33 -11.84 -17.09
N THR B 231 7.64 -12.41 -16.13
CA THR B 231 6.20 -12.14 -15.90
C THR B 231 5.91 -12.12 -14.38
N PRO B 232 5.07 -11.16 -13.91
CA PRO B 232 4.74 -11.06 -12.49
C PRO B 232 4.13 -12.33 -11.90
N ARG B 233 4.48 -12.59 -10.65
CA ARG B 233 3.93 -13.73 -9.87
C ARG B 233 2.72 -13.28 -9.06
N LYS B 234 2.87 -12.22 -8.26
CA LYS B 234 1.82 -11.75 -7.33
C LYS B 234 0.98 -10.66 -7.98
N GLY B 235 -0.25 -10.51 -7.51
CA GLY B 235 -1.11 -9.38 -7.87
C GLY B 235 -1.82 -9.61 -9.17
N VAL B 236 -1.79 -10.84 -9.71
CA VAL B 236 -2.32 -11.12 -11.08
C VAL B 236 -3.11 -12.42 -11.10
N LEU B 237 -3.98 -12.57 -12.08
CA LEU B 237 -4.60 -13.87 -12.40
C LEU B 237 -3.53 -14.81 -12.95
N GLU B 238 -3.56 -16.07 -12.51
CA GLU B 238 -2.64 -17.12 -13.00
C GLU B 238 -3.19 -17.60 -14.34
N GLY B 239 -2.84 -16.91 -15.42
CA GLY B 239 -3.48 -17.08 -16.73
C GLY B 239 -3.18 -18.42 -17.37
N VAL B 240 -4.17 -18.99 -18.02
CA VAL B 240 -4.02 -20.26 -18.80
C VAL B 240 -3.22 -19.94 -20.06
N THR B 241 -3.40 -18.74 -20.62
CA THR B 241 -2.60 -18.30 -21.79
C THR B 241 -1.14 -18.19 -21.36
N ARG B 242 -0.90 -17.59 -20.19
CA ARG B 242 0.49 -17.45 -19.66
C ARG B 242 1.08 -18.85 -19.49
N LYS B 243 0.33 -19.76 -18.89
CA LYS B 243 0.80 -21.16 -18.70
C LYS B 243 1.22 -21.74 -20.05
N SER B 244 0.35 -21.61 -21.06
CA SER B 244 0.57 -22.17 -22.41
C SER B 244 1.83 -21.57 -23.04
N VAL B 245 1.99 -20.24 -22.93
CA VAL B 245 3.09 -19.52 -23.62
C VAL B 245 4.41 -19.96 -22.98
N LEU B 246 4.40 -20.14 -21.66
CA LEU B 246 5.64 -20.50 -20.91
C LEU B 246 6.01 -21.95 -21.24
N ALA B 247 5.01 -22.84 -21.36
CA ALA B 247 5.29 -24.23 -21.82
C ALA B 247 5.92 -24.21 -23.22
N VAL B 248 5.38 -23.40 -24.13
CA VAL B 248 5.93 -23.30 -25.50
C VAL B 248 7.37 -22.77 -25.41
N ALA B 249 7.57 -21.74 -24.58
CA ALA B 249 8.88 -21.08 -24.43
C ALA B 249 9.90 -22.13 -24.01
N GLU B 250 9.53 -23.01 -23.06
CA GLU B 250 10.46 -24.03 -22.54
C GLU B 250 10.99 -24.89 -23.69
N LYS B 251 10.08 -25.41 -24.53
CA LYS B 251 10.44 -26.30 -25.66
C LYS B 251 11.35 -25.57 -26.66
N LEU B 252 11.17 -24.27 -26.83
CA LEU B 252 11.98 -23.44 -27.77
C LEU B 252 13.33 -23.02 -27.15
N GLY B 253 13.54 -23.30 -25.87
CA GLY B 253 14.79 -23.03 -25.15
C GLY B 253 14.81 -21.63 -24.59
N TYR B 254 13.65 -20.99 -24.42
CA TYR B 254 13.57 -19.63 -23.82
C TYR B 254 13.36 -19.80 -22.31
N PRO B 255 14.33 -19.40 -21.46
CA PRO B 255 14.14 -19.47 -20.01
C PRO B 255 13.13 -18.39 -19.58
N TYR B 256 12.41 -18.68 -18.50
CA TYR B 256 11.47 -17.71 -17.93
C TYR B 256 11.54 -17.72 -16.40
N THR B 257 11.04 -16.63 -15.81
CA THR B 257 10.83 -16.51 -14.35
C THR B 257 9.45 -15.88 -14.09
N ILE B 258 8.72 -16.49 -13.18
CA ILE B 258 7.47 -15.94 -12.61
C ILE B 258 7.82 -15.37 -11.24
N ASP B 259 8.01 -14.05 -11.17
CA ASP B 259 8.52 -13.37 -9.96
C ASP B 259 8.27 -11.88 -10.16
N ASP B 260 8.59 -11.09 -9.15
CA ASP B 260 8.49 -9.61 -9.18
C ASP B 260 9.12 -9.12 -10.48
N VAL B 261 8.41 -8.23 -11.20
CA VAL B 261 8.95 -7.55 -12.40
C VAL B 261 8.98 -6.06 -12.11
N PRO B 262 10.14 -5.50 -11.72
CA PRO B 262 10.22 -4.08 -11.47
C PRO B 262 9.81 -3.27 -12.70
N VAL B 263 9.15 -2.13 -12.47
CA VAL B 263 8.64 -1.24 -13.54
C VAL B 263 9.80 -0.90 -14.47
N GLU B 264 10.99 -0.66 -13.95
CA GLU B 264 12.16 -0.23 -14.77
C GLU B 264 12.34 -1.19 -15.95
N LEU B 265 12.10 -2.48 -15.76
CA LEU B 265 12.41 -3.50 -16.80
C LEU B 265 11.51 -3.29 -18.03
N ALA B 266 10.32 -2.72 -17.87
CA ALA B 266 9.41 -2.42 -18.99
C ALA B 266 10.09 -1.45 -19.98
N TYR B 267 10.90 -0.52 -19.47
CA TYR B 267 11.57 0.54 -20.28
C TYR B 267 12.90 0.05 -20.83
N GLN B 268 13.39 -1.13 -20.44
CA GLN B 268 14.72 -1.62 -20.86
C GLN B 268 14.59 -2.90 -21.67
N CYS B 269 13.39 -3.44 -21.88
CA CYS B 269 13.24 -4.81 -22.46
C CYS B 269 13.30 -4.74 -23.97
N ASP B 270 13.30 -5.90 -24.62
CA ASP B 270 13.40 -6.05 -26.09
C ASP B 270 12.01 -6.19 -26.69
N GLU B 271 11.12 -6.97 -26.04
CA GLU B 271 9.76 -7.25 -26.54
C GLU B 271 8.78 -7.28 -25.39
N ILE B 272 7.52 -6.99 -25.67
CA ILE B 272 6.40 -7.11 -24.69
C ILE B 272 5.27 -7.92 -25.32
N LEU B 273 4.79 -8.93 -24.61
CA LEU B 273 3.56 -9.67 -24.98
C LEU B 273 2.48 -9.41 -23.94
N PHE B 274 1.25 -9.20 -24.41
CA PHE B 274 0.04 -9.38 -23.58
C PHE B 274 -0.55 -10.73 -23.95
N VAL B 275 -1.00 -11.49 -22.95
CA VAL B 275 -1.53 -12.85 -23.17
C VAL B 275 -2.88 -12.96 -22.48
N THR B 276 -3.85 -13.54 -23.18
CA THR B 276 -5.22 -13.74 -22.66
C THR B 276 -5.96 -14.75 -23.54
N THR B 277 -7.02 -15.36 -23.02
CA THR B 277 -7.85 -16.31 -23.80
C THR B 277 -8.48 -15.56 -24.99
N ALA B 278 -8.91 -14.31 -24.78
CA ALA B 278 -9.64 -13.55 -25.81
C ALA B 278 -8.62 -12.80 -26.68
N GLY B 279 -7.88 -13.54 -27.51
CA GLY B 279 -6.91 -12.95 -28.46
C GLY B 279 -5.62 -13.71 -28.55
N GLY B 280 -5.27 -14.42 -27.47
CA GLY B 280 -4.06 -15.28 -27.41
C GLY B 280 -2.82 -14.46 -27.13
N VAL B 281 -1.86 -14.51 -28.03
CA VAL B 281 -0.55 -13.84 -27.90
C VAL B 281 -0.60 -12.51 -28.67
N MET B 282 -0.37 -11.40 -27.98
CA MET B 282 -0.71 -10.04 -28.49
C MET B 282 0.50 -9.14 -28.29
N PRO B 283 1.35 -8.96 -29.31
CA PRO B 283 2.55 -8.16 -29.14
C PRO B 283 2.26 -6.68 -28.93
N ILE B 284 3.11 -6.02 -28.15
CA ILE B 284 3.04 -4.58 -27.83
C ILE B 284 4.35 -3.94 -28.27
N THR B 285 4.26 -2.95 -29.17
CA THR B 285 5.45 -2.37 -29.83
C THR B 285 5.60 -0.91 -29.49
N THR B 286 4.60 -0.28 -28.87
CA THR B 286 4.73 1.10 -28.35
C THR B 286 4.38 1.08 -26.84
N LEU B 287 5.24 1.68 -26.01
CA LEU B 287 4.98 1.86 -24.55
C LEU B 287 5.22 3.33 -24.17
N ASP B 288 4.22 3.97 -23.56
CA ASP B 288 4.29 5.37 -23.10
C ASP B 288 4.75 6.23 -24.28
N GLY B 289 4.26 5.96 -25.50
CA GLY B 289 4.53 6.80 -26.68
C GLY B 289 5.90 6.56 -27.30
N GLN B 290 6.67 5.55 -26.86
CA GLN B 290 8.04 5.30 -27.39
C GLN B 290 8.08 3.86 -27.89
N PRO B 291 8.98 3.54 -28.83
CA PRO B 291 9.12 2.16 -29.30
C PRO B 291 9.52 1.25 -28.14
N VAL B 292 8.99 0.04 -28.13
CA VAL B 292 9.54 -1.10 -27.34
C VAL B 292 10.71 -1.67 -28.14
N GLY B 293 11.92 -1.57 -27.63
CA GLY B 293 13.12 -2.00 -28.39
C GLY B 293 13.19 -1.28 -29.73
N ASP B 294 13.22 -2.01 -30.85
CA ASP B 294 13.30 -1.43 -32.22
C ASP B 294 11.91 -1.05 -32.77
N GLY B 295 10.84 -1.19 -31.98
CA GLY B 295 9.47 -0.82 -32.39
C GLY B 295 8.82 -1.85 -33.29
N GLN B 296 9.47 -2.99 -33.51
CA GLN B 296 8.94 -4.07 -34.39
C GLN B 296 8.44 -5.22 -33.53
N VAL B 297 7.50 -6.02 -34.05
CA VAL B 297 7.20 -7.34 -33.45
C VAL B 297 8.48 -8.17 -33.49
N GLY B 298 8.92 -8.66 -32.33
CA GLY B 298 10.24 -9.29 -32.20
C GLY B 298 10.18 -10.76 -32.56
N PRO B 299 11.35 -11.39 -32.75
CA PRO B 299 11.40 -12.78 -33.18
C PRO B 299 10.87 -13.78 -32.13
N ILE B 300 11.05 -13.45 -30.85
CA ILE B 300 10.62 -14.38 -29.77
C ILE B 300 9.10 -14.33 -29.70
N SER B 301 8.50 -13.13 -29.79
CA SER B 301 7.03 -12.94 -29.81
C SER B 301 6.43 -13.80 -30.94
N LYS B 302 7.02 -13.76 -32.14
CA LYS B 302 6.51 -14.52 -33.31
C LYS B 302 6.55 -16.03 -33.02
N ALA B 303 7.66 -16.51 -32.48
CA ALA B 303 7.87 -17.94 -32.17
C ALA B 303 6.85 -18.40 -31.12
N LEU B 304 6.59 -17.59 -30.11
CA LEU B 304 5.65 -17.96 -29.01
C LEU B 304 4.21 -17.93 -29.53
N TRP B 305 3.89 -16.90 -30.32
CA TRP B 305 2.60 -16.81 -31.04
C TRP B 305 2.33 -18.11 -31.81
N LYS B 306 3.31 -18.53 -32.61
CA LYS B 306 3.19 -19.72 -33.48
C LYS B 306 2.99 -20.97 -32.62
N GLY B 307 3.84 -21.16 -31.61
CA GLY B 307 3.76 -22.35 -30.73
C GLY B 307 2.41 -22.42 -30.03
N TYR B 308 1.92 -21.28 -29.54
CA TYR B 308 0.64 -21.21 -28.80
C TYR B 308 -0.47 -21.73 -29.70
N TRP B 309 -0.57 -21.20 -30.91
CA TRP B 309 -1.66 -21.57 -31.84
C TRP B 309 -1.50 -23.02 -32.31
N ASP B 310 -0.28 -23.45 -32.64
CA ASP B 310 -0.03 -24.86 -33.01
C ASP B 310 -0.53 -25.80 -31.90
N ALA B 311 -0.45 -25.38 -30.63
CA ALA B 311 -0.79 -26.23 -29.48
C ALA B 311 -2.32 -26.45 -29.40
N HIS B 312 -3.12 -25.71 -30.18
CA HIS B 312 -4.60 -25.86 -30.19
C HIS B 312 -5.02 -27.14 -30.92
N ALA B 313 -4.09 -27.88 -31.54
CA ALA B 313 -4.33 -29.20 -32.18
C ALA B 313 -3.78 -30.33 -31.30
N ASP B 314 -3.06 -30.03 -30.22
CA ASP B 314 -2.45 -31.04 -29.33
C ASP B 314 -3.57 -31.78 -28.62
N PRO B 315 -3.78 -33.11 -28.86
CA PRO B 315 -4.87 -33.85 -28.22
C PRO B 315 -4.77 -33.90 -26.69
N GLU B 316 -3.57 -33.69 -26.13
CA GLU B 316 -3.36 -33.66 -24.67
C GLU B 316 -3.98 -32.38 -24.07
N LEU B 317 -4.12 -31.32 -24.87
CA LEU B 317 -4.60 -29.99 -24.37
C LEU B 317 -5.96 -29.60 -24.93
N SER B 318 -6.49 -30.35 -25.89
CA SER B 318 -7.71 -29.94 -26.64
C SER B 318 -8.49 -31.17 -27.06
N PHE B 319 -9.77 -30.96 -27.38
CA PHE B 319 -10.67 -32.00 -27.92
C PHE B 319 -11.65 -31.33 -28.88
N ALA B 320 -11.98 -32.04 -29.96
CA ALA B 320 -12.97 -31.59 -30.96
C ALA B 320 -14.38 -31.79 -30.37
N VAL B 321 -15.25 -30.78 -30.45
CA VAL B 321 -16.62 -30.82 -29.85
C VAL B 321 -17.44 -31.96 -30.46
N GLU B 322 -17.17 -32.32 -31.72
CA GLU B 322 -17.84 -33.41 -32.48
C GLU B 322 -17.47 -34.79 -31.88
N ASP B 323 -16.22 -34.99 -31.46
CA ASP B 323 -15.72 -36.26 -30.88
C ASP B 323 -16.16 -36.41 -29.41
N TYR B 324 -16.74 -35.40 -28.77
CA TYR B 324 -17.07 -35.42 -27.32
C TYR B 324 -18.30 -36.29 -27.03
N ARG B 325 -18.25 -37.14 -25.98
CA ARG B 325 -19.40 -37.97 -25.55
C ARG B 325 -19.79 -37.48 -24.14
N ALA B 326 -20.98 -36.89 -23.97
CA ALA B 326 -21.45 -36.40 -22.65
C ALA B 326 -21.51 -37.57 -21.66
N MET C 5 -39.80 1.15 27.29
CA MET C 5 -38.65 0.25 27.61
C MET C 5 -37.42 0.65 26.76
N SER C 6 -37.55 1.08 25.48
CA SER C 6 -36.26 1.43 24.81
C SER C 6 -36.39 2.76 24.06
N TYR C 7 -35.26 3.39 23.75
CA TYR C 7 -35.19 4.68 22.99
C TYR C 7 -35.65 4.49 21.53
N THR C 8 -35.55 3.24 21.02
CA THR C 8 -35.95 2.82 19.64
C THR C 8 -37.46 2.98 19.42
N ASP C 9 -38.28 2.79 20.46
CA ASP C 9 -39.77 2.85 20.38
C ASP C 9 -40.20 4.17 19.74
N HIS C 10 -39.43 5.25 19.96
CA HIS C 10 -39.68 6.63 19.43
C HIS C 10 -40.05 6.58 17.93
N ILE C 11 -39.51 5.65 17.14
CA ILE C 11 -39.82 5.56 15.67
C ILE C 11 -40.37 4.18 15.33
N PHE C 12 -39.96 3.13 16.04
CA PHE C 12 -40.23 1.72 15.63
C PHE C 12 -41.69 1.35 15.90
N ASP C 13 -42.31 1.88 16.96
CA ASP C 13 -43.76 1.64 17.24
C ASP C 13 -44.55 2.00 15.97
N ASP C 14 -44.42 3.25 15.52
CA ASP C 14 -45.19 3.80 14.37
C ASP C 14 -44.77 3.04 13.10
N TYR C 15 -43.49 2.69 12.98
CA TYR C 15 -42.94 2.05 11.76
C TYR C 15 -43.58 0.67 11.61
N ARG C 16 -43.63 -0.10 12.70
CA ARG C 16 -44.16 -1.49 12.67
C ARG C 16 -45.63 -1.46 12.26
N LEU C 17 -46.39 -0.44 12.67
CA LEU C 17 -47.81 -0.26 12.23
C LEU C 17 -47.86 -0.06 10.71
N ARG C 18 -47.00 0.79 10.16
CA ARG C 18 -46.98 1.10 8.70
C ARG C 18 -46.62 -0.17 7.90
N VAL C 19 -45.66 -0.96 8.39
CA VAL C 19 -45.22 -2.18 7.63
C VAL C 19 -46.33 -3.24 7.74
N LYS C 20 -46.99 -3.36 8.88
CA LYS C 20 -48.17 -4.28 9.06
C LYS C 20 -49.16 -4.00 7.93
N ALA C 21 -49.53 -2.73 7.72
CA ALA C 21 -50.48 -2.31 6.67
C ALA C 21 -49.95 -2.71 5.29
N LEU C 22 -48.68 -2.41 5.01
CA LEU C 22 -48.05 -2.71 3.69
C LEU C 22 -48.02 -4.22 3.45
N GLU C 23 -47.76 -5.04 4.47
CA GLU C 23 -47.61 -6.52 4.30
C GLU C 23 -48.98 -7.14 3.99
N ALA C 24 -50.08 -6.45 4.31
CA ALA C 24 -51.45 -6.92 4.02
C ALA C 24 -51.93 -6.39 2.66
N SER C 25 -51.21 -5.45 2.04
CA SER C 25 -51.64 -4.75 0.78
C SER C 25 -51.68 -5.74 -0.40
N ASP C 26 -52.67 -5.56 -1.29
CA ASP C 26 -52.87 -6.37 -2.53
C ASP C 26 -52.20 -5.68 -3.72
N ASN C 27 -51.74 -4.43 -3.53
CA ASN C 27 -50.97 -3.66 -4.55
C ASN C 27 -49.86 -4.54 -5.10
N PRO C 28 -49.78 -4.79 -6.43
CA PRO C 28 -48.74 -5.65 -6.99
C PRO C 28 -47.31 -5.06 -6.90
N PHE C 29 -47.20 -3.79 -6.48
CA PHE C 29 -45.94 -3.02 -6.32
C PHE C 29 -45.59 -2.87 -4.83
N ALA C 30 -46.37 -3.46 -3.92
CA ALA C 30 -46.19 -3.32 -2.46
C ALA C 30 -44.84 -3.93 -2.06
N LYS C 31 -44.38 -4.96 -2.79
CA LYS C 31 -43.11 -5.66 -2.49
C LYS C 31 -41.99 -4.99 -3.27
N GLY C 32 -42.29 -3.95 -4.05
CA GLY C 32 -41.26 -3.15 -4.75
C GLY C 32 -41.57 -2.96 -6.21
N ILE C 33 -41.04 -1.88 -6.78
CA ILE C 33 -41.27 -1.52 -8.20
C ILE C 33 -39.93 -1.12 -8.83
N ALA C 34 -39.73 -1.54 -10.07
CA ALA C 34 -38.51 -1.23 -10.83
C ALA C 34 -38.90 -0.51 -12.12
N TYR C 35 -38.13 0.51 -12.49
CA TYR C 35 -38.16 1.10 -13.85
C TYR C 35 -37.07 0.42 -14.69
N ILE C 36 -37.49 -0.33 -15.69
CA ILE C 36 -36.57 -0.97 -16.68
C ILE C 36 -37.03 -0.62 -18.09
N ALA C 37 -36.18 0.10 -18.84
CA ALA C 37 -36.43 0.39 -20.28
C ALA C 37 -37.84 0.99 -20.45
N GLY C 38 -38.11 2.08 -19.72
CA GLY C 38 -39.32 2.92 -19.85
C GLY C 38 -40.58 2.25 -19.32
N GLU C 39 -40.46 1.08 -18.68
CA GLU C 39 -41.62 0.32 -18.14
C GLU C 39 -41.46 0.17 -16.63
N TYR C 40 -42.56 0.20 -15.90
CA TYR C 40 -42.63 -0.19 -14.47
C TYR C 40 -42.95 -1.68 -14.40
N VAL C 41 -42.17 -2.45 -13.63
CA VAL C 41 -42.47 -3.88 -13.38
C VAL C 41 -42.33 -4.14 -11.89
N PRO C 42 -43.09 -5.14 -11.36
CA PRO C 42 -42.88 -5.61 -10.00
C PRO C 42 -41.41 -6.02 -9.81
N LEU C 43 -40.84 -5.59 -8.69
CA LEU C 43 -39.39 -5.71 -8.43
C LEU C 43 -38.91 -7.14 -8.69
N HIS C 44 -39.66 -8.15 -8.25
CA HIS C 44 -39.19 -9.56 -8.29
C HIS C 44 -39.32 -10.15 -9.69
N GLU C 45 -39.97 -9.43 -10.62
CA GLU C 45 -40.09 -9.86 -12.04
C GLU C 45 -39.10 -9.05 -12.90
N ALA C 46 -38.49 -7.99 -12.36
CA ALA C 46 -37.57 -7.09 -13.09
C ALA C 46 -36.31 -7.87 -13.49
N ARG C 47 -35.95 -7.80 -14.78
CA ARG C 47 -34.75 -8.46 -15.34
C ARG C 47 -33.97 -7.43 -16.16
N ILE C 48 -32.66 -7.65 -16.28
CA ILE C 48 -31.74 -6.79 -17.09
C ILE C 48 -31.02 -7.68 -18.08
N PRO C 49 -30.56 -7.12 -19.22
CA PRO C 49 -29.81 -7.92 -20.19
C PRO C 49 -28.49 -8.39 -19.58
N ILE C 50 -28.15 -9.65 -19.79
CA ILE C 50 -26.94 -10.28 -19.18
C ILE C 50 -25.70 -9.56 -19.75
N LEU C 51 -25.81 -8.92 -20.91
CA LEU C 51 -24.65 -8.26 -21.57
C LEU C 51 -24.50 -6.82 -21.07
N ASP C 52 -25.38 -6.34 -20.18
CA ASP C 52 -25.19 -5.03 -19.52
C ASP C 52 -23.80 -5.04 -18.87
N GLN C 53 -22.97 -4.04 -19.18
CA GLN C 53 -21.60 -3.94 -18.66
C GLN C 53 -21.65 -3.60 -17.17
N GLY C 54 -22.80 -3.10 -16.69
CA GLY C 54 -23.10 -3.03 -15.25
C GLY C 54 -22.90 -4.37 -14.58
N PHE C 55 -23.09 -5.45 -15.32
CA PHE C 55 -22.92 -6.84 -14.83
C PHE C 55 -21.55 -7.36 -15.27
N LEU C 56 -21.23 -7.30 -16.56
CA LEU C 56 -20.04 -7.99 -17.14
C LEU C 56 -18.73 -7.36 -16.67
N HIS C 57 -18.73 -6.11 -16.17
CA HIS C 57 -17.52 -5.46 -15.59
C HIS C 57 -17.86 -4.54 -14.42
N SER C 58 -18.97 -4.79 -13.74
CA SER C 58 -19.48 -3.94 -12.64
C SER C 58 -19.25 -2.45 -12.97
N ASP C 59 -19.53 -2.07 -14.21
CA ASP C 59 -19.21 -0.73 -14.76
C ASP C 59 -20.44 0.16 -14.54
N LEU C 60 -20.56 0.69 -13.34
CA LEU C 60 -21.76 1.46 -12.94
C LEU C 60 -21.43 2.31 -11.73
N THR C 61 -22.31 3.24 -11.44
CA THR C 61 -22.39 3.85 -10.11
C THR C 61 -23.85 3.84 -9.70
N TYR C 62 -24.11 4.09 -8.43
CA TYR C 62 -25.49 4.03 -7.90
C TYR C 62 -25.58 5.00 -6.73
N ASP C 63 -26.80 5.24 -6.29
CA ASP C 63 -27.03 5.98 -5.03
C ASP C 63 -28.35 5.51 -4.41
N VAL C 64 -28.47 5.70 -3.10
CA VAL C 64 -29.61 5.16 -2.31
C VAL C 64 -30.10 6.23 -1.35
N PRO C 65 -31.15 6.98 -1.72
CA PRO C 65 -31.90 7.75 -0.74
C PRO C 65 -32.97 6.85 -0.13
N ALA C 66 -33.65 7.34 0.91
CA ALA C 66 -34.71 6.59 1.60
C ALA C 66 -35.95 7.47 1.76
N VAL C 67 -37.10 6.81 1.83
CA VAL C 67 -38.39 7.44 2.23
C VAL C 67 -38.71 6.92 3.63
N TRP C 68 -39.06 7.84 4.53
CA TRP C 68 -39.48 7.49 5.90
C TRP C 68 -40.83 8.15 6.21
N ASN C 69 -41.82 7.34 6.57
CA ASN C 69 -43.19 7.82 6.89
C ASN C 69 -43.70 8.70 5.74
N GLY C 70 -43.40 8.32 4.50
CA GLY C 70 -43.86 9.00 3.27
C GLY C 70 -43.06 10.24 2.92
N ARG C 71 -41.95 10.49 3.63
CA ARG C 71 -41.11 11.69 3.37
C ARG C 71 -39.72 11.24 2.91
N PHE C 72 -39.34 11.63 1.70
CA PHE C 72 -37.95 11.52 1.21
C PHE C 72 -37.07 12.34 2.15
N PHE C 73 -35.88 11.82 2.47
CA PHE C 73 -34.89 12.52 3.32
C PHE C 73 -33.65 12.85 2.49
N ARG C 74 -33.36 14.14 2.33
CA ARG C 74 -32.12 14.67 1.71
C ARG C 74 -31.97 14.07 0.31
N LEU C 75 -33.06 13.98 -0.44
CA LEU C 75 -33.02 13.43 -1.81
C LEU C 75 -32.06 14.27 -2.65
N GLU C 76 -32.03 15.59 -2.47
CA GLU C 76 -31.21 16.49 -3.34
C GLU C 76 -29.72 16.17 -3.12
N ASP C 77 -29.34 15.83 -1.90
CA ASP C 77 -27.93 15.48 -1.56
C ASP C 77 -27.55 14.20 -2.31
N HIS C 78 -28.44 13.21 -2.32
CA HIS C 78 -28.19 11.92 -3.01
C HIS C 78 -28.10 12.15 -4.53
N LEU C 79 -28.99 12.97 -5.07
CA LEU C 79 -28.97 13.30 -6.51
C LEU C 79 -27.66 14.03 -6.84
N ASP C 80 -27.24 14.97 -5.99
CA ASP C 80 -25.96 15.71 -6.17
C ASP C 80 -24.82 14.69 -6.27
N ARG C 81 -24.74 13.78 -5.30
CA ARG C 81 -23.63 12.81 -5.20
C ARG C 81 -23.69 11.87 -6.41
N PHE C 82 -24.89 11.50 -6.83
CA PHE C 82 -25.06 10.57 -7.98
C PHE C 82 -24.50 11.21 -9.25
N GLU C 83 -24.83 12.49 -9.47
CA GLU C 83 -24.39 13.18 -10.71
C GLU C 83 -22.87 13.28 -10.68
N LYS C 84 -22.28 13.56 -9.51
CA LYS C 84 -20.81 13.67 -9.38
C LYS C 84 -20.19 12.30 -9.66
N SER C 85 -20.76 11.23 -9.10
CA SER C 85 -20.27 9.85 -9.30
C SER C 85 -20.30 9.50 -10.80
N CYS C 86 -21.42 9.78 -11.46
CA CYS C 86 -21.58 9.54 -12.92
C CYS C 86 -20.46 10.27 -13.68
N ALA C 87 -20.21 11.53 -13.35
CA ALA C 87 -19.18 12.37 -14.03
C ALA C 87 -17.80 11.72 -13.87
N GLN C 88 -17.45 11.28 -12.66
CA GLN C 88 -16.10 10.74 -12.39
C GLN C 88 -15.89 9.47 -13.25
N LEU C 89 -16.94 8.69 -13.50
CA LEU C 89 -16.83 7.46 -14.31
C LEU C 89 -17.15 7.73 -15.78
N ARG C 90 -17.25 8.98 -16.18
CA ARG C 90 -17.62 9.39 -17.56
C ARG C 90 -18.89 8.65 -18.00
N LEU C 91 -19.89 8.61 -17.12
CA LEU C 91 -21.23 8.08 -17.44
C LEU C 91 -22.18 9.28 -17.56
N LYS C 92 -23.14 9.18 -18.46
CA LYS C 92 -24.18 10.22 -18.66
C LYS C 92 -25.54 9.52 -18.60
N SER C 93 -26.35 9.84 -17.60
CA SER C 93 -27.67 9.20 -17.39
C SER C 93 -28.54 9.50 -18.61
N PRO C 94 -29.20 8.49 -19.23
CA PRO C 94 -30.19 8.76 -20.27
C PRO C 94 -31.38 9.54 -19.71
N LEU C 95 -31.58 9.54 -18.39
CA LEU C 95 -32.67 10.33 -17.75
C LEU C 95 -32.05 11.51 -17.03
N SER C 96 -32.59 12.70 -17.28
CA SER C 96 -32.21 13.94 -16.56
C SER C 96 -32.45 13.75 -15.05
N ARG C 97 -31.74 14.56 -14.27
CA ARG C 97 -31.92 14.64 -12.80
C ARG C 97 -33.41 14.83 -12.51
N GLU C 98 -34.07 15.75 -13.22
CA GLU C 98 -35.49 16.12 -13.02
C GLU C 98 -36.38 14.90 -13.27
N GLU C 99 -36.10 14.12 -14.33
CA GLU C 99 -36.90 12.92 -14.66
C GLU C 99 -36.69 11.86 -13.57
N ILE C 100 -35.47 11.65 -13.12
CA ILE C 100 -35.17 10.64 -12.06
C ILE C 100 -35.98 10.99 -10.81
N ARG C 101 -35.94 12.25 -10.37
CA ARG C 101 -36.68 12.69 -9.17
C ARG C 101 -38.18 12.42 -9.38
N ASP C 102 -38.74 12.88 -10.50
CA ASP C 102 -40.18 12.72 -10.83
C ASP C 102 -40.55 11.23 -10.74
N ARG C 103 -39.77 10.37 -11.38
CA ARG C 103 -40.09 8.92 -11.48
C ARG C 103 -39.90 8.28 -10.11
N LEU C 104 -38.90 8.67 -9.33
CA LEU C 104 -38.70 8.04 -8.00
C LEU C 104 -39.90 8.37 -7.11
N VAL C 105 -40.42 9.59 -7.18
CA VAL C 105 -41.62 10.01 -6.39
C VAL C 105 -42.83 9.25 -6.91
N GLU C 106 -43.03 9.23 -8.24
CA GLU C 106 -44.15 8.49 -8.86
C GLU C 106 -44.10 7.04 -8.36
N MET C 107 -42.95 6.38 -8.42
CA MET C 107 -42.80 4.94 -8.09
C MET C 107 -43.17 4.72 -6.62
N THR C 108 -42.80 5.66 -5.75
CA THR C 108 -43.10 5.57 -4.30
C THR C 108 -44.63 5.64 -4.10
N VAL C 109 -45.27 6.66 -4.67
CA VAL C 109 -46.76 6.84 -4.53
C VAL C 109 -47.45 5.61 -5.13
N LYS C 110 -47.01 5.19 -6.31
CA LYS C 110 -47.63 4.06 -7.05
C LYS C 110 -47.51 2.75 -6.26
N SER C 111 -46.46 2.61 -5.44
CA SER C 111 -46.16 1.36 -4.68
C SER C 111 -46.98 1.32 -3.39
N GLY C 112 -47.33 2.49 -2.83
CA GLY C 112 -47.93 2.61 -1.50
C GLY C 112 -46.92 2.42 -0.38
N ILE C 113 -45.66 2.13 -0.71
CA ILE C 113 -44.56 1.97 0.27
C ILE C 113 -44.31 3.35 0.88
N ARG C 114 -44.36 3.45 2.22
CA ARG C 114 -44.14 4.74 2.94
C ARG C 114 -42.81 4.71 3.71
N ASP C 115 -42.18 3.54 3.87
CA ASP C 115 -40.80 3.43 4.39
C ASP C 115 -40.02 2.62 3.35
N ALA C 116 -39.18 3.31 2.59
CA ALA C 116 -38.62 2.74 1.34
C ALA C 116 -37.09 2.84 1.34
N TYR C 117 -36.48 1.82 0.75
CA TYR C 117 -35.09 1.84 0.26
C TYR C 117 -35.16 2.09 -1.24
N VAL C 118 -34.59 3.19 -1.69
CA VAL C 118 -34.67 3.66 -3.10
C VAL C 118 -33.28 3.51 -3.75
N MET C 119 -33.26 3.15 -5.01
CA MET C 119 -32.02 2.94 -5.77
C MET C 119 -32.11 3.62 -7.14
N MET C 120 -31.07 4.35 -7.49
CA MET C 120 -30.84 4.86 -8.86
C MET C 120 -29.50 4.27 -9.30
N ILE C 121 -29.47 3.64 -10.46
CA ILE C 121 -28.25 3.00 -11.03
C ILE C 121 -28.05 3.51 -12.44
N VAL C 122 -26.80 3.83 -12.80
CA VAL C 122 -26.43 4.06 -14.22
C VAL C 122 -25.30 3.12 -14.58
N THR C 123 -25.47 2.34 -15.62
CA THR C 123 -24.42 1.41 -16.12
C THR C 123 -23.91 1.89 -17.48
N ARG C 124 -22.78 1.33 -17.90
CA ARG C 124 -22.11 1.71 -19.16
C ARG C 124 -23.03 1.36 -20.33
N GLY C 125 -23.88 0.33 -20.20
CA GLY C 125 -24.73 -0.18 -21.28
C GLY C 125 -24.11 -1.41 -21.93
N LEU C 126 -24.31 -1.63 -23.23
CA LEU C 126 -23.86 -2.88 -23.91
C LEU C 126 -22.44 -2.75 -24.44
N ARG C 127 -21.97 -1.52 -24.66
CA ARG C 127 -20.61 -1.25 -25.21
C ARG C 127 -19.63 -1.00 -24.04
N PHE C 128 -18.42 -1.57 -24.09
CA PHE C 128 -17.36 -1.42 -23.05
C PHE C 128 -16.29 -0.45 -23.57
N VAL C 129 -15.45 0.02 -22.63
CA VAL C 129 -14.56 1.20 -22.78
C VAL C 129 -13.21 0.80 -23.43
N ARG C 130 -12.97 -0.47 -23.72
CA ARG C 130 -11.72 -0.87 -24.44
C ARG C 130 -11.90 -0.55 -25.93
N GLN C 131 -13.01 -1.05 -26.52
CA GLN C 131 -13.32 -0.90 -27.96
C GLN C 131 -13.78 0.54 -28.26
N TYR C 132 -14.55 1.14 -27.36
CA TYR C 132 -15.19 2.47 -27.59
C TYR C 132 -14.79 3.46 -26.50
N ALA C 133 -14.70 4.73 -26.88
CA ALA C 133 -14.61 5.85 -25.92
C ALA C 133 -15.91 5.87 -25.12
N PRO C 134 -15.86 6.26 -23.83
CA PRO C 134 -17.06 6.38 -23.00
C PRO C 134 -18.15 7.26 -23.65
N GLU C 135 -17.75 8.27 -24.44
CA GLU C 135 -18.66 9.24 -25.11
C GLU C 135 -19.51 8.52 -26.19
N GLU C 136 -19.04 7.38 -26.72
CA GLU C 136 -19.74 6.61 -27.78
C GLU C 136 -20.69 5.57 -27.17
N CYS C 137 -20.66 5.37 -25.85
CA CYS C 137 -21.50 4.34 -25.17
C CYS C 137 -22.87 4.95 -24.79
N ASP C 138 -23.95 4.21 -25.09
CA ASP C 138 -25.35 4.55 -24.67
C ASP C 138 -25.58 3.93 -23.30
N ASN C 139 -25.53 4.74 -22.25
CA ASN C 139 -25.57 4.27 -20.84
C ASN C 139 -27.03 3.95 -20.50
N PHE C 140 -27.23 3.00 -19.59
CA PHE C 140 -28.57 2.62 -19.07
C PHE C 140 -28.81 3.26 -17.71
N CYS C 141 -30.09 3.48 -17.38
CA CYS C 141 -30.53 3.90 -16.04
C CYS C 141 -31.60 2.93 -15.55
N TYR C 142 -31.44 2.43 -14.33
CA TYR C 142 -32.44 1.58 -13.64
C TYR C 142 -32.84 2.30 -12.36
N LEU C 143 -34.12 2.31 -12.05
CA LEU C 143 -34.66 2.86 -10.79
C LEU C 143 -35.40 1.75 -10.05
N MET C 144 -35.32 1.75 -8.72
CA MET C 144 -36.01 0.74 -7.86
C MET C 144 -36.53 1.44 -6.61
N VAL C 145 -37.73 1.07 -6.17
CA VAL C 145 -38.27 1.47 -4.84
C VAL C 145 -38.75 0.19 -4.17
N MET C 146 -38.28 -0.07 -2.95
CA MET C 146 -38.60 -1.31 -2.23
C MET C 146 -38.78 -1.00 -0.75
N PRO C 147 -39.36 -1.94 0.04
CA PRO C 147 -39.48 -1.76 1.48
C PRO C 147 -38.11 -1.50 2.13
N TYR C 148 -38.11 -0.53 3.05
CA TYR C 148 -36.92 -0.08 3.80
C TYR C 148 -36.17 -1.30 4.34
N LEU C 149 -34.84 -1.27 4.19
CA LEU C 149 -33.94 -2.37 4.63
C LEU C 149 -33.15 -1.90 5.85
N TRP C 150 -32.86 -2.82 6.77
CA TRP C 150 -32.12 -2.53 8.01
C TRP C 150 -30.80 -3.29 7.99
N VAL C 151 -29.68 -2.57 7.92
CA VAL C 151 -28.34 -3.20 8.16
C VAL C 151 -28.29 -3.65 9.63
N MET C 152 -28.89 -2.85 10.52
CA MET C 152 -29.06 -3.20 11.96
C MET C 152 -30.54 -2.99 12.31
N ASP C 153 -31.21 -4.05 12.73
CA ASP C 153 -32.68 -4.03 13.00
C ASP C 153 -32.96 -3.46 14.39
N GLU C 154 -34.24 -3.26 14.71
CA GLU C 154 -34.71 -2.72 16.01
C GLU C 154 -34.07 -3.51 17.15
N ALA C 155 -34.23 -4.84 17.16
CA ALA C 155 -33.75 -5.70 18.27
C ALA C 155 -32.28 -5.40 18.56
N THR C 156 -31.45 -5.28 17.51
CA THR C 156 -30.00 -5.11 17.66
C THR C 156 -29.68 -3.67 18.08
N GLN C 157 -30.44 -2.69 17.61
CA GLN C 157 -30.18 -1.27 17.94
C GLN C 157 -30.36 -1.05 19.45
N LYS C 158 -31.26 -1.82 20.08
CA LYS C 158 -31.63 -1.59 21.50
C LYS C 158 -30.36 -1.68 22.35
N ASN C 159 -29.59 -2.74 22.15
CA ASN C 159 -28.39 -3.02 23.00
C ASN C 159 -27.11 -2.93 22.17
N GLY C 160 -27.21 -2.62 20.87
CA GLY C 160 -26.02 -2.41 20.02
C GLY C 160 -25.52 -3.70 19.40
N GLY C 161 -24.81 -3.58 18.28
CA GLY C 161 -24.31 -4.73 17.51
C GLY C 161 -22.88 -5.04 17.83
N SER C 162 -22.34 -6.05 17.15
CA SER C 162 -20.95 -6.52 17.32
C SER C 162 -20.16 -6.31 16.01
N ALA C 163 -18.89 -5.98 16.14
CA ALA C 163 -18.01 -5.73 14.97
C ALA C 163 -16.65 -6.31 15.26
N VAL C 164 -15.88 -6.49 14.19
CA VAL C 164 -14.42 -6.72 14.30
C VAL C 164 -13.72 -5.75 13.36
N ILE C 165 -12.49 -5.39 13.72
CA ILE C 165 -11.59 -4.64 12.82
C ILE C 165 -10.97 -5.78 12.02
N THR C 166 -11.11 -5.79 10.70
CA THR C 166 -10.76 -6.94 9.84
C THR C 166 -9.25 -7.12 9.88
N ARG C 167 -8.80 -8.35 9.90
CA ARG C 167 -7.36 -8.69 9.88
C ARG C 167 -7.08 -9.61 8.69
N THR C 168 -8.08 -10.14 7.99
CA THR C 168 -7.87 -10.99 6.79
C THR C 168 -8.03 -10.19 5.50
N VAL C 169 -8.47 -8.94 5.59
CA VAL C 169 -8.81 -8.10 4.41
C VAL C 169 -8.65 -6.63 4.80
N ARG C 170 -8.23 -5.79 3.86
CA ARG C 170 -8.12 -4.33 4.02
C ARG C 170 -8.95 -3.66 2.92
N ARG C 171 -9.15 -2.36 3.04
CA ARG C 171 -10.02 -1.59 2.10
C ARG C 171 -9.28 -1.43 0.76
N VAL C 172 -10.03 -1.51 -0.33
CA VAL C 172 -9.53 -1.09 -1.68
C VAL C 172 -9.04 0.34 -1.58
N PRO C 173 -7.77 0.64 -1.93
CA PRO C 173 -7.24 2.00 -1.76
C PRO C 173 -7.80 2.92 -2.84
N PRO C 174 -7.93 4.22 -2.56
CA PRO C 174 -8.59 5.14 -3.51
C PRO C 174 -7.89 5.20 -4.88
N GLY C 175 -6.59 4.97 -4.93
CA GLY C 175 -5.81 4.97 -6.18
C GLY C 175 -6.06 3.73 -7.03
N ALA C 176 -6.81 2.77 -6.53
CA ALA C 176 -7.28 1.61 -7.33
C ALA C 176 -8.73 1.83 -7.73
N ILE C 177 -9.59 2.08 -6.74
CA ILE C 177 -11.04 2.38 -6.94
C ILE C 177 -11.40 3.53 -6.01
N ASP C 178 -11.97 4.59 -6.57
CA ASP C 178 -12.30 5.80 -5.80
C ASP C 178 -13.52 5.52 -4.92
N PRO C 179 -13.37 5.50 -3.58
CA PRO C 179 -14.49 5.21 -2.71
C PRO C 179 -15.49 6.36 -2.56
N THR C 180 -15.16 7.55 -3.05
CA THR C 180 -16.11 8.72 -3.06
C THR C 180 -17.11 8.52 -4.19
N VAL C 181 -16.82 7.61 -5.11
CA VAL C 181 -17.73 7.24 -6.22
C VAL C 181 -18.44 5.95 -5.81
N LYS C 182 -19.69 6.06 -5.38
CA LYS C 182 -20.41 4.92 -4.78
C LYS C 182 -20.50 3.81 -5.83
N ASN C 183 -20.04 2.60 -5.47
CA ASN C 183 -19.91 1.48 -6.43
C ASN C 183 -20.26 0.15 -5.76
N LEU C 184 -20.45 -0.89 -6.58
CA LEU C 184 -20.93 -2.21 -6.13
C LEU C 184 -19.80 -3.24 -6.23
N GLN C 185 -18.56 -2.78 -6.30
CA GLN C 185 -17.37 -3.68 -6.38
C GLN C 185 -16.93 -3.98 -4.95
N TRP C 186 -17.68 -4.86 -4.28
CA TRP C 186 -17.66 -5.10 -2.82
C TRP C 186 -16.74 -6.26 -2.45
N GLY C 187 -15.77 -6.59 -3.29
CA GLY C 187 -14.85 -7.72 -3.04
C GLY C 187 -14.23 -7.64 -1.65
N ASP C 188 -13.85 -6.45 -1.18
CA ASP C 188 -13.25 -6.29 0.17
C ASP C 188 -14.33 -6.42 1.24
N PHE C 189 -15.43 -5.67 1.12
CA PHE C 189 -16.55 -5.72 2.09
C PHE C 189 -17.10 -7.14 2.22
N THR C 190 -17.24 -7.86 1.10
CA THR C 190 -17.79 -9.24 1.11
C THR C 190 -16.85 -10.13 1.92
N ARG C 191 -15.54 -10.01 1.69
CA ARG C 191 -14.53 -10.76 2.49
C ARG C 191 -14.67 -10.39 3.96
N GLY C 192 -14.88 -9.09 4.22
CA GLY C 192 -15.06 -8.55 5.59
C GLY C 192 -16.24 -9.19 6.29
N LEU C 193 -17.37 -9.32 5.62
CA LEU C 193 -18.60 -9.91 6.19
C LEU C 193 -18.37 -11.38 6.52
N MET C 194 -17.66 -12.10 5.65
CA MET C 194 -17.34 -13.52 5.89
C MET C 194 -16.40 -13.60 7.11
N GLU C 195 -15.42 -12.73 7.21
CA GLU C 195 -14.48 -12.73 8.35
C GLU C 195 -15.26 -12.42 9.64
N ALA C 196 -16.15 -11.44 9.62
CA ALA C 196 -16.96 -11.07 10.81
C ALA C 196 -17.69 -12.32 11.29
N ARG C 197 -18.38 -13.00 10.39
CA ARG C 197 -19.17 -14.21 10.74
C ARG C 197 -18.21 -15.28 11.28
N ASP C 198 -17.06 -15.50 10.65
CA ASP C 198 -16.07 -16.50 11.15
C ASP C 198 -15.69 -16.17 12.60
N ARG C 199 -15.64 -14.90 12.98
CA ARG C 199 -15.15 -14.46 14.31
C ARG C 199 -16.34 -14.16 15.24
N GLY C 200 -17.54 -14.61 14.89
CA GLY C 200 -18.75 -14.47 15.73
C GLY C 200 -19.18 -13.02 15.90
N ALA C 201 -19.00 -12.18 14.88
CA ALA C 201 -19.46 -10.80 14.92
C ALA C 201 -20.36 -10.52 13.71
N MET C 202 -21.16 -9.46 13.81
CA MET C 202 -22.16 -9.11 12.79
C MET C 202 -21.48 -8.36 11.63
N TYR C 203 -20.57 -7.43 11.92
CA TYR C 203 -20.11 -6.41 10.95
C TYR C 203 -18.59 -6.31 10.93
N PRO C 204 -17.99 -5.99 9.76
CA PRO C 204 -16.59 -5.65 9.67
C PRO C 204 -16.32 -4.14 9.68
N ILE C 205 -15.17 -3.74 10.23
CA ILE C 205 -14.58 -2.40 10.05
C ILE C 205 -13.25 -2.63 9.35
N LEU C 206 -13.08 -2.10 8.15
CA LEU C 206 -11.86 -2.36 7.34
C LEU C 206 -10.85 -1.24 7.61
N THR C 207 -9.58 -1.60 7.73
CA THR C 207 -8.50 -0.59 7.81
C THR C 207 -8.07 -0.23 6.39
N ASP C 208 -7.31 0.85 6.27
CA ASP C 208 -6.70 1.29 5.00
C ASP C 208 -5.41 0.50 4.73
N GLY C 209 -5.07 -0.47 5.56
CA GLY C 209 -3.80 -1.20 5.39
C GLY C 209 -2.62 -0.35 5.83
N ASP C 210 -2.86 0.80 6.47
CA ASP C 210 -1.81 1.72 6.95
C ASP C 210 -2.13 2.11 8.40
N ALA C 211 -2.82 1.25 9.14
CA ALA C 211 -3.15 1.42 10.58
C ALA C 211 -4.17 2.54 10.81
N ASN C 212 -5.03 2.86 9.84
CA ASN C 212 -6.19 3.78 10.07
C ASN C 212 -7.49 3.04 9.79
N LEU C 213 -8.60 3.51 10.39
CA LEU C 213 -9.94 2.97 10.09
C LEU C 213 -10.43 3.62 8.79
N THR C 214 -11.25 2.88 8.03
CA THR C 214 -11.95 3.46 6.85
C THR C 214 -13.48 3.46 6.99
N GLU C 215 -14.11 2.35 6.63
CA GLU C 215 -15.58 2.19 6.66
C GLU C 215 -15.90 0.70 6.70
N GLY C 216 -17.17 0.37 6.84
CA GLY C 216 -17.60 -1.04 6.87
C GLY C 216 -18.35 -1.43 5.62
N SER C 217 -19.03 -2.56 5.67
CA SER C 217 -19.79 -3.08 4.51
C SER C 217 -21.08 -2.29 4.28
N GLY C 218 -20.96 -1.10 3.72
CA GLY C 218 -22.13 -0.26 3.41
C GLY C 218 -22.46 0.73 4.49
N PHE C 219 -21.45 1.21 5.23
CA PHE C 219 -21.72 2.17 6.33
C PHE C 219 -20.43 2.88 6.75
N ASN C 220 -20.57 4.14 7.12
CA ASN C 220 -19.45 4.93 7.67
C ASN C 220 -19.32 4.60 9.16
N VAL C 221 -18.17 4.94 9.74
CA VAL C 221 -17.84 4.65 11.15
C VAL C 221 -17.57 5.97 11.85
N ILE C 222 -18.12 6.13 13.06
CA ILE C 222 -17.86 7.31 13.93
C ILE C 222 -17.44 6.79 15.30
N LEU C 223 -16.25 7.15 15.78
CA LEU C 223 -15.84 6.86 17.17
C LEU C 223 -16.19 8.05 18.04
N ILE C 224 -16.56 7.80 19.28
CA ILE C 224 -16.90 8.86 20.26
C ILE C 224 -16.05 8.66 21.49
N LYS C 225 -15.29 9.68 21.87
CA LYS C 225 -14.42 9.64 23.07
C LYS C 225 -14.44 11.01 23.73
N ASP C 226 -14.64 11.02 25.05
CA ASP C 226 -14.63 12.24 25.90
C ASP C 226 -15.53 13.28 25.25
N GLY C 227 -16.68 12.86 24.71
CA GLY C 227 -17.71 13.80 24.21
C GLY C 227 -17.45 14.29 22.79
N LYS C 228 -16.40 13.79 22.13
CA LYS C 228 -16.01 14.27 20.77
C LYS C 228 -16.20 13.13 19.76
N LEU C 229 -16.64 13.46 18.55
CA LEU C 229 -16.80 12.50 17.43
C LEU C 229 -15.54 12.51 16.56
N TYR C 230 -15.11 11.32 16.15
CA TYR C 230 -14.00 11.14 15.20
C TYR C 230 -14.49 10.23 14.07
N THR C 231 -14.31 10.64 12.82
CA THR C 231 -14.72 9.83 11.65
C THR C 231 -13.70 10.00 10.54
N PRO C 232 -13.32 8.90 9.84
CA PRO C 232 -12.31 8.97 8.79
C PRO C 232 -12.68 9.90 7.62
N ARG C 233 -11.68 10.60 7.11
CA ARG C 233 -11.82 11.51 5.95
C ARG C 233 -11.56 10.74 4.65
N LYS C 234 -10.41 10.08 4.54
CA LYS C 234 -10.00 9.40 3.28
C LYS C 234 -10.41 7.94 3.27
N GLY C 235 -10.52 7.38 2.08
CA GLY C 235 -10.71 5.94 1.87
C GLY C 235 -12.15 5.52 2.03
N VAL C 236 -13.08 6.46 2.11
CA VAL C 236 -14.51 6.14 2.44
C VAL C 236 -15.46 6.95 1.56
N LEU C 237 -16.69 6.49 1.45
CA LEU C 237 -17.79 7.32 0.89
C LEU C 237 -18.10 8.47 1.84
N GLU C 238 -18.33 9.66 1.29
CA GLU C 238 -18.82 10.83 2.04
C GLU C 238 -20.32 10.65 2.25
N GLY C 239 -20.69 9.93 3.30
CA GLY C 239 -22.07 9.48 3.55
C GLY C 239 -23.01 10.64 3.87
N VAL C 240 -24.23 10.56 3.37
CA VAL C 240 -25.31 11.54 3.67
C VAL C 240 -25.76 11.33 5.12
N THR C 241 -25.78 10.09 5.60
CA THR C 241 -26.09 9.78 7.01
C THR C 241 -25.01 10.41 7.90
N ARG C 242 -23.74 10.26 7.51
CA ARG C 242 -22.61 10.86 8.27
C ARG C 242 -22.81 12.38 8.31
N LYS C 243 -23.09 12.98 7.17
CA LYS C 243 -23.33 14.44 7.08
C LYS C 243 -24.44 14.83 8.08
N SER C 244 -25.56 14.09 8.06
CA SER C 244 -26.75 14.39 8.89
C SER C 244 -26.37 14.28 10.37
N VAL C 245 -25.65 13.23 10.75
CA VAL C 245 -25.32 12.97 12.18
C VAL C 245 -24.38 14.09 12.66
N LEU C 246 -23.48 14.53 11.80
CA LEU C 246 -22.51 15.59 12.16
C LEU C 246 -23.23 16.94 12.30
N ALA C 247 -24.21 17.23 11.45
CA ALA C 247 -25.06 18.44 11.59
C ALA C 247 -25.83 18.38 12.92
N VAL C 248 -26.38 17.23 13.27
CA VAL C 248 -27.10 17.05 14.56
C VAL C 248 -26.10 17.28 15.69
N ALA C 249 -24.91 16.71 15.57
CA ALA C 249 -23.86 16.83 16.61
C ALA C 249 -23.56 18.31 16.83
N GLU C 250 -23.43 19.08 15.75
CA GLU C 250 -23.14 20.53 15.81
C GLU C 250 -24.23 21.21 16.64
N LYS C 251 -25.51 20.95 16.35
CA LYS C 251 -26.67 21.58 17.06
C LYS C 251 -26.60 21.25 18.55
N LEU C 252 -26.18 20.01 18.88
CA LEU C 252 -26.18 19.52 20.29
C LEU C 252 -24.90 19.93 21.02
N GLY C 253 -23.93 20.55 20.32
CA GLY C 253 -22.67 21.04 20.91
C GLY C 253 -21.65 19.92 21.10
N TYR C 254 -21.74 18.84 20.32
CA TYR C 254 -20.71 17.77 20.29
C TYR C 254 -19.68 18.14 19.23
N PRO C 255 -18.39 18.40 19.62
CA PRO C 255 -17.37 18.68 18.63
C PRO C 255 -17.06 17.40 17.83
N TYR C 256 -16.70 17.59 16.57
CA TYR C 256 -16.30 16.48 15.68
C TYR C 256 -15.12 16.89 14.81
N THR C 257 -14.42 15.88 14.30
CA THR C 257 -13.29 16.01 13.36
C THR C 257 -13.43 14.93 12.28
N ILE C 258 -13.29 15.35 11.02
CA ILE C 258 -13.22 14.43 9.85
C ILE C 258 -11.76 14.39 9.42
N ASP C 259 -11.07 13.32 9.81
CA ASP C 259 -9.60 13.23 9.67
C ASP C 259 -9.22 11.76 9.88
N ASP C 260 -7.93 11.46 9.74
CA ASP C 260 -7.39 10.11 9.97
C ASP C 260 -7.86 9.66 11.36
N VAL C 261 -8.35 8.43 11.46
CA VAL C 261 -8.72 7.79 12.75
C VAL C 261 -7.82 6.57 12.92
N PRO C 262 -6.73 6.68 13.70
CA PRO C 262 -5.86 5.54 13.91
C PRO C 262 -6.63 4.37 14.53
N VAL C 263 -6.26 3.16 14.17
CA VAL C 263 -6.91 1.91 14.65
C VAL C 263 -6.95 1.95 16.19
N GLU C 264 -5.89 2.41 16.83
CA GLU C 264 -5.77 2.37 18.32
C GLU C 264 -7.01 3.02 18.95
N LEU C 265 -7.52 4.08 18.36
CA LEU C 265 -8.61 4.87 18.97
C LEU C 265 -9.89 4.03 19.06
N ALA C 266 -10.08 3.05 18.18
CA ALA C 266 -11.26 2.14 18.22
C ALA C 266 -11.28 1.40 19.58
N TYR C 267 -10.11 1.06 20.11
CA TYR C 267 -9.97 0.27 21.37
C TYR C 267 -9.98 1.16 22.60
N GLN C 268 -9.95 2.49 22.45
CA GLN C 268 -9.87 3.41 23.60
C GLN C 268 -11.11 4.29 23.69
N CYS C 269 -12.08 4.16 22.78
CA CYS C 269 -13.21 5.12 22.69
C CYS C 269 -14.31 4.72 23.69
N ASP C 270 -15.32 5.57 23.82
CA ASP C 270 -16.47 5.38 24.76
C ASP C 270 -17.67 4.79 24.02
N GLU C 271 -17.95 5.24 22.79
CA GLU C 271 -19.06 4.71 21.96
C GLU C 271 -18.59 4.55 20.51
N ILE C 272 -19.25 3.66 19.78
CA ILE C 272 -19.08 3.49 18.30
C ILE C 272 -20.45 3.55 17.63
N LEU C 273 -20.58 4.38 16.60
CA LEU C 273 -21.75 4.42 15.69
C LEU C 273 -21.34 3.92 14.31
N PHE C 274 -22.16 3.08 13.71
CA PHE C 274 -22.19 2.87 12.24
C PHE C 274 -23.36 3.67 11.69
N VAL C 275 -23.17 4.32 10.54
CA VAL C 275 -24.21 5.21 9.95
C VAL C 275 -24.35 4.85 8.49
N THR C 276 -25.58 4.78 8.01
CA THR C 276 -25.92 4.48 6.60
C THR C 276 -27.38 4.80 6.36
N THR C 277 -27.75 4.99 5.09
CA THR C 277 -29.17 5.25 4.72
C THR C 277 -30.03 4.03 5.10
N ALA C 278 -29.51 2.82 4.95
CA ALA C 278 -30.29 1.58 5.19
C ALA C 278 -30.15 1.18 6.66
N GLY C 279 -30.76 1.96 7.56
CA GLY C 279 -30.79 1.65 9.00
C GLY C 279 -30.59 2.87 9.87
N GLY C 280 -29.96 3.92 9.33
CA GLY C 280 -29.75 5.20 10.02
C GLY C 280 -28.58 5.11 10.98
N VAL C 281 -28.83 5.35 12.26
CA VAL C 281 -27.80 5.40 13.33
C VAL C 281 -27.82 4.04 14.04
N MET C 282 -26.67 3.36 14.05
CA MET C 282 -26.57 1.94 14.43
C MET C 282 -25.45 1.79 15.46
N PRO C 283 -25.76 1.80 16.76
CA PRO C 283 -24.72 1.70 17.78
C PRO C 283 -24.06 0.31 17.82
N ILE C 284 -22.77 0.31 18.16
CA ILE C 284 -21.93 -0.91 18.26
C ILE C 284 -21.35 -0.96 19.68
N THR C 285 -21.64 -2.04 20.39
CA THR C 285 -21.32 -2.17 21.83
C THR C 285 -20.33 -3.30 22.07
N THR C 286 -20.02 -4.11 21.06
CA THR C 286 -18.96 -5.14 21.13
C THR C 286 -17.98 -4.92 19.97
N LEU C 287 -16.67 -4.89 20.29
CA LEU C 287 -15.59 -4.83 19.27
C LEU C 287 -14.54 -5.89 19.56
N ASP C 288 -14.26 -6.75 18.59
CA ASP C 288 -13.27 -7.86 18.72
C ASP C 288 -13.59 -8.65 20.00
N GLY C 289 -14.87 -8.90 20.25
CA GLY C 289 -15.33 -9.76 21.36
C GLY C 289 -15.30 -9.09 22.71
N GLN C 290 -15.06 -7.78 22.78
CA GLN C 290 -14.90 -7.06 24.07
C GLN C 290 -15.87 -5.89 24.09
N PRO C 291 -16.31 -5.46 25.29
CA PRO C 291 -17.22 -4.31 25.38
C PRO C 291 -16.56 -3.06 24.82
N VAL C 292 -17.38 -2.25 24.16
CA VAL C 292 -17.03 -0.84 23.83
C VAL C 292 -17.37 -0.01 25.06
N GLY C 293 -16.38 0.61 25.70
CA GLY C 293 -16.58 1.37 26.95
C GLY C 293 -17.25 0.49 28.00
N ASP C 294 -18.44 0.88 28.50
CA ASP C 294 -19.18 0.13 29.56
C ASP C 294 -20.07 -0.97 28.96
N GLY C 295 -19.99 -1.21 27.65
CA GLY C 295 -20.75 -2.27 26.96
C GLY C 295 -22.18 -1.85 26.66
N GLN C 296 -22.56 -0.60 27.00
CA GLN C 296 -23.97 -0.11 26.83
C GLN C 296 -24.04 0.82 25.63
N VAL C 297 -25.22 0.95 25.04
CA VAL C 297 -25.49 2.05 24.08
C VAL C 297 -25.36 3.35 24.89
N GLY C 298 -24.48 4.24 24.44
CA GLY C 298 -24.10 5.42 25.24
C GLY C 298 -25.07 6.55 25.02
N PRO C 299 -24.98 7.60 25.87
CA PRO C 299 -25.93 8.71 25.81
C PRO C 299 -25.75 9.56 24.55
N ILE C 300 -24.53 9.66 24.01
CA ILE C 300 -24.28 10.53 22.83
C ILE C 300 -24.87 9.81 21.61
N SER C 301 -24.69 8.49 21.52
CA SER C 301 -25.30 7.65 20.44
C SER C 301 -26.82 7.88 20.45
N LYS C 302 -27.44 7.80 21.63
CA LYS C 302 -28.92 7.93 21.76
C LYS C 302 -29.35 9.33 21.31
N ALA C 303 -28.65 10.38 21.73
CA ALA C 303 -29.00 11.77 21.41
C ALA C 303 -28.85 12.00 19.90
N LEU C 304 -27.81 11.48 19.28
CA LEU C 304 -27.58 11.64 17.81
C LEU C 304 -28.62 10.82 17.05
N TRP C 305 -28.90 9.60 17.50
CA TRP C 305 -29.99 8.74 16.96
C TRP C 305 -31.29 9.56 16.92
N LYS C 306 -31.66 10.16 18.05
CA LYS C 306 -32.93 10.93 18.17
C LYS C 306 -32.90 12.12 17.20
N GLY C 307 -31.83 12.92 17.22
CA GLY C 307 -31.71 14.10 16.34
C GLY C 307 -31.83 13.72 14.87
N TYR C 308 -31.18 12.62 14.48
CA TYR C 308 -31.17 12.14 13.08
C TYR C 308 -32.62 11.89 12.64
N TRP C 309 -33.33 11.09 13.42
CA TRP C 309 -34.72 10.69 13.07
C TRP C 309 -35.66 11.88 13.18
N ASP C 310 -35.52 12.72 14.20
CA ASP C 310 -36.33 13.97 14.34
C ASP C 310 -36.19 14.79 13.06
N ALA C 311 -35.02 14.78 12.42
CA ALA C 311 -34.74 15.63 11.24
C ALA C 311 -35.47 15.12 9.99
N HIS C 312 -36.08 13.93 10.03
CA HIS C 312 -36.85 13.38 8.87
C HIS C 312 -38.20 14.07 8.71
N ALA C 313 -38.58 14.96 9.64
CA ALA C 313 -39.79 15.82 9.54
C ALA C 313 -39.42 17.24 9.09
N ASP C 314 -38.13 17.62 9.15
CA ASP C 314 -37.64 18.99 8.86
C ASP C 314 -37.96 19.31 7.41
N PRO C 315 -38.85 20.29 7.11
CA PRO C 315 -39.25 20.60 5.72
C PRO C 315 -38.07 21.01 4.83
N GLU C 316 -36.98 21.51 5.41
CA GLU C 316 -35.80 21.94 4.63
C GLU C 316 -35.01 20.71 4.16
N LEU C 317 -35.17 19.57 4.82
CA LEU C 317 -34.37 18.34 4.52
C LEU C 317 -35.24 17.23 3.93
N SER C 318 -36.57 17.40 3.92
CA SER C 318 -37.51 16.32 3.54
C SER C 318 -38.75 16.92 2.88
N PHE C 319 -39.49 16.09 2.15
CA PHE C 319 -40.80 16.45 1.55
C PHE C 319 -41.67 15.19 1.52
N ALA C 320 -42.96 15.39 1.74
CA ALA C 320 -43.98 14.32 1.66
C ALA C 320 -44.23 14.02 0.18
N VAL C 321 -44.26 12.74 -0.21
CA VAL C 321 -44.52 12.30 -1.61
C VAL C 321 -45.90 12.80 -2.10
N GLU C 322 -46.87 12.91 -1.19
CA GLU C 322 -48.27 13.34 -1.49
C GLU C 322 -48.31 14.83 -1.87
N ASP C 323 -47.31 15.61 -1.45
CA ASP C 323 -47.21 17.06 -1.68
C ASP C 323 -46.28 17.41 -2.85
N TYR C 324 -45.52 16.45 -3.38
CA TYR C 324 -44.53 16.66 -4.46
C TYR C 324 -45.18 17.17 -5.75
N ARG C 325 -44.56 18.14 -6.43
CA ARG C 325 -45.06 18.73 -7.69
C ARG C 325 -43.97 18.66 -8.76
N ALA C 326 -44.19 18.05 -9.90
CA ALA C 326 -43.17 17.90 -10.97
C ALA C 326 -43.04 19.22 -11.73
N MET D 5 19.32 40.50 -17.48
CA MET D 5 19.35 40.72 -16.01
C MET D 5 18.63 39.57 -15.31
N SER D 6 19.37 38.78 -14.52
CA SER D 6 18.87 37.60 -13.76
C SER D 6 18.17 37.94 -12.43
N TYR D 7 17.04 37.32 -12.13
CA TYR D 7 16.24 37.54 -10.88
C TYR D 7 16.96 37.01 -9.64
N THR D 8 17.90 36.08 -9.78
CA THR D 8 18.66 35.45 -8.67
C THR D 8 19.67 36.43 -8.06
N ASP D 9 20.17 37.39 -8.82
CA ASP D 9 21.16 38.41 -8.37
C ASP D 9 20.64 39.13 -7.11
N HIS D 10 19.32 39.27 -6.97
CA HIS D 10 18.64 39.97 -5.84
C HIS D 10 19.25 39.57 -4.48
N ILE D 11 19.70 38.32 -4.31
CA ILE D 11 20.26 37.82 -3.01
C ILE D 11 21.69 37.31 -3.22
N PHE D 12 21.99 36.73 -4.39
CA PHE D 12 23.25 35.98 -4.62
C PHE D 12 24.44 36.94 -4.71
N ASP D 13 24.26 38.14 -5.28
CA ASP D 13 25.33 39.17 -5.32
C ASP D 13 25.89 39.34 -3.90
N ASP D 14 25.03 39.75 -2.97
CA ASP D 14 25.43 40.02 -1.57
C ASP D 14 25.95 38.74 -0.90
N TYR D 15 25.39 37.59 -1.20
CA TYR D 15 25.79 36.34 -0.52
C TYR D 15 27.15 35.86 -1.00
N ARG D 16 27.47 36.11 -2.27
CA ARG D 16 28.76 35.70 -2.89
C ARG D 16 29.90 36.53 -2.28
N LEU D 17 29.59 37.73 -1.82
CA LEU D 17 30.53 38.65 -1.16
C LEU D 17 30.80 38.17 0.25
N ARG D 18 29.75 37.78 0.96
CA ARG D 18 29.81 37.35 2.38
C ARG D 18 30.58 36.04 2.50
N VAL D 19 30.41 35.13 1.56
CA VAL D 19 31.15 33.84 1.56
C VAL D 19 32.63 34.09 1.36
N LYS D 20 32.98 34.93 0.39
CA LYS D 20 34.39 35.31 0.08
C LYS D 20 35.05 35.73 1.39
N ALA D 21 34.42 36.66 2.10
CA ALA D 21 34.83 37.16 3.42
C ALA D 21 35.04 36.00 4.38
N LEU D 22 34.11 35.06 4.46
CA LEU D 22 34.18 33.89 5.37
C LEU D 22 35.32 32.94 4.97
N GLU D 23 35.55 32.73 3.69
CA GLU D 23 36.63 31.81 3.20
C GLU D 23 38.01 32.41 3.50
N ALA D 24 38.09 33.73 3.72
CA ALA D 24 39.33 34.45 4.11
C ALA D 24 39.56 34.38 5.62
N SER D 25 38.52 34.08 6.42
CA SER D 25 38.55 34.04 7.91
C SER D 25 39.49 32.93 8.39
N ASP D 26 40.23 33.20 9.48
CA ASP D 26 41.20 32.23 10.09
C ASP D 26 40.53 31.56 11.30
N ASN D 27 39.35 32.02 11.71
CA ASN D 27 38.53 31.42 12.80
C ASN D 27 38.50 29.90 12.66
N PRO D 28 38.93 29.13 13.67
CA PRO D 28 38.95 27.67 13.58
C PRO D 28 37.56 27.01 13.49
N PHE D 29 36.48 27.79 13.70
CA PHE D 29 35.06 27.34 13.65
C PHE D 29 34.37 27.82 12.36
N ALA D 30 35.11 28.49 11.47
CA ALA D 30 34.53 29.08 10.25
C ALA D 30 34.04 27.98 9.31
N LYS D 31 34.59 26.77 9.41
CA LYS D 31 34.15 25.62 8.58
C LYS D 31 32.96 24.92 9.24
N GLY D 32 32.59 25.35 10.46
CA GLY D 32 31.50 24.71 11.20
C GLY D 32 31.90 24.34 12.60
N ILE D 33 30.88 24.26 13.47
CA ILE D 33 31.08 23.97 14.92
C ILE D 33 29.98 23.02 15.37
N ALA D 34 30.35 22.06 16.20
CA ALA D 34 29.44 21.05 16.75
C ALA D 34 29.47 21.14 18.28
N TYR D 35 28.30 21.00 18.91
CA TYR D 35 28.18 20.73 20.36
C TYR D 35 28.07 19.21 20.55
N ILE D 36 29.06 18.63 21.23
CA ILE D 36 29.07 17.18 21.61
C ILE D 36 29.45 17.05 23.09
N ALA D 37 28.53 16.56 23.93
CA ALA D 37 28.79 16.30 25.37
C ALA D 37 29.42 17.54 26.03
N GLY D 38 28.74 18.69 25.94
CA GLY D 38 29.03 19.95 26.63
C GLY D 38 30.26 20.64 26.10
N GLU D 39 30.84 20.14 25.00
CA GLU D 39 32.07 20.69 24.39
C GLU D 39 31.74 21.19 22.98
N TYR D 40 32.34 22.31 22.60
CA TYR D 40 32.36 22.81 21.21
C TYR D 40 33.59 22.22 20.50
N VAL D 41 33.37 21.67 19.32
CA VAL D 41 34.42 20.97 18.52
C VAL D 41 34.30 21.48 17.10
N PRO D 42 35.43 21.69 16.39
CA PRO D 42 35.39 21.96 14.95
C PRO D 42 34.62 20.85 14.22
N LEU D 43 33.73 21.24 13.31
CA LEU D 43 32.76 20.31 12.69
C LEU D 43 33.48 19.09 12.13
N HIS D 44 34.61 19.29 11.45
CA HIS D 44 35.28 18.20 10.70
C HIS D 44 36.07 17.30 11.66
N GLU D 45 36.24 17.70 12.92
CA GLU D 45 36.88 16.85 13.97
C GLU D 45 35.80 16.19 14.86
N ALA D 46 34.55 16.66 14.79
CA ALA D 46 33.44 16.22 15.67
C ALA D 46 33.14 14.72 15.44
N ARG D 47 33.08 13.97 16.53
CA ARG D 47 32.84 12.51 16.50
C ARG D 47 31.74 12.17 17.52
N ILE D 48 31.03 11.09 17.26
CA ILE D 48 29.98 10.53 18.16
C ILE D 48 30.33 9.07 18.44
N PRO D 49 29.88 8.53 19.59
CA PRO D 49 30.13 7.13 19.93
C PRO D 49 29.43 6.23 18.92
N ILE D 50 30.14 5.18 18.49
CA ILE D 50 29.59 4.23 17.47
C ILE D 50 28.38 3.50 18.05
N LEU D 51 28.25 3.41 19.38
CA LEU D 51 27.13 2.68 20.03
C LEU D 51 25.92 3.60 20.22
N ASP D 52 26.02 4.87 19.85
CA ASP D 52 24.84 5.77 19.83
C ASP D 52 23.75 5.11 18.98
N GLN D 53 22.56 4.97 19.53
CA GLN D 53 21.42 4.30 18.84
C GLN D 53 20.94 5.22 17.71
N GLY D 54 21.27 6.51 17.76
CA GLY D 54 21.16 7.42 16.61
C GLY D 54 21.85 6.82 15.39
N PHE D 55 22.88 6.00 15.59
CA PHE D 55 23.62 5.32 14.51
C PHE D 55 23.11 3.88 14.35
N LEU D 56 23.06 3.11 15.43
CA LEU D 56 22.84 1.64 15.36
C LEU D 56 21.39 1.31 14.97
N HIS D 57 20.46 2.25 15.09
CA HIS D 57 19.04 2.05 14.66
C HIS D 57 18.41 3.36 14.15
N SER D 58 19.22 4.32 13.71
CA SER D 58 18.74 5.66 13.25
C SER D 58 17.59 6.13 14.16
N ASP D 59 17.79 5.96 15.46
CA ASP D 59 16.74 6.22 16.49
C ASP D 59 16.88 7.68 16.96
N LEU D 60 16.33 8.60 16.19
CA LEU D 60 16.55 10.05 16.41
C LEU D 60 15.47 10.84 15.70
N THR D 61 15.39 12.11 16.01
CA THR D 61 14.73 13.12 15.17
C THR D 61 15.66 14.32 15.12
N TYR D 62 15.39 15.24 14.21
CA TYR D 62 16.25 16.41 13.99
C TYR D 62 15.38 17.54 13.44
N ASP D 63 15.97 18.72 13.39
CA ASP D 63 15.38 19.85 12.64
C ASP D 63 16.50 20.76 12.14
N VAL D 64 16.19 21.55 11.12
CA VAL D 64 17.21 22.39 10.42
C VAL D 64 16.62 23.77 10.18
N PRO D 65 16.94 24.75 11.05
CA PRO D 65 16.72 26.15 10.70
C PRO D 65 17.94 26.68 9.94
N ALA D 66 17.84 27.90 9.42
CA ALA D 66 18.95 28.55 8.70
C ALA D 66 19.19 29.97 9.24
N VAL D 67 20.43 30.41 9.13
CA VAL D 67 20.82 31.84 9.34
C VAL D 67 21.13 32.43 7.97
N TRP D 68 20.57 33.61 7.68
CA TRP D 68 20.79 34.31 6.40
C TRP D 68 21.17 35.76 6.68
N ASN D 69 22.32 36.19 6.15
CA ASN D 69 22.87 37.56 6.36
C ASN D 69 22.86 37.86 7.86
N GLY D 70 23.19 36.87 8.71
CA GLY D 70 23.29 37.03 10.18
C GLY D 70 21.94 37.03 10.88
N ARG D 71 20.84 36.70 10.20
CA ARG D 71 19.50 36.62 10.84
C ARG D 71 18.98 35.19 10.78
N PHE D 72 18.69 34.58 11.94
CA PHE D 72 17.89 33.34 12.03
C PHE D 72 16.51 33.62 11.41
N PHE D 73 15.98 32.64 10.69
CA PHE D 73 14.64 32.72 10.05
C PHE D 73 13.73 31.66 10.65
N ARG D 74 12.65 32.11 11.29
CA ARG D 74 11.56 31.25 11.82
C ARG D 74 12.15 30.18 12.73
N LEU D 75 13.14 30.53 13.56
CA LEU D 75 13.78 29.55 14.46
C LEU D 75 12.71 28.99 15.40
N GLU D 76 11.75 29.79 15.85
CA GLU D 76 10.71 29.35 16.82
C GLU D 76 9.85 28.25 16.18
N ASP D 77 9.55 28.34 14.88
CA ASP D 77 8.75 27.33 14.15
C ASP D 77 9.54 26.02 14.13
N HIS D 78 10.84 26.08 13.88
CA HIS D 78 11.70 24.86 13.85
C HIS D 78 11.77 24.24 15.23
N LEU D 79 11.94 25.06 16.27
CA LEU D 79 11.99 24.59 17.67
C LEU D 79 10.64 23.95 18.02
N ASP D 80 9.53 24.57 17.62
CA ASP D 80 8.16 24.04 17.86
C ASP D 80 8.10 22.62 17.26
N ARG D 81 8.48 22.48 15.99
CA ARG D 81 8.34 21.19 15.28
C ARG D 81 9.30 20.19 15.90
N PHE D 82 10.49 20.62 16.31
CA PHE D 82 11.49 19.71 16.91
C PHE D 82 10.93 19.10 18.20
N GLU D 83 10.33 19.95 19.05
CA GLU D 83 9.79 19.47 20.35
C GLU D 83 8.65 18.50 20.07
N LYS D 84 7.82 18.80 19.06
CA LYS D 84 6.70 17.90 18.67
C LYS D 84 7.27 16.56 18.20
N SER D 85 8.31 16.59 17.35
CA SER D 85 8.97 15.39 16.79
C SER D 85 9.53 14.55 17.93
N CYS D 86 10.23 15.19 18.87
CA CYS D 86 10.81 14.51 20.06
C CYS D 86 9.70 13.78 20.81
N ALA D 87 8.58 14.45 21.07
CA ALA D 87 7.46 13.88 21.84
C ALA D 87 6.91 12.66 21.10
N GLN D 88 6.72 12.75 19.78
CA GLN D 88 6.13 11.63 18.99
C GLN D 88 7.00 10.38 19.16
N LEU D 89 8.31 10.53 19.23
CA LEU D 89 9.24 9.38 19.32
C LEU D 89 9.57 9.07 20.79
N ARG D 90 8.91 9.75 21.74
CA ARG D 90 9.16 9.55 23.20
C ARG D 90 10.66 9.80 23.47
N LEU D 91 11.19 10.85 22.86
CA LEU D 91 12.54 11.37 23.17
C LEU D 91 12.37 12.61 24.03
N LYS D 92 13.26 12.79 24.99
CA LYS D 92 13.34 14.04 25.78
C LYS D 92 14.76 14.59 25.63
N SER D 93 14.89 15.77 25.03
CA SER D 93 16.19 16.47 24.87
C SER D 93 16.80 16.69 26.25
N PRO D 94 18.08 16.32 26.48
CA PRO D 94 18.75 16.70 27.72
C PRO D 94 18.96 18.22 27.79
N LEU D 95 18.85 18.94 26.67
CA LEU D 95 18.92 20.42 26.68
C LEU D 95 17.51 20.97 26.47
N SER D 96 17.10 21.89 27.33
CA SER D 96 15.80 22.59 27.22
C SER D 96 15.73 23.32 25.87
N ARG D 97 14.52 23.64 25.43
CA ARG D 97 14.28 24.53 24.28
C ARG D 97 15.15 25.78 24.40
N GLU D 98 15.15 26.42 25.58
CA GLU D 98 15.84 27.72 25.80
C GLU D 98 17.35 27.50 25.69
N GLU D 99 17.87 26.37 26.19
CA GLU D 99 19.32 26.06 26.11
C GLU D 99 19.71 25.85 24.64
N ILE D 100 18.90 25.10 23.89
CA ILE D 100 19.21 24.83 22.46
C ILE D 100 19.30 26.16 21.71
N ARG D 101 18.32 27.04 21.92
CA ARG D 101 18.31 28.35 21.24
C ARG D 101 19.59 29.12 21.61
N ASP D 102 19.89 29.24 22.90
CA ASP D 102 21.06 30.01 23.40
C ASP D 102 22.32 29.48 22.72
N ARG D 103 22.50 28.16 22.75
CA ARG D 103 23.73 27.53 22.22
C ARG D 103 23.78 27.67 20.69
N LEU D 104 22.65 27.53 19.99
CA LEU D 104 22.66 27.66 18.51
C LEU D 104 23.13 29.07 18.13
N VAL D 105 22.65 30.09 18.85
CA VAL D 105 23.03 31.51 18.57
C VAL D 105 24.51 31.69 18.94
N GLU D 106 24.91 31.22 20.12
CA GLU D 106 26.32 31.29 20.57
C GLU D 106 27.22 30.66 19.49
N MET D 107 26.89 29.47 19.00
CA MET D 107 27.78 28.75 18.05
C MET D 107 27.86 29.54 16.73
N THR D 108 26.77 30.19 16.33
CA THR D 108 26.74 31.04 15.11
C THR D 108 27.71 32.21 15.29
N VAL D 109 27.58 32.96 16.39
CA VAL D 109 28.45 34.14 16.67
C VAL D 109 29.90 33.66 16.78
N LYS D 110 30.14 32.57 17.49
CA LYS D 110 31.51 32.04 17.73
C LYS D 110 32.14 31.60 16.39
N SER D 111 31.33 31.15 15.42
CA SER D 111 31.81 30.64 14.11
C SER D 111 32.07 31.80 13.15
N GLY D 112 31.31 32.88 13.28
CA GLY D 112 31.36 34.06 12.40
C GLY D 112 30.56 33.86 11.11
N ILE D 113 29.90 32.73 10.91
CA ILE D 113 29.16 32.39 9.66
C ILE D 113 27.92 33.28 9.55
N ARG D 114 27.70 33.94 8.43
CA ARG D 114 26.52 34.82 8.21
C ARG D 114 25.40 34.09 7.46
N ASP D 115 25.73 33.04 6.71
CA ASP D 115 24.76 32.20 5.98
C ASP D 115 24.98 30.78 6.47
N ALA D 116 24.17 30.29 7.38
CA ALA D 116 24.44 28.98 7.99
C ALA D 116 23.32 27.96 7.75
N TYR D 117 23.71 26.69 7.67
CA TYR D 117 22.86 25.48 7.78
C TYR D 117 23.01 24.98 9.20
N VAL D 118 21.92 25.00 9.96
CA VAL D 118 21.93 24.68 11.42
C VAL D 118 21.20 23.35 11.64
N MET D 119 21.68 22.59 12.60
CA MET D 119 21.16 21.22 12.84
C MET D 119 21.03 21.02 14.36
N MET D 120 19.83 20.68 14.83
CA MET D 120 19.59 20.19 16.21
C MET D 120 19.12 18.75 16.09
N ILE D 121 19.82 17.84 16.75
CA ILE D 121 19.54 16.38 16.68
C ILE D 121 19.35 15.86 18.10
N VAL D 122 18.37 14.99 18.32
CA VAL D 122 18.27 14.22 19.58
C VAL D 122 18.21 12.74 19.23
N THR D 123 19.06 11.92 19.82
CA THR D 123 19.08 10.46 19.62
C THR D 123 18.69 9.75 20.91
N ARG D 124 18.38 8.46 20.79
CA ARG D 124 17.96 7.61 21.92
C ARG D 124 19.07 7.56 22.97
N GLY D 125 20.33 7.66 22.56
CA GLY D 125 21.50 7.45 23.43
C GLY D 125 22.05 6.04 23.31
N LEU D 126 22.57 5.47 24.39
CA LEU D 126 23.32 4.18 24.32
C LEU D 126 22.38 2.99 24.54
N ARG D 127 21.19 3.22 25.09
CA ARG D 127 20.21 2.13 25.36
C ARG D 127 19.17 2.08 24.25
N PHE D 128 18.73 0.88 23.89
CA PHE D 128 17.64 0.69 22.89
C PHE D 128 16.34 0.30 23.60
N VAL D 129 15.22 0.47 22.88
CA VAL D 129 13.84 0.44 23.47
C VAL D 129 13.28 -1.00 23.44
N ARG D 130 14.07 -2.00 23.03
CA ARG D 130 13.68 -3.43 23.18
C ARG D 130 13.86 -3.85 24.64
N GLN D 131 15.08 -3.64 25.19
CA GLN D 131 15.46 -4.09 26.56
C GLN D 131 14.91 -3.08 27.58
N TYR D 132 14.78 -1.80 27.21
CA TYR D 132 14.42 -0.70 28.13
C TYR D 132 13.15 0.02 27.66
N ALA D 133 12.32 0.43 28.61
CA ALA D 133 11.23 1.40 28.37
C ALA D 133 11.89 2.71 27.92
N PRO D 134 11.24 3.48 27.02
CA PRO D 134 11.83 4.73 26.51
C PRO D 134 12.20 5.72 27.62
N GLU D 135 11.47 5.70 28.74
CA GLU D 135 11.63 6.62 29.90
C GLU D 135 12.93 6.28 30.65
N GLU D 136 13.46 5.05 30.50
CA GLU D 136 14.73 4.57 31.12
C GLU D 136 15.95 5.00 30.28
N CYS D 137 15.76 5.49 29.07
CA CYS D 137 16.85 5.92 28.14
C CYS D 137 17.25 7.38 28.41
N ASP D 138 18.55 7.65 28.58
CA ASP D 138 19.14 9.01 28.68
C ASP D 138 19.53 9.44 27.26
N ASN D 139 18.72 10.32 26.67
CA ASN D 139 18.83 10.70 25.24
C ASN D 139 19.98 11.70 25.10
N PHE D 140 20.60 11.73 23.92
CA PHE D 140 21.70 12.67 23.57
C PHE D 140 21.15 13.82 22.74
N CYS D 141 21.81 14.97 22.83
CA CYS D 141 21.56 16.14 21.96
C CYS D 141 22.85 16.56 21.28
N TYR D 142 22.80 16.68 19.96
CA TYR D 142 23.92 17.16 19.13
C TYR D 142 23.46 18.43 18.42
N LEU D 143 24.31 19.45 18.42
CA LEU D 143 24.04 20.71 17.67
C LEU D 143 25.19 20.90 16.67
N MET D 144 24.88 21.41 15.49
CA MET D 144 25.87 21.75 14.45
C MET D 144 25.48 23.07 13.79
N VAL D 145 26.47 23.90 13.51
CA VAL D 145 26.33 25.13 12.68
C VAL D 145 27.40 25.03 11.61
N MET D 146 27.01 25.10 10.33
CA MET D 146 27.95 24.97 9.20
C MET D 146 27.57 25.99 8.13
N PRO D 147 28.45 26.22 7.13
CA PRO D 147 28.10 27.11 6.03
C PRO D 147 26.85 26.62 5.29
N TYR D 148 25.97 27.55 4.94
CA TYR D 148 24.69 27.30 4.23
C TYR D 148 24.92 26.33 3.06
N LEU D 149 24.04 25.34 2.94
CA LEU D 149 24.09 24.30 1.88
C LEU D 149 22.95 24.56 0.90
N TRP D 150 23.18 24.27 -0.38
CA TRP D 150 22.21 24.50 -1.47
C TRP D 150 21.82 23.16 -2.07
N VAL D 151 20.55 22.77 -1.92
CA VAL D 151 20.01 21.62 -2.69
C VAL D 151 19.96 22.03 -4.17
N MET D 152 19.66 23.29 -4.44
CA MET D 152 19.76 23.89 -5.80
C MET D 152 20.61 25.18 -5.71
N ASP D 153 21.73 25.21 -6.43
CA ASP D 153 22.70 26.34 -6.37
C ASP D 153 22.22 27.50 -7.26
N GLU D 154 22.91 28.63 -7.16
CA GLU D 154 22.64 29.85 -7.95
C GLU D 154 22.47 29.51 -9.44
N ALA D 155 23.48 28.87 -10.02
CA ALA D 155 23.54 28.59 -11.47
C ALA D 155 22.26 27.88 -11.91
N THR D 156 21.81 26.90 -11.14
CA THR D 156 20.64 26.05 -11.49
C THR D 156 19.34 26.84 -11.31
N GLN D 157 19.27 27.71 -10.30
CA GLN D 157 18.03 28.47 -10.03
C GLN D 157 17.74 29.40 -11.21
N LYS D 158 18.75 29.89 -11.92
CA LYS D 158 18.54 30.91 -12.98
C LYS D 158 17.64 30.35 -14.08
N ASN D 159 17.85 29.10 -14.47
CA ASN D 159 17.06 28.47 -15.58
C ASN D 159 16.17 27.35 -15.03
N GLY D 160 16.29 27.01 -13.75
CA GLY D 160 15.49 25.94 -13.12
C GLY D 160 16.16 24.59 -13.25
N GLY D 161 15.79 23.67 -12.36
CA GLY D 161 16.39 22.32 -12.29
C GLY D 161 15.54 21.29 -12.99
N SER D 162 16.02 20.06 -12.97
CA SER D 162 15.37 18.89 -13.62
C SER D 162 14.98 17.87 -12.56
N ALA D 163 13.84 17.22 -12.77
CA ALA D 163 13.33 16.20 -11.83
C ALA D 163 12.71 15.05 -12.61
N VAL D 164 12.52 13.94 -11.92
CA VAL D 164 11.65 12.85 -12.42
C VAL D 164 10.69 12.45 -11.30
N ILE D 165 9.49 12.01 -11.69
CA ILE D 165 8.55 11.30 -10.79
C ILE D 165 9.06 9.86 -10.74
N THR D 166 9.45 9.40 -9.57
CA THR D 166 10.17 8.12 -9.42
C THR D 166 9.22 6.99 -9.83
N ARG D 167 9.76 5.99 -10.51
CA ARG D 167 9.00 4.80 -10.90
C ARG D 167 9.67 3.53 -10.35
N THR D 168 10.88 3.62 -9.78
CA THR D 168 11.56 2.44 -9.19
C THR D 168 11.42 2.43 -7.66
N VAL D 169 10.83 3.48 -7.09
CA VAL D 169 10.69 3.63 -5.62
C VAL D 169 9.48 4.53 -5.34
N ARG D 170 8.80 4.28 -4.21
CA ARG D 170 7.69 5.11 -3.70
C ARG D 170 8.07 5.57 -2.28
N ARG D 171 7.31 6.49 -1.75
CA ARG D 171 7.53 7.08 -0.41
C ARG D 171 7.19 6.05 0.66
N VAL D 172 7.98 5.99 1.71
CA VAL D 172 7.64 5.23 2.95
C VAL D 172 6.29 5.76 3.45
N PRO D 173 5.28 4.88 3.63
CA PRO D 173 3.94 5.32 4.01
C PRO D 173 3.91 5.75 5.47
N PRO D 174 3.01 6.67 5.85
CA PRO D 174 2.95 7.18 7.22
C PRO D 174 2.73 6.11 8.29
N GLY D 175 2.04 5.02 7.95
CA GLY D 175 1.77 3.92 8.89
C GLY D 175 3.00 3.02 9.07
N ALA D 176 4.09 3.29 8.36
CA ALA D 176 5.38 2.62 8.63
C ALA D 176 6.28 3.58 9.41
N ILE D 177 6.48 4.77 8.86
CA ILE D 177 7.29 5.85 9.50
C ILE D 177 6.53 7.15 9.29
N ASP D 178 6.26 7.88 10.38
CA ASP D 178 5.49 9.15 10.33
C ASP D 178 6.35 10.22 9.66
N PRO D 179 5.97 10.69 8.45
CA PRO D 179 6.80 11.66 7.74
C PRO D 179 6.70 13.07 8.32
N THR D 180 5.76 13.33 9.23
CA THR D 180 5.63 14.66 9.89
C THR D 180 6.69 14.73 10.99
N VAL D 181 7.30 13.61 11.34
CA VAL D 181 8.39 13.55 12.35
C VAL D 181 9.70 13.48 11.58
N LYS D 182 10.41 14.60 11.50
CA LYS D 182 11.59 14.73 10.61
CA LYS D 182 11.58 14.73 10.60
C LYS D 182 12.61 13.68 11.04
N ASN D 183 13.05 12.85 10.11
CA ASN D 183 13.93 11.70 10.41
C ASN D 183 14.96 11.53 9.28
N LEU D 184 15.99 10.73 9.54
CA LEU D 184 17.15 10.57 8.63
C LEU D 184 17.13 9.17 8.05
N GLN D 185 15.97 8.51 8.06
CA GLN D 185 15.80 7.17 7.47
C GLN D 185 15.41 7.34 6.00
N TRP D 186 16.42 7.64 5.19
CA TRP D 186 16.28 8.16 3.80
C TRP D 186 16.37 7.04 2.77
N GLY D 187 16.10 5.79 3.16
CA GLY D 187 16.17 4.62 2.24
C GLY D 187 15.43 4.89 0.93
N ASP D 188 14.26 5.50 0.99
CA ASP D 188 13.45 5.75 -0.22
C ASP D 188 14.05 6.94 -0.99
N PHE D 189 14.29 8.05 -0.32
CA PHE D 189 14.89 9.26 -0.93
C PHE D 189 16.23 8.92 -1.59
N THR D 190 17.05 8.11 -0.95
CA THR D 190 18.39 7.75 -1.49
C THR D 190 18.17 6.96 -2.78
N ARG D 191 17.26 6.00 -2.80
CA ARG D 191 16.91 5.25 -4.04
C ARG D 191 16.46 6.26 -5.10
N GLY D 192 15.65 7.25 -4.69
CA GLY D 192 15.13 8.30 -5.58
C GLY D 192 16.25 9.11 -6.23
N LEU D 193 17.25 9.52 -5.46
CA LEU D 193 18.40 10.30 -5.96
C LEU D 193 19.20 9.48 -6.98
N MET D 194 19.36 8.19 -6.71
CA MET D 194 20.07 7.28 -7.64
C MET D 194 19.24 7.13 -8.91
N GLU D 195 17.92 6.99 -8.81
CA GLU D 195 17.04 6.85 -9.99
C GLU D 195 17.12 8.13 -10.81
N ALA D 196 17.07 9.29 -10.16
CA ALA D 196 17.14 10.58 -10.87
C ALA D 196 18.42 10.62 -11.71
N ARG D 197 19.56 10.31 -11.10
CA ARG D 197 20.86 10.31 -11.80
C ARG D 197 20.80 9.30 -12.95
N ASP D 198 20.27 8.09 -12.73
CA ASP D 198 20.16 7.09 -13.82
C ASP D 198 19.38 7.68 -15.01
N ARG D 199 18.38 8.52 -14.75
CA ARG D 199 17.46 9.02 -15.81
C ARG D 199 17.87 10.42 -16.26
N GLY D 200 19.11 10.84 -15.95
CA GLY D 200 19.67 12.14 -16.38
C GLY D 200 18.95 13.32 -15.75
N ALA D 201 18.49 13.22 -14.51
CA ALA D 201 17.84 14.35 -13.81
C ALA D 201 18.51 14.59 -12.47
N MET D 202 18.33 15.80 -11.93
CA MET D 202 18.95 16.20 -10.63
C MET D 202 18.20 15.61 -9.44
N TYR D 203 16.86 15.63 -9.46
CA TYR D 203 16.04 15.44 -8.24
C TYR D 203 14.92 14.43 -8.45
N PRO D 204 14.54 13.65 -7.42
CA PRO D 204 13.36 12.81 -7.49
C PRO D 204 12.14 13.49 -6.86
N ILE D 205 10.97 13.18 -7.42
CA ILE D 205 9.65 13.40 -6.77
C ILE D 205 9.05 12.03 -6.55
N LEU D 206 8.82 11.66 -5.28
CA LEU D 206 8.31 10.30 -4.95
C LEU D 206 6.78 10.37 -4.90
N THR D 207 6.11 9.35 -5.43
CA THR D 207 4.66 9.15 -5.27
C THR D 207 4.41 8.40 -3.95
N ASP D 208 3.15 8.38 -3.53
CA ASP D 208 2.70 7.61 -2.35
C ASP D 208 2.42 6.16 -2.76
N GLY D 209 2.67 5.78 -4.01
CA GLY D 209 2.32 4.42 -4.48
C GLY D 209 0.81 4.26 -4.65
N ASP D 210 0.05 5.34 -4.59
CA ASP D 210 -1.42 5.34 -4.81
C ASP D 210 -1.78 6.46 -5.79
N ALA D 211 -0.85 6.80 -6.69
CA ALA D 211 -1.06 7.78 -7.79
C ALA D 211 -1.18 9.21 -7.26
N ASN D 212 -0.60 9.54 -6.11
CA ASN D 212 -0.49 10.95 -5.63
C ASN D 212 0.99 11.32 -5.45
N LEU D 213 1.32 12.59 -5.53
CA LEU D 213 2.69 13.08 -5.30
C LEU D 213 2.91 13.27 -3.80
N THR D 214 4.09 12.98 -3.28
CA THR D 214 4.43 13.25 -1.86
C THR D 214 5.43 14.39 -1.69
N GLU D 215 6.72 14.13 -1.68
CA GLU D 215 7.81 15.12 -1.51
C GLU D 215 9.05 14.49 -2.12
N GLY D 216 10.13 15.21 -2.18
CA GLY D 216 11.34 14.58 -2.69
C GLY D 216 12.38 14.46 -1.61
N SER D 217 13.62 14.30 -2.01
CA SER D 217 14.73 14.02 -1.07
C SER D 217 15.13 15.31 -0.34
N GLY D 218 14.38 15.68 0.70
CA GLY D 218 14.69 16.86 1.53
C GLY D 218 13.97 18.12 1.12
N PHE D 219 12.82 18.02 0.46
CA PHE D 219 12.08 19.23 0.02
C PHE D 219 10.63 18.88 -0.23
N ASN D 220 9.76 19.86 -0.04
CA ASN D 220 8.33 19.75 -0.39
C ASN D 220 8.19 20.13 -1.87
N VAL D 221 7.05 19.78 -2.44
CA VAL D 221 6.70 20.07 -3.85
C VAL D 221 5.46 20.95 -3.86
N ILE D 222 5.48 21.95 -4.73
CA ILE D 222 4.31 22.82 -5.00
C ILE D 222 4.10 22.87 -6.51
N LEU D 223 2.92 22.47 -7.00
CA LEU D 223 2.56 22.69 -8.43
C LEU D 223 1.80 24.01 -8.53
N ILE D 224 1.98 24.72 -9.64
CA ILE D 224 1.26 25.97 -9.93
C ILE D 224 0.56 25.81 -11.29
N LYS D 225 -0.75 26.01 -11.31
CA LYS D 225 -1.55 25.94 -12.54
C LYS D 225 -2.64 27.02 -12.46
N ASP D 226 -2.76 27.80 -13.54
CA ASP D 226 -3.78 28.88 -13.71
C ASP D 226 -3.78 29.71 -12.43
N GLY D 227 -2.60 30.04 -11.91
CA GLY D 227 -2.45 31.00 -10.81
C GLY D 227 -2.70 30.41 -9.44
N LYS D 228 -2.95 29.09 -9.34
CA LYS D 228 -3.27 28.42 -8.04
C LYS D 228 -2.12 27.49 -7.69
N LEU D 229 -1.79 27.43 -6.40
CA LEU D 229 -0.75 26.54 -5.84
C LEU D 229 -1.41 25.27 -5.32
N TYR D 230 -0.82 24.11 -5.62
CA TYR D 230 -1.28 22.79 -5.12
C TYR D 230 -0.07 22.10 -4.48
N THR D 231 -0.22 21.63 -3.25
CA THR D 231 0.87 20.93 -2.53
C THR D 231 0.27 19.79 -1.71
N PRO D 232 0.92 18.60 -1.69
CA PRO D 232 0.43 17.47 -0.92
C PRO D 232 0.27 17.77 0.56
N ARG D 233 -0.77 17.19 1.15
CA ARG D 233 -1.05 17.29 2.60
C ARG D 233 -0.38 16.11 3.30
N LYS D 234 -0.70 14.89 2.90
CA LYS D 234 -0.29 13.66 3.61
C LYS D 234 0.97 13.09 2.97
N GLY D 235 1.70 12.30 3.75
CA GLY D 235 2.89 11.56 3.30
C GLY D 235 4.10 12.46 3.29
N VAL D 236 4.05 13.67 3.88
CA VAL D 236 5.16 14.64 3.73
C VAL D 236 5.45 15.31 5.07
N LEU D 237 6.66 15.85 5.19
CA LEU D 237 7.00 16.79 6.27
C LEU D 237 6.26 18.11 6.02
N GLU D 238 5.72 18.68 7.09
CA GLU D 238 5.02 19.99 7.04
C GLU D 238 6.11 21.05 7.10
N GLY D 239 6.66 21.39 5.93
CA GLY D 239 7.87 22.23 5.82
C GLY D 239 7.64 23.66 6.29
N VAL D 240 8.63 24.24 6.95
CA VAL D 240 8.65 25.67 7.35
C VAL D 240 8.82 26.52 6.08
N THR D 241 9.58 26.02 5.10
CA THR D 241 9.72 26.70 3.80
C THR D 241 8.35 26.73 3.11
N ARG D 242 7.65 25.60 3.11
CA ARG D 242 6.30 25.51 2.51
C ARG D 242 5.40 26.52 3.22
N LYS D 243 5.42 26.56 4.55
CA LYS D 243 4.60 27.51 5.32
C LYS D 243 4.90 28.94 4.85
N SER D 244 6.18 29.29 4.74
CA SER D 244 6.63 30.65 4.37
C SER D 244 6.11 30.99 2.96
N VAL D 245 6.25 30.06 2.02
CA VAL D 245 5.91 30.32 0.60
C VAL D 245 4.40 30.49 0.49
N LEU D 246 3.64 29.72 1.25
CA LEU D 246 2.16 29.80 1.27
C LEU D 246 1.72 31.11 1.90
N ALA D 247 2.39 31.60 2.95
CA ALA D 247 2.10 32.91 3.54
C ALA D 247 2.36 34.00 2.50
N VAL D 248 3.47 33.89 1.76
CA VAL D 248 3.89 34.84 0.69
C VAL D 248 2.86 34.76 -0.44
N ALA D 249 2.27 33.58 -0.65
CA ALA D 249 1.25 33.30 -1.69
C ALA D 249 -0.09 33.93 -1.28
N GLU D 250 -0.49 33.74 -0.02
CA GLU D 250 -1.76 34.28 0.55
C GLU D 250 -1.72 35.82 0.46
N LYS D 251 -0.62 36.42 0.91
CA LYS D 251 -0.38 37.89 0.89
C LYS D 251 -0.37 38.42 -0.55
N LEU D 252 0.09 37.67 -1.55
CA LEU D 252 0.14 38.16 -2.95
C LEU D 252 -1.19 37.92 -3.67
N GLY D 253 -2.13 37.22 -3.06
CA GLY D 253 -3.45 36.95 -3.65
C GLY D 253 -3.46 35.72 -4.53
N TYR D 254 -2.47 34.85 -4.39
CA TYR D 254 -2.42 33.54 -5.09
C TYR D 254 -3.14 32.50 -4.23
N PRO D 255 -4.26 31.90 -4.70
CA PRO D 255 -4.95 30.85 -3.95
C PRO D 255 -4.06 29.61 -3.88
N TYR D 256 -4.16 28.90 -2.77
CA TYR D 256 -3.42 27.63 -2.58
C TYR D 256 -4.32 26.60 -1.91
N THR D 257 -3.94 25.34 -2.06
CA THR D 257 -4.63 24.19 -1.43
C THR D 257 -3.60 23.19 -0.94
N ILE D 258 -3.75 22.76 0.31
CA ILE D 258 -2.95 21.66 0.91
C ILE D 258 -3.85 20.43 0.93
N ASP D 259 -3.67 19.53 -0.03
CA ASP D 259 -4.58 18.37 -0.23
C ASP D 259 -3.89 17.38 -1.15
N ASP D 260 -4.54 16.26 -1.43
CA ASP D 260 -4.04 15.26 -2.42
C ASP D 260 -3.68 16.00 -3.70
N VAL D 261 -2.53 15.68 -4.26
CA VAL D 261 -2.08 16.16 -5.59
C VAL D 261 -1.89 14.93 -6.47
N PRO D 262 -2.90 14.58 -7.30
CA PRO D 262 -2.75 13.44 -8.20
C PRO D 262 -1.56 13.63 -9.14
N VAL D 263 -0.88 12.53 -9.45
CA VAL D 263 0.34 12.53 -10.29
C VAL D 263 0.04 13.27 -11.61
N GLU D 264 -1.13 13.06 -12.18
CA GLU D 264 -1.47 13.61 -13.53
C GLU D 264 -1.22 15.12 -13.54
N LEU D 265 -1.50 15.80 -12.43
CA LEU D 265 -1.43 17.27 -12.38
C LEU D 265 0.02 17.77 -12.59
N ALA D 266 1.02 16.96 -12.25
CA ALA D 266 2.45 17.28 -12.48
C ALA D 266 2.71 17.52 -13.97
N TYR D 267 2.02 16.79 -14.85
CA TYR D 267 2.23 16.85 -16.31
C TYR D 267 1.38 17.96 -16.94
N GLN D 268 0.47 18.58 -16.20
CA GLN D 268 -0.49 19.57 -16.78
C GLN D 268 -0.27 20.95 -16.15
N CYS D 269 0.69 21.11 -15.24
CA CYS D 269 0.84 22.38 -14.49
C CYS D 269 1.67 23.36 -15.32
N ASP D 270 1.75 24.61 -14.85
CA ASP D 270 2.46 25.73 -15.53
C ASP D 270 3.86 25.90 -14.93
N GLU D 271 3.98 25.77 -13.61
CA GLU D 271 5.28 25.90 -12.89
C GLU D 271 5.37 24.84 -11.79
N ILE D 272 6.59 24.48 -11.42
CA ILE D 272 6.89 23.58 -10.27
C ILE D 272 7.93 24.24 -9.38
N LEU D 273 7.66 24.30 -8.08
CA LEU D 273 8.65 24.71 -7.05
C LEU D 273 8.99 23.49 -6.19
N PHE D 274 10.27 23.34 -5.89
CA PHE D 274 10.74 22.60 -4.70
C PHE D 274 11.07 23.61 -3.62
N VAL D 275 10.70 23.33 -2.38
CA VAL D 275 10.94 24.27 -1.26
C VAL D 275 11.61 23.49 -0.13
N THR D 276 12.63 24.09 0.47
CA THR D 276 13.36 23.50 1.61
C THR D 276 14.19 24.59 2.29
N THR D 277 14.55 24.37 3.54
CA THR D 277 15.41 25.32 4.28
C THR D 277 16.78 25.44 3.57
N ALA D 278 17.31 24.32 3.06
CA ALA D 278 18.65 24.28 2.44
C ALA D 278 18.55 24.63 0.95
N GLY D 279 18.24 25.88 0.64
CA GLY D 279 18.15 26.36 -0.77
C GLY D 279 17.00 27.33 -0.99
N GLY D 280 15.96 27.25 -0.17
CA GLY D 280 14.80 28.14 -0.26
C GLY D 280 13.82 27.72 -1.33
N VAL D 281 13.55 28.62 -2.27
CA VAL D 281 12.61 28.39 -3.41
C VAL D 281 13.43 27.95 -4.61
N MET D 282 13.10 26.78 -5.16
CA MET D 282 13.95 26.10 -6.16
C MET D 282 13.08 25.71 -7.35
N PRO D 283 13.02 26.54 -8.41
CA PRO D 283 12.15 26.24 -9.54
C PRO D 283 12.64 25.05 -10.36
N ILE D 284 11.67 24.30 -10.90
CA ILE D 284 11.92 23.07 -11.69
C ILE D 284 11.25 23.27 -13.05
N THR D 285 12.06 23.20 -14.11
CA THR D 285 11.65 23.57 -15.48
C THR D 285 11.71 22.37 -16.41
N THR D 286 12.28 21.25 -15.96
CA THR D 286 12.28 19.98 -16.72
C THR D 286 11.71 18.87 -15.82
N LEU D 287 10.74 18.09 -16.33
CA LEU D 287 10.15 16.93 -15.62
C LEU D 287 10.10 15.74 -16.58
N ASP D 288 10.70 14.63 -16.18
CA ASP D 288 10.73 13.38 -17.00
C ASP D 288 11.26 13.73 -18.39
N GLY D 289 12.26 14.62 -18.47
CA GLY D 289 12.97 14.96 -19.71
C GLY D 289 12.19 15.93 -20.60
N GLN D 290 11.08 16.51 -20.12
CA GLN D 290 10.23 17.39 -20.94
C GLN D 290 10.04 18.73 -20.24
N PRO D 291 9.76 19.80 -20.97
CA PRO D 291 9.59 21.11 -20.35
C PRO D 291 8.37 21.13 -19.43
N VAL D 292 8.51 21.84 -18.31
CA VAL D 292 7.38 22.23 -17.44
C VAL D 292 6.80 23.51 -18.04
N GLY D 293 5.56 23.46 -18.52
CA GLY D 293 4.94 24.60 -19.21
C GLY D 293 5.79 25.04 -20.39
N ASP D 294 6.24 26.30 -20.41
CA ASP D 294 7.06 26.88 -21.53
C ASP D 294 8.55 26.60 -21.32
N GLY D 295 8.95 25.82 -20.31
CA GLY D 295 10.35 25.46 -20.06
C GLY D 295 11.14 26.58 -19.39
N GLN D 296 10.48 27.69 -19.05
CA GLN D 296 11.14 28.86 -18.40
C GLN D 296 10.76 28.88 -16.92
N VAL D 297 11.59 29.52 -16.09
CA VAL D 297 11.18 29.88 -14.72
C VAL D 297 10.01 30.84 -14.84
N GLY D 298 8.89 30.53 -14.22
CA GLY D 298 7.62 31.24 -14.42
C GLY D 298 7.52 32.47 -13.53
N PRO D 299 6.55 33.36 -13.81
CA PRO D 299 6.40 34.58 -13.04
C PRO D 299 5.99 34.37 -11.58
N ILE D 300 5.19 33.35 -11.30
CA ILE D 300 4.68 33.12 -9.92
C ILE D 300 5.84 32.57 -9.08
N SER D 301 6.64 31.67 -9.66
CA SER D 301 7.88 31.15 -9.01
C SER D 301 8.77 32.32 -8.60
N LYS D 302 9.02 33.25 -9.52
CA LYS D 302 9.90 34.42 -9.27
C LYS D 302 9.31 35.29 -8.15
N ALA D 303 8.01 35.57 -8.17
CA ALA D 303 7.33 36.40 -7.16
C ALA D 303 7.44 35.75 -5.77
N LEU D 304 7.23 34.44 -5.69
CA LEU D 304 7.28 33.70 -4.40
C LEU D 304 8.72 33.64 -3.91
N TRP D 305 9.66 33.36 -4.81
CA TRP D 305 11.12 33.38 -4.55
C TRP D 305 11.48 34.72 -3.89
N LYS D 306 11.07 35.83 -4.51
CA LYS D 306 11.41 37.19 -4.02
C LYS D 306 10.80 37.40 -2.63
N GLY D 307 9.51 37.13 -2.48
CA GLY D 307 8.81 37.33 -1.21
C GLY D 307 9.43 36.52 -0.10
N TYR D 308 9.80 35.27 -0.38
CA TYR D 308 10.39 34.34 0.61
C TYR D 308 11.67 34.97 1.15
N TRP D 309 12.58 35.38 0.25
CA TRP D 309 13.89 35.93 0.66
C TRP D 309 13.71 37.30 1.31
N ASP D 310 12.84 38.15 0.77
CA ASP D 310 12.53 39.48 1.38
C ASP D 310 12.09 39.26 2.83
N ALA D 311 11.40 38.17 3.14
CA ALA D 311 10.83 37.92 4.48
C ALA D 311 11.94 37.53 5.48
N HIS D 312 13.18 37.29 5.03
CA HIS D 312 14.32 36.95 5.93
C HIS D 312 14.79 38.18 6.72
N ALA D 313 14.30 39.37 6.37
CA ALA D 313 14.58 40.65 7.09
C ALA D 313 13.40 41.05 7.98
N ASP D 314 12.20 40.46 7.83
CA ASP D 314 10.98 40.87 8.60
C ASP D 314 11.23 40.66 10.10
N PRO D 315 11.10 41.68 10.98
CA PRO D 315 11.45 41.51 12.40
C PRO D 315 10.59 40.52 13.21
N GLU D 316 9.39 40.19 12.74
CA GLU D 316 8.46 39.25 13.42
C GLU D 316 8.82 37.79 13.10
N LEU D 317 9.49 37.53 11.98
CA LEU D 317 9.86 36.15 11.54
C LEU D 317 11.37 35.90 11.57
N SER D 318 12.19 36.86 12.02
CA SER D 318 13.67 36.71 12.09
C SER D 318 14.26 37.60 13.19
N PHE D 319 15.49 37.29 13.60
CA PHE D 319 16.29 38.13 14.54
C PHE D 319 17.76 38.05 14.16
N ALA D 320 18.48 39.17 14.32
CA ALA D 320 19.93 39.24 14.08
C ALA D 320 20.68 38.58 15.24
N VAL D 321 21.65 37.71 14.98
CA VAL D 321 22.35 36.91 16.01
C VAL D 321 23.15 37.81 16.94
N GLU D 322 23.56 39.00 16.52
CA GLU D 322 24.31 39.94 17.39
C GLU D 322 23.37 40.59 18.40
N ASP D 323 22.13 40.85 18.03
CA ASP D 323 21.19 41.55 18.94
C ASP D 323 20.52 40.57 19.90
N TYR D 324 20.77 39.27 19.75
CA TYR D 324 20.20 38.25 20.66
C TYR D 324 21.05 38.18 21.92
N ARG D 325 20.43 37.94 23.08
CA ARG D 325 21.10 37.84 24.38
C ARG D 325 20.43 36.72 25.16
N ALA D 326 21.19 35.77 25.72
CA ALA D 326 20.69 34.64 26.52
C ALA D 326 19.94 35.17 27.74
N1 PLP E . 14.97 -9.63 10.41
N1 PLP E . 15.01 -9.44 10.27
C2 PLP E . 15.57 -8.45 10.48
C2 PLP E . 15.59 -8.28 10.55
C2A PLP E . 14.79 -7.23 10.16
C2A PLP E . 14.86 -7.03 10.22
C3 PLP E . 16.92 -8.36 10.85
C3 PLP E . 16.85 -8.23 11.17
O3 PLP E . 17.47 -7.13 10.89
O3 PLP E . 17.40 -7.02 11.44
C4 PLP E . 17.64 -9.51 11.16
C4 PLP E . 17.50 -9.45 11.47
C4A PLP E . 19.09 -9.35 11.45
C4A PLP E . 18.83 -9.48 12.09
O4A PLP E . 19.17 -8.92 13.09
C5 PLP E . 16.98 -10.75 11.04
C5 PLP E . 16.86 -10.65 11.14
C6 PLP E . 15.66 -10.74 10.70
C6 PLP E . 15.63 -10.60 10.57
C5A PLP E . 17.59 -12.08 11.38
C5A PLP E . 17.50 -11.97 11.47
O4P PLP E . 18.17 -12.77 10.24
O4P PLP E . 18.17 -12.57 10.32
P PLP E . 19.56 -13.59 10.51
P PLP E . 19.57 -13.38 10.60
O1P PLP E . 20.30 -13.56 9.17
O1P PLP E . 20.28 -13.41 9.25
O2P PLP E . 20.28 -12.82 11.61
O2P PLP E . 20.31 -12.57 11.64
O3P PLP E . 19.16 -14.99 10.92
O3P PLP E . 19.16 -14.76 11.07
H2A1 PLP E . 15.37 -6.44 10.25
H2A1 PLP E . 15.39 -6.26 10.48
H2A2 PLP E . 14.04 -7.15 10.77
H2A2 PLP E . 14.01 -7.01 10.69
H2A3 PLP E . 14.46 -7.28 9.25
H2A3 PLP E . 14.70 -6.99 9.26
H4A PLP E . 19.50 -10.02 11.64
H6 PLP E . 15.19 -11.60 10.65
H6 PLP E . 15.19 -11.43 10.35
H5A1 PLP E . 16.92 -12.64 11.79
H5A1 PLP E . 16.82 -12.57 11.80
H5A2 PLP E . 18.29 -11.93 12.04
H5A2 PLP E . 18.14 -11.85 12.19
CL CL F . 4.81 -15.77 -1.97
C1 GOL G . 13.16 -5.13 -3.50
O1 GOL G . 12.97 -6.48 -3.09
C2 GOL G . 12.21 -4.72 -4.60
O2 GOL G . 10.88 -4.78 -4.10
C3 GOL G . 12.56 -3.39 -5.26
O3 GOL G . 11.62 -2.35 -5.00
H11 GOL G . 14.07 -5.00 -3.78
H12 GOL G . 13.03 -4.55 -2.72
HO1 GOL G . 13.39 -6.62 -2.38
H2 GOL G . 12.30 -5.36 -5.33
HO2 GOL G . 10.58 -4.00 -3.99
H31 GOL G . 12.62 -3.53 -6.22
H32 GOL G . 13.43 -3.11 -4.95
HO3 GOL G . 10.95 -2.45 -5.50
N NO3 H . -3.88 -6.47 23.54
O1 NO3 H . -3.38 -7.50 23.03
O2 NO3 H . -3.61 -5.09 23.27
O3 NO3 H . -4.87 -6.70 24.47
C1 PEG I . 31.16 -20.82 7.06
O1 PEG I . 32.57 -21.14 7.29
C2 PEG I . 30.60 -21.36 5.76
O2 PEG I . 29.23 -20.97 5.58
C3 PEG I . 28.56 -21.60 4.47
C4 PEG I . 28.21 -23.05 4.77
O4 PEG I . 28.06 -23.85 3.59
H11 PEG I . 31.06 -19.85 7.07
H12 PEG I . 30.64 -21.17 7.80
HO1 PEG I . 32.82 -20.81 8.02
H21 PEG I . 30.67 -22.33 5.75
H22 PEG I . 31.13 -21.04 5.02
H31 PEG I . 29.13 -21.56 3.68
H32 PEG I . 27.75 -21.11 4.26
H41 PEG I . 27.38 -23.07 5.27
H42 PEG I . 28.89 -23.43 5.33
HO4 PEG I . 27.86 -24.64 3.81
N1 PLG J . -5.75 -11.16 -16.22
N1 PLG J . -5.73 -11.16 -16.14
C2 PLG J . -7.05 -10.79 -16.11
C2 PLG J . -7.03 -10.80 -16.02
C2A PLG J . -7.43 -9.68 -15.16
C2A PLG J . -7.43 -9.70 -15.07
C3 PLG J . -8.09 -11.45 -16.92
C3 PLG J . -8.06 -11.49 -16.82
O3 PLG J . -9.39 -11.08 -16.79
O3 PLG J . -9.37 -11.13 -16.69
C4 PLG J . -7.68 -12.52 -17.85
C4 PLG J . -7.63 -12.56 -17.74
C4A PLG J . -8.61 -13.31 -18.75
C4A PLG J . -8.55 -13.36 -18.64
C5 PLG J . -6.22 -12.82 -17.86
C5 PLG J . -6.18 -12.85 -17.77
C6 PLG J . -5.33 -12.13 -17.04
C6 PLG J . -5.30 -12.13 -16.95
C5A PLG J . -5.73 -13.90 -18.78
C5A PLG J . -5.69 -13.92 -18.68
OP4 PLG J . -6.15 -15.18 -18.19
OP4 PLG J . -6.14 -15.19 -18.12
P PLG J . -6.33 -16.41 -19.23
P PLG J . -6.31 -16.43 -19.15
OP1 PLG J . -7.52 -15.99 -20.11
OP1 PLG J . -7.51 -16.02 -20.03
OP2 PLG J . -4.98 -16.49 -19.93
OP2 PLG J . -4.97 -16.51 -19.86
OP3 PLG J . -6.64 -17.62 -18.35
OP3 PLG J . -6.62 -17.64 -18.26
C PLG J . -11.60 -12.02 -20.88
C PLG J . -10.13 -12.61 -21.37
O PLG J . -11.51 -11.86 -22.11
O PLG J . -9.82 -13.53 -22.14
OXT PLG J . -12.41 -11.37 -20.22
OXT PLG J . -10.02 -11.40 -21.65
CA PLG J . -10.71 -13.06 -20.20
CA PLG J . -10.67 -13.02 -20.02
N PLG J . -9.83 -12.57 -19.13
N PLG J . -9.77 -12.61 -18.94
H2A1 PLG J . -8.39 -9.54 -15.21
H2A1 PLG J . -8.39 -9.57 -15.12
H2A2 PLG J . -6.98 -8.87 -15.41
H2A2 PLG J . -6.98 -8.88 -15.33
H2A3 PLG J . -7.18 -9.93 -14.25
H2A3 PLG J . -7.17 -9.94 -14.17
H4A1 PLG J . -8.86 -14.13 -18.31
H4A1 PLG J . -8.78 -14.20 -18.21
H4A2 PLG J . -8.14 -13.55 -19.56
H4A2 PLG J . -8.09 -13.58 -19.46
H6 PLG J . -4.38 -12.34 -17.08
H6 PLG J . -4.35 -12.33 -16.99
H5A1 PLG J . -4.77 -13.86 -18.86
H5A1 PLG J . -4.73 -13.90 -18.76
H5A2 PLG J . -6.11 -13.78 -19.66
H5A2 PLG J . -6.05 -13.80 -19.57
HA2 PLG J . -10.16 -13.47 -20.89
HA2 PLG J . -10.81 -13.97 -20.00
HA1 PLG J . -11.28 -13.75 -19.85
HA1 PLG J . -11.54 -12.60 -19.88
H PLG J . -10.04 -11.85 -18.70
H PLG J . -9.96 -11.92 -18.46
C1' GAB K . -4.90 -12.32 0.62
O1' GAB K . -4.31 -11.56 1.35
O2' GAB K . -6.02 -12.65 0.80
C1 GAB K . -4.23 -12.86 -0.60
C2 GAB K . -2.98 -12.43 -1.03
C3 GAB K . -2.40 -12.98 -2.20
C4 GAB K . -3.10 -13.98 -2.90
C5 GAB K . -4.32 -14.41 -2.44
C6 GAB K . -4.90 -13.85 -1.31
N3 GAB K . -1.14 -12.57 -2.72
H2 GAB K . -2.50 -11.75 -0.54
H4 GAB K . -2.72 -14.37 -3.70
H5 GAB K . -4.79 -15.11 -2.92
H6 GAB K . -5.77 -14.16 -1.01
HN31 GAB K . -0.68 -11.96 -2.32
HN32 GAB K . -0.82 -12.94 -3.43
N NO3 L . 2.45 9.61 -22.26
O1 NO3 L . 1.35 10.17 -21.92
O2 NO3 L . 2.57 8.27 -22.79
O3 NO3 L . 3.70 10.30 -22.11
N NO3 M . 12.30 -22.68 -16.41
O1 NO3 M . 11.52 -22.25 -15.58
O2 NO3 M . 12.99 -21.81 -17.33
O3 NO3 M . 12.50 -24.09 -16.42
N1 PLG N . -19.89 3.67 2.73
N1 PLG N . -20.01 3.57 2.76
C2 PLG N . -20.18 2.69 1.83
C2 PLG N . -20.36 2.65 1.82
C2A PLG N . -19.08 1.86 1.26
C2A PLG N . -19.29 1.78 1.24
C3 PLG N . -21.57 2.44 1.41
C3 PLG N . -21.75 2.51 1.35
O3 PLG N . -21.85 1.45 0.52
O3 PLG N . -22.07 1.59 0.42
C4 PLG N . -22.62 3.29 1.99
C4 PLG N . -22.78 3.40 1.95
C4A PLG N . -24.09 3.13 1.67
C4A PLG N . -24.27 3.33 1.57
C5 PLG N . -22.19 4.31 2.94
C5 PLG N . -22.27 4.34 2.95
C6 PLG N . -20.85 4.44 3.26
C6 PLG N . -20.93 4.35 3.31
C5A PLG N . -23.23 5.20 3.59
C5A PLG N . -23.20 5.29 3.67
OP4 PLG N . -23.55 6.33 2.79
OP4 PLG N . -23.55 6.40 2.85
P PLG N . -24.98 7.05 3.06
P PLG N . -24.99 7.10 3.08
OP1 PLG N . -25.98 5.93 2.81
OP1 PLG N . -25.95 5.96 2.81
OP2 PLG N . -24.94 7.51 4.50
OP2 PLG N . -25.02 7.58 4.52
OP3 PLG N . -25.00 8.20 2.05
OP3 PLG N . -24.95 8.25 2.08
C PLG N . -26.85 2.00 1.51
C PLG N . -26.71 0.26 1.09
O PLG N . -27.37 2.75 0.65
O PLG N . -26.78 -0.29 2.24
OXT PLG N . -27.26 1.88 2.71
OXT PLG N . -27.07 -0.34 -0.01
CA PLG N . -25.64 1.22 1.10
CA PLG N . -26.19 1.70 0.96
N PLG N . -24.51 1.75 1.83
N PLG N . -24.77 1.99 1.20
H2A1 PLG N . -19.46 1.21 0.64
H2A1 PLG N . -19.68 1.19 0.58
H2A2 PLG N . -18.63 1.38 1.97
H2A2 PLG N . -18.88 1.26 1.95
H2A3 PLG N . -18.45 2.42 0.79
H2A3 PLG N . -18.61 2.34 0.81
H4A1 PLG N . -24.24 3.41 0.75
H4A1 PLG N . -24.43 3.94 0.84
H4A2 PLG N . -24.62 3.71 2.24
H4A2 PLG N . -24.80 3.65 2.33
H6 PLG N . -20.58 5.11 3.91
H6 PLG N . -20.64 4.98 4.00
H5A1 PLG N . -22.91 5.50 4.45
H5A1 PLG N . -22.79 5.61 4.49
H5A2 PLG N . -24.04 4.69 3.75
H5A2 PLG N . -24.01 4.83 3.94
HA2 PLG N . -25.49 1.30 0.14
HA2 PLG N . -26.71 2.24 1.58
HA1 PLG N . -25.75 0.28 1.29
HA1 PLG N . -26.41 2.01 0.06
H PLG N . -24.08 1.24 2.38
H PLG N . -24.19 1.35 1.12
CL CL O . -48.02 1.13 4.98
C1 GOL P . -9.89 9.68 -5.20
O1 GOL P . -10.11 9.65 -3.78
C2 GOL P . -8.44 9.54 -5.61
O2 GOL P . -7.72 8.82 -4.61
C3 GOL P . -8.27 8.86 -6.97
O3 GOL P . -6.95 8.32 -7.18
H11 GOL P . -10.24 10.52 -5.55
H12 GOL P . -10.41 8.97 -5.61
HO1 GOL P . -9.41 9.41 -3.40
H2 GOL P . -8.08 10.43 -5.70
HO2 GOL P . -7.13 8.34 -4.98
H31 GOL P . -8.46 9.51 -7.67
H32 GOL P . -8.92 8.15 -7.05
HO3 GOL P . -6.62 8.67 -7.87
C1 GOL Q . -3.95 -2.56 9.10
O1 GOL Q . -3.72 -1.14 9.06
C2 GOL Q . -3.05 -3.39 8.19
O2 GOL Q . -1.73 -3.31 8.74
C3 GOL Q . -3.53 -4.85 8.00
O3 GOL Q . -2.57 -5.82 7.50
H11 GOL Q . -4.87 -2.72 8.85
H12 GOL Q . -3.84 -2.87 10.01
HO1 GOL Q . -4.44 -0.74 8.84
H2 GOL Q . -3.06 -3.04 7.29
HO2 GOL Q . -1.29 -3.99 8.52
H31 GOL Q . -4.29 -4.83 7.39
H32 GOL Q . -3.86 -5.17 8.86
HO3 GOL Q . -1.89 -5.80 7.97
N NO3 R . -29.54 16.93 9.84
O1 NO3 R . -29.33 16.30 8.83
O2 NO3 R . -29.46 18.36 9.92
O3 NO3 R . -29.89 16.19 10.95
N NO3 S . -11.66 -11.96 17.77
O1 NO3 S . -11.85 -12.84 16.90
O2 NO3 S . -12.58 -10.87 17.80
O3 NO3 S . -10.55 -11.98 18.73
N1 PLP T . 10.57 17.24 3.41
N1 PLP T . 10.77 17.48 3.18
C2 PLP T . 11.65 16.54 3.70
C2 PLP T . 11.69 16.71 3.76
C2A PLP T . 11.59 15.05 3.55
C2A PLP T . 11.64 15.24 3.54
C3 PLP T . 12.83 17.16 4.12
C3 PLP T . 12.69 17.27 4.55
O3 PLP T . 13.91 16.39 4.40
O3 PLP T . 13.60 16.46 5.13
C4 PLP T . 12.88 18.56 4.22
C4 PLP T . 12.75 18.67 4.73
C4A PLP T . 14.14 19.21 4.65
C4A PLP T . 13.77 19.20 5.65
O4A PLP T . 15.22 18.65 4.79
C5 PLP T . 11.72 19.28 3.90
C5 PLP T . 11.74 19.43 4.11
C6 PLP T . 10.61 18.58 3.51
C6 PLP T . 10.81 18.80 3.36
C5A PLP T . 11.65 20.76 3.99
C5A PLP T . 11.68 20.92 4.21
O4P PLP T . 11.24 21.14 5.34
O4P PLP T . 11.19 21.32 5.53
P PLP T . 11.61 22.62 5.70
P PLP T . 11.62 22.80 5.80
O1P PLP T . 13.14 22.61 5.83
O1P PLP T . 13.15 22.76 5.90
O2P PLP T . 11.10 23.49 4.54
O2P PLP T . 11.11 23.63 4.60
O3P PLP T . 10.89 22.85 7.01
O3P PLP T . 10.93 23.13 7.09
H2A1 PLP T . 12.45 14.66 3.79
H2A1 PLP T . 12.36 14.82 4.03
H2A2 PLP T . 11.40 14.83 2.63
H2A2 PLP T . 11.73 15.05 2.59
H2A3 PLP T . 10.90 14.70 4.13
H2A3 PLP T . 10.79 14.90 3.86
H4A PLP T . 14.10 20.16 4.83
H6 PLP T . 9.81 19.09 3.29
H6 PLP T . 10.13 19.34 2.92
H5A1 PLP T . 11.02 21.11 3.34
H5A1 PLP T . 11.08 21.27 3.52
H5A2 PLP T . 12.51 21.16 3.78
H5A2 PLP T . 12.55 21.31 4.05
C1 GOL U . 0.24 7.30 11.89
O1 GOL U . 0.55 5.95 11.50
C2 GOL U . 0.73 8.33 10.89
O2 GOL U . -0.11 8.34 9.74
C3 GOL U . 0.78 9.73 11.46
O3 GOL U . 1.02 10.72 10.47
H11 GOL U . 0.63 7.48 12.75
H12 GOL U . -0.72 7.38 11.99
HO1 GOL U . -0.10 5.63 11.07
H2 GOL U . 1.63 8.08 10.65
HO2 GOL U . -0.14 9.12 9.41
H31 GOL U . 1.47 9.78 12.15
H32 GOL U . -0.06 9.92 11.91
HO3 GOL U . 1.85 10.85 10.39
C1 GOL V . 16.90 0.38 -6.17
O1 GOL V . 16.09 -0.79 -6.39
C2 GOL V . 16.41 1.61 -6.93
O2 GOL V . 15.07 1.99 -6.57
C3 GOL V . 17.37 2.79 -6.74
O3 GOL V . 17.58 3.57 -7.91
H11 GOL V . 17.81 0.18 -6.43
H12 GOL V . 16.91 0.58 -5.22
HO1 GOL V . 16.40 -1.43 -5.95
H2 GOL V . 16.40 1.38 -7.87
HO2 GOL V . 14.69 2.36 -7.21
H31 GOL V . 18.23 2.45 -6.43
H32 GOL V . 17.04 3.36 -6.03
HO3 GOL V . 17.42 4.38 -7.74
N NO3 W . 12.77 9.42 -18.51
O1 NO3 W . 11.89 9.14 -19.33
O2 NO3 W . 12.72 10.70 -17.91
O3 NO3 W . 13.77 8.47 -18.17
#